data_1LMJ
#
_entry.id   1LMJ
#
loop_
_entity.id
_entity.type
_entity.pdbx_description
1 polymer 'fibrillin 1'
2 non-polymer 'CALCIUM ION'
#
_entity_poly.entity_id   1
_entity_poly.type   'polypeptide(L)'
_entity_poly.pdbx_seq_one_letter_code
;TDIDECRISPDLCGRGQCVNTPGDFECKCDEGYESGFMMMKNCMDIDECQRDPLLCRGGVCHNTEGSYRCECPPGHQLSP
NISACI
;
_entity_poly.pdbx_strand_id   A
#
# COMPACT_ATOMS: atom_id res chain seq x y z
N THR A 1 -2.21 -30.36 -6.46
CA THR A 1 -2.50 -29.00 -6.06
C THR A 1 -1.23 -28.19 -5.85
N ASP A 2 -1.32 -27.14 -5.05
CA ASP A 2 -0.18 -26.29 -4.75
C ASP A 2 0.67 -26.09 -6.00
N ILE A 3 0.14 -25.36 -6.97
CA ILE A 3 0.84 -25.09 -8.22
C ILE A 3 1.66 -23.81 -8.11
N ASP A 4 2.37 -23.47 -9.17
CA ASP A 4 3.19 -22.25 -9.19
C ASP A 4 2.36 -21.04 -9.58
N GLU A 5 1.84 -20.34 -8.57
CA GLU A 5 1.03 -19.16 -8.80
C GLU A 5 1.92 -17.97 -9.17
N CYS A 6 3.20 -18.08 -8.84
CA CYS A 6 4.15 -17.03 -9.14
C CYS A 6 4.65 -17.17 -10.57
N ARG A 7 4.61 -18.39 -11.10
CA ARG A 7 5.05 -18.66 -12.46
C ARG A 7 4.04 -18.08 -13.45
N ILE A 8 2.80 -17.94 -13.01
CA ILE A 8 1.75 -17.40 -13.85
C ILE A 8 2.23 -16.14 -14.58
N SER A 9 2.99 -15.33 -13.87
CA SER A 9 3.52 -14.10 -14.44
C SER A 9 4.63 -13.52 -13.56
N PRO A 10 5.51 -12.71 -14.15
CA PRO A 10 6.63 -12.08 -13.44
C PRO A 10 6.21 -10.77 -12.80
N ASP A 11 5.11 -10.20 -13.30
CA ASP A 11 4.59 -8.94 -12.78
C ASP A 11 3.31 -9.17 -12.00
N LEU A 12 3.11 -10.41 -11.55
CA LEU A 12 1.92 -10.76 -10.79
C LEU A 12 1.56 -9.69 -9.77
N CYS A 13 2.57 -9.23 -9.03
CA CYS A 13 2.37 -8.19 -8.03
C CYS A 13 2.51 -6.80 -8.62
N GLY A 14 2.70 -6.73 -9.93
CA GLY A 14 2.83 -5.45 -10.60
C GLY A 14 3.98 -4.63 -10.06
N ARG A 15 4.84 -5.25 -9.27
CA ARG A 15 5.99 -4.56 -8.68
C ARG A 15 6.71 -5.46 -7.68
N GLY A 16 5.95 -6.03 -6.76
CA GLY A 16 6.53 -6.90 -5.75
C GLY A 16 7.03 -8.22 -6.32
N GLN A 17 6.87 -9.28 -5.53
CA GLN A 17 7.30 -10.61 -5.94
C GLN A 17 6.26 -11.67 -5.58
N CYS A 18 5.83 -12.43 -6.58
CA CYS A 18 4.83 -13.47 -6.36
C CYS A 18 5.40 -14.63 -5.54
N VAL A 19 4.66 -15.03 -4.52
CA VAL A 19 5.07 -16.13 -3.65
C VAL A 19 4.20 -17.36 -3.91
N ASN A 20 4.67 -18.52 -3.44
CA ASN A 20 3.93 -19.76 -3.63
C ASN A 20 3.39 -20.29 -2.29
N THR A 21 2.19 -20.86 -2.33
CA THR A 21 1.57 -21.41 -1.13
C THR A 21 0.63 -22.55 -1.47
N PRO A 22 0.39 -23.47 -0.51
CA PRO A 22 -0.50 -24.61 -0.71
C PRO A 22 -1.90 -24.18 -1.12
N GLY A 23 -2.32 -24.56 -2.32
CA GLY A 23 -3.64 -24.19 -2.79
C GLY A 23 -3.87 -22.69 -2.69
N ASP A 24 -2.87 -21.92 -3.07
CA ASP A 24 -2.96 -20.47 -3.01
C ASP A 24 -1.58 -19.84 -3.19
N PHE A 25 -1.53 -18.51 -3.13
CA PHE A 25 -0.26 -17.80 -3.30
C PHE A 25 -0.33 -16.40 -2.70
N GLU A 26 0.82 -15.71 -2.73
CA GLU A 26 0.91 -14.36 -2.21
C GLU A 26 1.87 -13.52 -3.04
N CYS A 27 2.16 -12.31 -2.58
CA CYS A 27 3.07 -11.43 -3.30
C CYS A 27 3.85 -10.54 -2.34
N LYS A 28 4.98 -10.03 -2.82
CA LYS A 28 5.84 -9.16 -2.02
C LYS A 28 5.94 -7.78 -2.68
N CYS A 29 4.87 -7.01 -2.56
CA CYS A 29 4.81 -5.68 -3.17
C CYS A 29 6.08 -4.87 -2.88
N ASP A 30 6.12 -3.65 -3.39
CA ASP A 30 7.27 -2.77 -3.20
C ASP A 30 6.96 -1.66 -2.19
N GLU A 31 7.47 -0.46 -2.48
CA GLU A 31 7.28 0.70 -1.59
C GLU A 31 6.04 0.56 -0.71
N GLY A 32 4.91 1.07 -1.19
CA GLY A 32 3.68 0.98 -0.42
C GLY A 32 2.56 0.32 -1.18
N TYR A 33 2.90 -0.49 -2.17
CA TYR A 33 1.91 -1.18 -2.97
C TYR A 33 1.30 -2.34 -2.21
N GLU A 34 -0.03 -2.40 -2.21
CA GLU A 34 -0.76 -3.46 -1.52
C GLU A 34 -1.40 -4.41 -2.53
N SER A 35 -1.19 -5.70 -2.36
CA SER A 35 -1.75 -6.72 -3.24
C SER A 35 -3.13 -6.27 -3.76
N GLY A 36 -3.21 -6.04 -5.07
CA GLY A 36 -4.46 -5.63 -5.67
C GLY A 36 -5.44 -6.77 -5.80
N PHE A 37 -5.71 -7.42 -4.69
CA PHE A 37 -6.63 -8.56 -4.65
C PHE A 37 -8.00 -8.17 -5.19
N MET A 38 -8.33 -6.87 -5.09
CA MET A 38 -9.62 -6.38 -5.58
C MET A 38 -9.68 -6.49 -7.10
N MET A 39 -8.51 -6.62 -7.72
CA MET A 39 -8.41 -6.74 -9.16
C MET A 39 -7.77 -8.07 -9.54
N MET A 40 -6.86 -8.54 -8.70
CA MET A 40 -6.16 -9.80 -8.93
C MET A 40 -5.15 -10.06 -7.82
N LYS A 41 -3.99 -9.43 -7.91
CA LYS A 41 -2.95 -9.59 -6.91
C LYS A 41 -1.70 -8.80 -7.28
N ASN A 42 -1.91 -7.66 -7.93
CA ASN A 42 -0.80 -6.81 -8.34
C ASN A 42 -0.38 -5.88 -7.21
N CYS A 43 0.27 -4.78 -7.55
CA CYS A 43 0.71 -3.81 -6.56
C CYS A 43 -0.15 -2.56 -6.64
N MET A 44 -0.88 -2.28 -5.56
CA MET A 44 -1.76 -1.12 -5.52
C MET A 44 -1.65 -0.38 -4.20
N ASP A 45 -0.81 0.67 -4.20
CA ASP A 45 -0.57 1.52 -3.03
C ASP A 45 -1.55 1.25 -1.89
N ILE A 46 -0.99 1.08 -0.70
CA ILE A 46 -1.77 0.82 0.51
C ILE A 46 -2.55 2.07 0.94
N ASP A 47 -3.19 1.98 2.09
CA ASP A 47 -3.96 3.09 2.63
C ASP A 47 -3.15 3.84 3.68
N GLU A 48 -2.16 4.61 3.23
CA GLU A 48 -1.31 5.37 4.13
C GLU A 48 -2.13 6.13 5.15
N CYS A 49 -3.39 6.40 4.81
CA CYS A 49 -4.29 7.12 5.70
C CYS A 49 -4.78 6.23 6.82
N GLN A 50 -4.48 4.94 6.72
CA GLN A 50 -4.88 3.96 7.72
C GLN A 50 -3.67 3.33 8.37
N ARG A 51 -2.54 3.34 7.67
CA ARG A 51 -1.31 2.77 8.18
C ARG A 51 -0.88 3.44 9.48
N ASP A 52 -1.27 4.70 9.64
CA ASP A 52 -0.91 5.45 10.84
C ASP A 52 -2.15 6.10 11.47
N PRO A 53 -2.25 6.05 12.80
CA PRO A 53 -3.37 6.64 13.54
C PRO A 53 -3.19 8.13 13.75
N LEU A 54 -2.02 8.64 13.38
CA LEU A 54 -1.72 10.06 13.52
C LEU A 54 -1.61 10.71 12.15
N LEU A 55 -1.44 9.89 11.13
CA LEU A 55 -1.33 10.36 9.76
C LEU A 55 -2.42 11.39 9.45
N CYS A 56 -1.99 12.61 9.12
CA CYS A 56 -2.94 13.66 8.81
C CYS A 56 -4.08 13.67 9.82
N ARG A 57 -3.78 13.19 11.02
CA ARG A 57 -4.77 13.13 12.09
C ARG A 57 -5.44 14.48 12.28
N GLY A 58 -4.69 15.55 12.02
CA GLY A 58 -5.24 16.89 12.17
C GLY A 58 -5.11 17.69 10.89
N GLY A 59 -5.05 16.99 9.76
CA GLY A 59 -4.94 17.65 8.48
C GLY A 59 -5.68 16.93 7.37
N VAL A 60 -4.97 16.61 6.29
CA VAL A 60 -5.57 15.92 5.16
C VAL A 60 -4.61 14.86 4.62
N CYS A 61 -5.14 13.68 4.34
CA CYS A 61 -4.33 12.59 3.83
C CYS A 61 -4.65 12.31 2.37
N HIS A 62 -3.85 12.87 1.47
CA HIS A 62 -4.03 12.67 0.04
C HIS A 62 -3.27 11.44 -0.42
N ASN A 63 -3.67 10.28 0.10
CA ASN A 63 -3.04 9.02 -0.24
C ASN A 63 -2.83 8.90 -1.75
N THR A 64 -1.58 8.71 -2.15
CA THR A 64 -1.23 8.59 -3.56
C THR A 64 -0.59 7.23 -3.85
N GLU A 65 0.03 7.12 -5.03
CA GLU A 65 0.70 5.88 -5.42
C GLU A 65 2.00 5.68 -4.65
N GLY A 66 2.26 4.45 -4.25
CA GLY A 66 3.48 4.15 -3.52
C GLY A 66 3.88 5.26 -2.57
N SER A 67 2.90 5.91 -1.97
CA SER A 67 3.15 7.01 -1.04
C SER A 67 1.86 7.74 -0.69
N TYR A 68 1.99 8.78 0.13
CA TYR A 68 0.83 9.55 0.55
C TYR A 68 1.24 10.98 0.91
N ARG A 69 0.33 11.93 0.67
CA ARG A 69 0.60 13.33 0.96
C ARG A 69 -0.22 13.81 2.14
N CYS A 70 0.42 14.54 3.04
CA CYS A 70 -0.26 15.08 4.21
C CYS A 70 -0.36 16.60 4.11
N GLU A 71 -1.56 17.12 4.36
CA GLU A 71 -1.80 18.55 4.27
C GLU A 71 -2.53 19.07 5.50
N CYS A 72 -1.98 20.10 6.12
CA CYS A 72 -2.57 20.68 7.33
C CYS A 72 -3.78 21.58 7.00
N PRO A 73 -3.79 22.26 5.83
CA PRO A 73 -2.72 22.19 4.82
C PRO A 73 -1.45 22.90 5.26
N PRO A 74 -0.49 23.09 4.33
CA PRO A 74 0.77 23.77 4.62
C PRO A 74 0.59 25.02 5.46
N GLY A 75 1.71 25.68 5.77
CA GLY A 75 1.65 26.88 6.59
C GLY A 75 1.78 26.53 8.06
N HIS A 76 1.53 25.26 8.37
CA HIS A 76 1.63 24.77 9.74
C HIS A 76 2.92 23.96 9.90
N GLN A 77 2.83 22.74 10.42
CA GLN A 77 4.01 21.90 10.59
C GLN A 77 3.65 20.44 10.48
N LEU A 78 3.11 20.06 9.33
CA LEU A 78 2.69 18.68 9.09
C LEU A 78 3.84 17.83 8.58
N SER A 79 4.03 16.69 9.22
CA SER A 79 5.09 15.76 8.85
C SER A 79 4.93 15.31 7.41
N PRO A 80 6.01 15.33 6.62
CA PRO A 80 5.99 14.92 5.21
C PRO A 80 5.46 13.50 5.04
N ASN A 81 5.99 12.59 5.84
CA ASN A 81 5.59 11.19 5.79
C ASN A 81 5.66 10.56 7.17
N ILE A 82 5.64 11.39 8.19
CA ILE A 82 5.70 10.92 9.57
C ILE A 82 4.30 10.67 10.13
N SER A 83 3.31 11.36 9.54
CA SER A 83 1.93 11.20 9.95
C SER A 83 1.64 11.93 11.27
N ALA A 84 1.20 13.19 11.18
CA ALA A 84 0.87 14.00 12.35
C ALA A 84 1.10 15.49 12.11
N CYS A 85 0.02 16.23 11.90
CA CYS A 85 0.10 17.67 11.68
C CYS A 85 0.67 18.36 12.91
N ILE A 86 1.41 19.45 12.70
CA ILE A 86 2.00 20.19 13.82
C ILE A 86 2.16 21.66 13.49
N THR A 1 -1.70 -29.88 -0.30
CA THR A 1 -1.94 -29.47 -1.69
C THR A 1 -1.55 -28.02 -1.92
N ASP A 2 -0.26 -27.78 -2.04
CA ASP A 2 0.26 -26.44 -2.26
C ASP A 2 0.35 -26.12 -3.76
N ILE A 3 -0.37 -25.09 -4.18
CA ILE A 3 -0.37 -24.67 -5.58
C ILE A 3 0.73 -23.65 -5.82
N ASP A 4 0.99 -23.35 -7.08
CA ASP A 4 2.01 -22.36 -7.43
C ASP A 4 1.48 -20.96 -7.15
N GLU A 5 0.28 -20.69 -7.64
CA GLU A 5 -0.36 -19.40 -7.44
C GLU A 5 0.37 -18.29 -8.21
N CYS A 6 1.67 -18.17 -8.01
CA CYS A 6 2.45 -17.13 -8.68
C CYS A 6 2.45 -17.36 -10.20
N ARG A 7 2.49 -18.62 -10.60
CA ARG A 7 2.48 -18.97 -12.02
C ARG A 7 1.14 -18.60 -12.65
N ILE A 8 0.10 -18.56 -11.83
CA ILE A 8 -1.22 -18.20 -12.31
C ILE A 8 -1.15 -17.08 -13.33
N SER A 9 -0.24 -16.14 -13.07
CA SER A 9 -0.04 -15.00 -13.95
C SER A 9 1.26 -14.29 -13.62
N PRO A 10 1.87 -13.64 -14.62
CA PRO A 10 3.13 -12.91 -14.44
C PRO A 10 2.88 -11.52 -13.86
N ASP A 11 1.64 -11.06 -13.95
CA ASP A 11 1.26 -9.77 -13.42
C ASP A 11 0.30 -9.93 -12.25
N LEU A 12 0.33 -11.11 -11.65
CA LEU A 12 -0.52 -11.41 -10.50
C LEU A 12 -0.68 -10.19 -9.59
N CYS A 13 0.43 -9.74 -9.03
CA CYS A 13 0.43 -8.59 -8.13
C CYS A 13 0.21 -7.29 -8.90
N GLY A 14 0.14 -7.38 -10.22
CA GLY A 14 -0.06 -6.20 -11.04
C GLY A 14 1.08 -5.21 -10.89
N ARG A 15 2.16 -5.63 -10.25
CA ARG A 15 3.31 -4.75 -10.05
C ARG A 15 4.39 -5.48 -9.25
N GLY A 16 4.01 -6.06 -8.12
CA GLY A 16 4.96 -6.77 -7.29
C GLY A 16 5.36 -8.11 -7.87
N GLN A 17 5.70 -9.05 -7.00
CA GLN A 17 6.11 -10.39 -7.43
C GLN A 17 5.39 -11.47 -6.62
N CYS A 18 4.48 -12.18 -7.27
CA CYS A 18 3.74 -13.25 -6.61
C CYS A 18 4.67 -14.22 -5.90
N VAL A 19 4.36 -14.52 -4.64
CA VAL A 19 5.16 -15.45 -3.85
C VAL A 19 4.42 -16.77 -3.68
N ASN A 20 5.13 -17.80 -3.22
CA ASN A 20 4.51 -19.10 -3.02
C ASN A 20 4.45 -19.47 -1.54
N THR A 21 3.34 -20.08 -1.14
CA THR A 21 3.14 -20.49 0.26
C THR A 21 2.31 -21.77 0.35
N PRO A 22 2.58 -22.59 1.37
CA PRO A 22 1.86 -23.85 1.58
C PRO A 22 0.35 -23.67 1.45
N GLY A 23 -0.23 -24.34 0.46
CA GLY A 23 -1.66 -24.23 0.24
C GLY A 23 -2.13 -22.80 0.22
N ASP A 24 -1.39 -21.96 -0.51
CA ASP A 24 -1.72 -20.55 -0.62
C ASP A 24 -0.59 -19.78 -1.29
N PHE A 25 -0.64 -18.47 -1.22
CA PHE A 25 0.40 -17.64 -1.82
C PHE A 25 0.27 -16.17 -1.40
N GLU A 26 1.22 -15.35 -1.84
CA GLU A 26 1.21 -13.94 -1.52
C GLU A 26 1.76 -13.13 -2.70
N CYS A 27 2.46 -12.04 -2.41
CA CYS A 27 3.02 -11.19 -3.45
C CYS A 27 4.10 -10.27 -2.89
N LYS A 28 5.01 -9.86 -3.77
CA LYS A 28 6.10 -8.97 -3.39
C LYS A 28 5.85 -7.56 -3.92
N CYS A 29 4.83 -6.91 -3.39
CA CYS A 29 4.47 -5.57 -3.81
C CYS A 29 5.70 -4.67 -3.95
N ASP A 30 5.48 -3.44 -4.41
CA ASP A 30 6.55 -2.48 -4.59
C ASP A 30 7.05 -1.95 -3.26
N GLU A 31 6.49 -0.82 -2.82
CA GLU A 31 6.89 -0.21 -1.56
C GLU A 31 5.69 0.39 -0.82
N GLY A 32 4.79 1.01 -1.56
CA GLY A 32 3.62 1.60 -0.96
C GLY A 32 2.34 1.04 -1.54
N TYR A 33 2.47 -0.07 -2.25
CA TYR A 33 1.32 -0.73 -2.87
C TYR A 33 0.77 -1.82 -1.96
N GLU A 34 -0.47 -2.23 -2.21
CA GLU A 34 -1.11 -3.27 -1.41
C GLU A 34 -1.46 -4.47 -2.28
N SER A 35 -1.09 -5.66 -1.80
CA SER A 35 -1.37 -6.89 -2.53
C SER A 35 -2.72 -7.46 -2.11
N GLY A 36 -3.73 -7.27 -2.96
CA GLY A 36 -5.06 -7.76 -2.66
C GLY A 36 -5.97 -6.69 -2.10
N PHE A 37 -6.26 -5.67 -2.92
CA PHE A 37 -7.13 -4.58 -2.50
C PHE A 37 -8.59 -4.97 -2.70
N MET A 38 -8.82 -6.06 -3.39
CA MET A 38 -10.17 -6.55 -3.65
C MET A 38 -10.11 -7.78 -4.56
N MET A 39 -9.12 -7.81 -5.43
CA MET A 39 -8.92 -8.93 -6.35
C MET A 39 -8.18 -10.06 -5.64
N MET A 40 -7.49 -9.69 -4.56
CA MET A 40 -6.70 -10.63 -3.75
C MET A 40 -5.21 -10.46 -4.02
N LYS A 41 -4.89 -9.87 -5.18
CA LYS A 41 -3.51 -9.65 -5.56
C LYS A 41 -3.43 -8.78 -6.81
N ASN A 42 -3.17 -7.49 -6.62
CA ASN A 42 -3.06 -6.56 -7.73
C ASN A 42 -2.27 -5.32 -7.34
N CYS A 43 -1.28 -5.52 -6.47
CA CYS A 43 -0.40 -4.44 -5.98
C CYS A 43 -0.90 -3.06 -6.40
N MET A 44 -1.44 -2.31 -5.44
CA MET A 44 -1.95 -0.97 -5.73
C MET A 44 -1.86 -0.06 -4.51
N ASP A 45 -0.96 0.94 -4.60
CA ASP A 45 -0.72 1.92 -3.54
C ASP A 45 -1.66 1.72 -2.35
N ILE A 46 -1.11 1.19 -1.26
CA ILE A 46 -1.88 0.95 -0.06
C ILE A 46 -2.65 2.19 0.37
N ASP A 47 -3.47 2.03 1.41
CA ASP A 47 -4.27 3.14 1.93
C ASP A 47 -3.53 3.84 3.07
N GLU A 48 -2.52 4.62 2.74
CA GLU A 48 -1.75 5.34 3.74
C GLU A 48 -2.67 6.13 4.66
N CYS A 49 -3.87 6.41 4.19
CA CYS A 49 -4.86 7.15 4.98
C CYS A 49 -5.48 6.24 6.03
N GLN A 50 -5.20 4.95 5.93
CA GLN A 50 -5.75 3.98 6.87
C GLN A 50 -4.63 3.27 7.62
N ARG A 51 -3.44 3.25 7.02
CA ARG A 51 -2.29 2.60 7.63
C ARG A 51 -1.99 3.19 9.01
N ASP A 52 -2.32 4.46 9.18
CA ASP A 52 -2.09 5.15 10.45
C ASP A 52 -3.39 5.76 10.98
N PRO A 53 -3.63 5.63 12.29
CA PRO A 53 -4.82 6.16 12.95
C PRO A 53 -4.69 7.65 13.22
N LEU A 54 -3.49 8.18 13.01
CA LEU A 54 -3.21 9.60 13.24
C LEU A 54 -2.78 10.27 11.94
N LEU A 55 -2.65 9.48 10.88
CA LEU A 55 -2.25 9.99 9.58
C LEU A 55 -3.14 11.16 9.15
N CYS A 56 -2.52 12.30 8.91
CA CYS A 56 -3.26 13.49 8.50
C CYS A 56 -4.45 13.72 9.41
N ARG A 57 -4.35 13.21 10.64
CA ARG A 57 -5.40 13.37 11.63
C ARG A 57 -5.57 14.83 12.02
N GLY A 58 -5.92 15.65 11.03
CA GLY A 58 -6.10 17.07 11.27
C GLY A 58 -5.77 17.89 10.04
N GLY A 59 -5.06 17.27 9.10
CA GLY A 59 -4.70 17.96 7.87
C GLY A 59 -5.39 17.36 6.66
N VAL A 60 -4.60 16.96 5.67
CA VAL A 60 -5.13 16.37 4.45
C VAL A 60 -4.34 15.14 4.03
N CYS A 61 -5.03 14.06 3.71
CA CYS A 61 -4.38 12.82 3.31
C CYS A 61 -4.50 12.61 1.80
N HIS A 62 -3.47 13.04 1.07
CA HIS A 62 -3.45 12.90 -0.38
C HIS A 62 -2.81 11.57 -0.78
N ASN A 63 -3.40 10.47 -0.33
CA ASN A 63 -2.89 9.14 -0.65
C ASN A 63 -2.61 9.03 -2.14
N THR A 64 -1.32 8.97 -2.49
CA THR A 64 -0.91 8.85 -3.89
C THR A 64 -0.36 7.47 -4.18
N GLU A 65 0.01 7.24 -5.44
CA GLU A 65 0.55 5.96 -5.85
C GLU A 65 1.96 5.75 -5.31
N GLY A 66 2.15 4.68 -4.55
CA GLY A 66 3.45 4.38 -3.98
C GLY A 66 3.87 5.39 -2.93
N SER A 67 2.90 5.92 -2.20
CA SER A 67 3.18 6.89 -1.15
C SER A 67 1.93 7.71 -0.84
N TYR A 68 2.06 8.63 0.13
CA TYR A 68 0.94 9.48 0.52
C TYR A 68 1.43 10.85 0.95
N ARG A 69 0.68 11.89 0.62
CA ARG A 69 1.07 13.25 0.96
C ARG A 69 0.17 13.83 2.04
N CYS A 70 0.76 14.14 3.19
CA CYS A 70 0.02 14.73 4.30
C CYS A 70 0.15 16.25 4.26
N GLU A 71 -0.98 16.94 4.30
CA GLU A 71 -0.98 18.41 4.24
C GLU A 71 -1.78 19.02 5.39
N CYS A 72 -1.12 19.88 6.16
CA CYS A 72 -1.77 20.55 7.28
C CYS A 72 -2.67 21.71 6.83
N PRO A 73 -2.31 22.40 5.72
CA PRO A 73 -1.12 22.10 4.91
C PRO A 73 0.18 22.32 5.67
N PRO A 74 1.31 21.90 5.08
CA PRO A 74 2.63 22.06 5.68
C PRO A 74 2.77 23.35 6.47
N GLY A 75 2.03 24.38 6.08
CA GLY A 75 2.09 25.65 6.78
C GLY A 75 2.28 25.44 8.27
N HIS A 76 1.74 24.34 8.76
CA HIS A 76 1.84 23.99 10.17
C HIS A 76 3.07 23.09 10.39
N GLN A 77 2.90 21.95 11.06
CA GLN A 77 4.01 21.04 11.30
C GLN A 77 3.54 19.61 11.13
N LEU A 78 3.18 19.26 9.90
CA LEU A 78 2.69 17.92 9.59
C LEU A 78 3.83 16.98 9.23
N SER A 79 4.33 16.27 10.22
CA SER A 79 5.43 15.34 10.00
C SER A 79 5.20 14.53 8.73
N PRO A 80 6.26 14.33 7.93
CA PRO A 80 6.18 13.60 6.66
C PRO A 80 6.17 12.09 6.83
N ASN A 81 5.02 11.48 6.51
CA ASN A 81 4.86 10.02 6.59
C ASN A 81 4.77 9.54 8.03
N ILE A 82 4.88 10.46 8.99
CA ILE A 82 4.79 10.09 10.40
C ILE A 82 3.33 9.96 10.81
N SER A 83 2.45 10.55 10.01
CA SER A 83 1.01 10.49 10.26
C SER A 83 0.62 11.24 11.54
N ALA A 84 0.43 12.55 11.44
CA ALA A 84 0.05 13.36 12.59
C ALA A 84 0.42 14.83 12.42
N CYS A 85 -0.55 15.65 12.00
CA CYS A 85 -0.32 17.08 11.83
C CYS A 85 0.13 17.71 13.15
N ILE A 86 0.93 18.77 13.07
CA ILE A 86 1.41 19.43 14.27
C ILE A 86 1.70 20.90 14.01
N THR A 1 -0.97 -27.90 2.68
CA THR A 1 -0.60 -27.59 1.31
C THR A 1 0.43 -26.47 1.26
N ASP A 2 1.07 -26.31 0.12
CA ASP A 2 2.09 -25.28 -0.06
C ASP A 2 2.62 -25.27 -1.49
N ILE A 3 1.76 -24.92 -2.44
CA ILE A 3 2.14 -24.88 -3.85
C ILE A 3 2.68 -23.50 -4.23
N ASP A 4 3.15 -23.38 -5.46
CA ASP A 4 3.70 -22.10 -5.93
C ASP A 4 2.59 -21.22 -6.49
N GLU A 5 2.17 -20.24 -5.69
CA GLU A 5 1.13 -19.32 -6.11
C GLU A 5 1.72 -18.22 -6.98
N CYS A 6 3.02 -17.98 -6.80
CA CYS A 6 3.72 -16.95 -7.57
C CYS A 6 3.89 -17.38 -9.02
N ARG A 7 4.22 -18.65 -9.23
CA ARG A 7 4.40 -19.18 -10.57
C ARG A 7 3.13 -18.99 -11.39
N ILE A 8 1.98 -19.07 -10.71
CA ILE A 8 0.70 -18.90 -11.38
C ILE A 8 0.77 -17.75 -12.37
N SER A 9 1.47 -16.69 -12.00
CA SER A 9 1.62 -15.52 -12.86
C SER A 9 2.75 -14.63 -12.35
N PRO A 10 3.46 -13.95 -13.26
CA PRO A 10 4.56 -13.06 -12.93
C PRO A 10 4.06 -11.68 -12.51
N ASP A 11 2.81 -11.40 -12.84
CA ASP A 11 2.21 -10.11 -12.52
C ASP A 11 1.12 -10.30 -11.46
N LEU A 12 1.15 -11.45 -10.79
CA LEU A 12 0.18 -11.74 -9.75
C LEU A 12 -0.03 -10.54 -8.83
N CYS A 13 1.07 -9.90 -8.46
CA CYS A 13 1.05 -8.75 -7.59
C CYS A 13 0.55 -7.51 -8.33
N GLY A 14 0.52 -7.60 -9.65
CA GLY A 14 0.08 -6.48 -10.45
C GLY A 14 1.04 -5.30 -10.36
N ARG A 15 2.17 -5.51 -9.70
CA ARG A 15 3.18 -4.47 -9.54
C ARG A 15 4.31 -4.93 -8.61
N GLY A 16 3.97 -5.80 -7.67
CA GLY A 16 4.97 -6.29 -6.73
C GLY A 16 5.59 -7.60 -7.16
N GLN A 17 6.01 -8.40 -6.18
CA GLN A 17 6.64 -9.69 -6.45
C GLN A 17 5.95 -10.80 -5.68
N CYS A 18 5.34 -11.74 -6.40
CA CYS A 18 4.62 -12.85 -5.78
C CYS A 18 5.53 -13.67 -4.87
N VAL A 19 5.05 -13.96 -3.67
CA VAL A 19 5.80 -14.74 -2.70
C VAL A 19 5.07 -16.04 -2.40
N ASN A 20 5.77 -17.00 -1.79
CA ASN A 20 5.17 -18.28 -1.45
C ASN A 20 4.93 -18.42 0.05
N THR A 21 3.87 -19.14 0.40
CA THR A 21 3.51 -19.36 1.80
C THR A 21 2.71 -20.64 1.96
N PRO A 22 2.78 -21.25 3.16
CA PRO A 22 2.05 -22.50 3.45
C PRO A 22 0.56 -22.36 3.16
N GLY A 23 0.07 -23.16 2.22
CA GLY A 23 -1.34 -23.10 1.88
C GLY A 23 -1.80 -21.69 1.62
N ASP A 24 -0.99 -20.95 0.88
CA ASP A 24 -1.30 -19.56 0.54
C ASP A 24 -0.08 -18.86 -0.04
N PHE A 25 -0.20 -17.56 -0.27
CA PHE A 25 0.90 -16.80 -0.84
C PHE A 25 0.78 -15.31 -0.50
N GLU A 26 1.87 -14.58 -0.72
CA GLU A 26 1.89 -13.15 -0.46
C GLU A 26 2.46 -12.42 -1.67
N CYS A 27 2.72 -11.12 -1.52
CA CYS A 27 3.24 -10.33 -2.62
C CYS A 27 4.20 -9.24 -2.13
N LYS A 28 4.90 -8.63 -3.08
CA LYS A 28 5.84 -7.57 -2.78
C LYS A 28 5.56 -6.35 -3.64
N CYS A 29 4.40 -5.75 -3.43
CA CYS A 29 3.99 -4.57 -4.19
C CYS A 29 5.15 -3.63 -4.45
N ASP A 30 4.96 -2.70 -5.37
CA ASP A 30 6.00 -1.74 -5.73
C ASP A 30 6.50 -0.99 -4.50
N GLU A 31 5.96 0.21 -4.28
CA GLU A 31 6.37 1.04 -3.16
C GLU A 31 5.18 1.71 -2.47
N GLY A 32 3.99 1.43 -2.97
CA GLY A 32 2.79 2.02 -2.40
C GLY A 32 1.53 1.46 -3.00
N TYR A 33 1.61 0.25 -3.57
CA TYR A 33 0.48 -0.40 -4.18
C TYR A 33 -0.12 -1.44 -3.23
N GLU A 34 -1.44 -1.51 -3.18
CA GLU A 34 -2.13 -2.45 -2.29
C GLU A 34 -2.36 -3.79 -2.99
N SER A 35 -1.81 -4.84 -2.41
CA SER A 35 -1.96 -6.18 -2.96
C SER A 35 -3.23 -6.84 -2.41
N GLY A 36 -4.29 -6.80 -3.21
CA GLY A 36 -5.54 -7.38 -2.80
C GLY A 36 -6.64 -6.34 -2.67
N PHE A 37 -7.28 -6.04 -3.79
CA PHE A 37 -8.35 -5.04 -3.80
C PHE A 37 -9.57 -5.57 -4.54
N MET A 38 -9.32 -6.18 -5.70
CA MET A 38 -10.38 -6.75 -6.50
C MET A 38 -10.33 -8.27 -6.42
N MET A 39 -9.44 -8.78 -5.57
CA MET A 39 -9.29 -10.22 -5.40
C MET A 39 -8.35 -10.80 -6.45
N MET A 40 -7.32 -10.04 -6.79
CA MET A 40 -6.33 -10.46 -7.78
C MET A 40 -4.95 -9.95 -7.41
N LYS A 41 -4.79 -9.52 -6.16
CA LYS A 41 -3.51 -9.02 -5.67
C LYS A 41 -2.77 -8.27 -6.77
N ASN A 42 -3.48 -7.42 -7.50
CA ASN A 42 -2.89 -6.65 -8.59
C ASN A 42 -2.29 -5.34 -8.09
N CYS A 43 -1.74 -5.36 -6.88
CA CYS A 43 -1.12 -4.18 -6.26
C CYS A 43 -1.64 -2.88 -6.87
N MET A 44 -2.53 -2.21 -6.15
CA MET A 44 -3.10 -0.95 -6.62
C MET A 44 -2.93 0.16 -5.57
N ASP A 45 -1.93 1.01 -5.80
CA ASP A 45 -1.61 2.13 -4.90
C ASP A 45 -2.34 2.04 -3.57
N ILE A 46 -1.70 1.36 -2.61
CA ILE A 46 -2.25 1.20 -1.28
C ILE A 46 -3.06 2.41 -0.84
N ASP A 47 -3.98 2.20 0.08
CA ASP A 47 -4.81 3.28 0.59
C ASP A 47 -4.12 3.93 1.79
N GLU A 48 -3.08 4.71 1.52
CA GLU A 48 -2.34 5.38 2.57
C GLU A 48 -3.29 6.11 3.52
N CYS A 49 -4.44 6.52 3.00
CA CYS A 49 -5.44 7.22 3.80
C CYS A 49 -6.07 6.26 4.80
N GLN A 50 -5.78 4.98 4.65
CA GLN A 50 -6.33 3.96 5.52
C GLN A 50 -5.21 3.17 6.20
N ARG A 51 -4.09 3.04 5.52
CA ARG A 51 -2.94 2.32 6.04
C ARG A 51 -2.80 2.53 7.55
N ASP A 52 -2.98 3.77 7.99
CA ASP A 52 -2.86 4.10 9.40
C ASP A 52 -4.16 4.70 9.93
N PRO A 53 -4.40 4.57 11.24
CA PRO A 53 -5.58 5.09 11.90
C PRO A 53 -5.37 6.50 12.45
N LEU A 54 -4.15 7.01 12.27
CA LEU A 54 -3.81 8.35 12.72
C LEU A 54 -3.22 9.16 11.56
N LEU A 55 -3.34 8.61 10.35
CA LEU A 55 -2.82 9.28 9.16
C LEU A 55 -3.45 10.65 9.00
N CYS A 56 -2.59 11.66 8.81
CA CYS A 56 -3.06 13.03 8.66
C CYS A 56 -4.20 13.31 9.61
N ARG A 57 -4.18 12.63 10.76
CA ARG A 57 -5.21 12.80 11.77
C ARG A 57 -5.23 14.24 12.26
N GLY A 58 -5.70 15.15 11.41
CA GLY A 58 -5.77 16.55 11.76
C GLY A 58 -5.32 17.43 10.61
N GLY A 59 -4.84 16.80 9.54
CA GLY A 59 -4.38 17.55 8.37
C GLY A 59 -5.10 17.14 7.11
N VAL A 60 -4.33 16.80 6.07
CA VAL A 60 -4.88 16.39 4.79
C VAL A 60 -4.08 15.24 4.19
N CYS A 61 -4.73 14.09 4.03
CA CYS A 61 -4.08 12.92 3.46
C CYS A 61 -4.27 12.86 1.95
N HIS A 62 -3.24 13.25 1.21
CA HIS A 62 -3.31 13.25 -0.24
C HIS A 62 -2.82 11.92 -0.81
N ASN A 63 -3.50 10.85 -0.45
CA ASN A 63 -3.15 9.52 -0.92
C ASN A 63 -2.82 9.53 -2.42
N THR A 64 -1.56 9.31 -2.74
CA THR A 64 -1.11 9.29 -4.13
C THR A 64 -0.62 7.90 -4.53
N GLU A 65 0.14 7.84 -5.63
CA GLU A 65 0.68 6.58 -6.11
C GLU A 65 2.02 6.27 -5.47
N GLY A 66 2.23 5.00 -5.13
CA GLY A 66 3.47 4.58 -4.52
C GLY A 66 3.79 5.35 -3.24
N SER A 67 2.76 5.95 -2.65
CA SER A 67 2.92 6.72 -1.42
C SER A 67 1.80 7.75 -1.28
N TYR A 68 1.89 8.58 -0.25
CA TYR A 68 0.88 9.61 -0.02
C TYR A 68 1.50 10.89 0.51
N ARG A 69 0.78 12.00 0.36
CA ARG A 69 1.27 13.30 0.81
C ARG A 69 0.40 13.85 1.92
N CYS A 70 0.97 13.93 3.12
CA CYS A 70 0.25 14.45 4.27
C CYS A 70 0.46 15.97 4.39
N GLU A 71 -0.63 16.70 4.57
CA GLU A 71 -0.57 18.15 4.66
C GLU A 71 -1.37 18.68 5.86
N CYS A 72 -0.69 19.38 6.76
CA CYS A 72 -1.32 19.95 7.93
C CYS A 72 -2.14 21.21 7.59
N PRO A 73 -1.70 22.01 6.60
CA PRO A 73 -0.49 21.73 5.79
C PRO A 73 0.79 21.79 6.63
N PRO A 74 1.92 21.38 6.03
CA PRO A 74 3.22 21.39 6.68
C PRO A 74 3.39 22.55 7.66
N GLY A 75 2.70 23.66 7.41
CA GLY A 75 2.79 24.81 8.30
C GLY A 75 2.95 24.39 9.74
N HIS A 76 2.34 23.24 10.07
CA HIS A 76 2.42 22.69 11.42
C HIS A 76 3.64 21.77 11.54
N GLN A 77 3.45 20.53 11.96
CA GLN A 77 4.55 19.59 12.09
C GLN A 77 4.08 18.18 11.73
N LEU A 78 3.62 18.04 10.49
CA LEU A 78 3.13 16.76 10.00
C LEU A 78 4.24 15.95 9.36
N SER A 79 4.79 15.01 10.12
CA SER A 79 5.86 14.16 9.62
C SER A 79 5.47 13.54 8.29
N PRO A 80 6.38 13.50 7.32
CA PRO A 80 6.13 12.95 5.98
C PRO A 80 6.09 11.43 5.96
N ASN A 81 4.92 10.88 5.64
CA ASN A 81 4.72 9.43 5.55
C ASN A 81 4.71 8.76 6.91
N ILE A 82 4.37 9.53 7.95
CA ILE A 82 4.30 8.99 9.31
C ILE A 82 2.85 8.75 9.68
N SER A 83 1.97 9.55 9.08
CA SER A 83 0.53 9.45 9.34
C SER A 83 0.17 10.01 10.70
N ALA A 84 0.27 11.34 10.84
CA ALA A 84 -0.06 12.00 12.09
C ALA A 84 0.45 13.44 12.14
N CYS A 85 -0.45 14.39 11.91
CA CYS A 85 -0.08 15.80 11.93
C CYS A 85 0.51 16.16 13.30
N ILE A 86 1.47 17.08 13.33
CA ILE A 86 2.09 17.47 14.59
C ILE A 86 2.52 18.94 14.56
N THR A 1 -7.16 -27.48 -6.23
CA THR A 1 -6.03 -27.60 -7.15
C THR A 1 -4.81 -26.85 -6.63
N ASP A 2 -3.89 -26.52 -7.53
CA ASP A 2 -2.68 -25.80 -7.15
C ASP A 2 -1.83 -25.47 -8.38
N ILE A 3 -2.16 -24.35 -9.02
CA ILE A 3 -1.43 -23.92 -10.21
C ILE A 3 -0.26 -23.01 -9.83
N ASP A 4 0.28 -22.30 -10.82
CA ASP A 4 1.40 -21.40 -10.58
C ASP A 4 0.92 -20.01 -10.15
N GLU A 5 -0.03 -19.48 -10.89
CA GLU A 5 -0.58 -18.15 -10.61
C GLU A 5 0.43 -17.08 -10.99
N CYS A 6 1.62 -17.15 -10.41
CA CYS A 6 2.67 -16.18 -10.69
C CYS A 6 3.08 -16.26 -12.16
N ARG A 7 2.69 -17.33 -12.83
CA ARG A 7 3.01 -17.53 -14.23
C ARG A 7 2.12 -16.67 -15.12
N ILE A 8 0.88 -16.47 -14.68
CA ILE A 8 -0.07 -15.66 -15.43
C ILE A 8 0.60 -14.42 -15.98
N SER A 9 1.50 -13.84 -15.20
CA SER A 9 2.23 -12.65 -15.60
C SER A 9 3.40 -12.37 -14.67
N PRO A 10 4.33 -11.51 -15.12
CA PRO A 10 5.51 -11.16 -14.34
C PRO A 10 5.25 -9.95 -13.45
N ASP A 11 4.25 -9.17 -13.82
CA ASP A 11 3.88 -7.99 -13.04
C ASP A 11 2.65 -8.27 -12.19
N LEU A 12 2.34 -9.56 -12.04
CA LEU A 12 1.19 -9.97 -11.25
C LEU A 12 1.14 -9.22 -9.93
N CYS A 13 2.27 -9.19 -9.24
CA CYS A 13 2.38 -8.52 -7.96
C CYS A 13 2.07 -7.03 -8.08
N GLY A 14 2.03 -6.54 -9.31
CA GLY A 14 1.76 -5.13 -9.54
C GLY A 14 3.00 -4.28 -9.33
N ARG A 15 4.05 -4.89 -8.75
CA ARG A 15 5.30 -4.20 -8.50
C ARG A 15 6.29 -5.13 -7.79
N GLY A 16 5.76 -5.95 -6.89
CA GLY A 16 6.60 -6.87 -6.15
C GLY A 16 6.85 -8.16 -6.89
N GLN A 17 6.62 -9.28 -6.23
CA GLN A 17 6.84 -10.60 -6.84
C GLN A 17 5.81 -11.61 -6.34
N CYS A 18 5.01 -12.14 -7.26
CA CYS A 18 4.00 -13.13 -6.90
C CYS A 18 4.65 -14.45 -6.50
N VAL A 19 4.02 -15.15 -5.55
CA VAL A 19 4.53 -16.44 -5.08
C VAL A 19 3.44 -17.50 -5.12
N ASN A 20 3.85 -18.75 -5.26
CA ASN A 20 2.92 -19.86 -5.32
C ASN A 20 2.39 -20.24 -3.94
N THR A 21 1.18 -20.81 -3.94
CA THR A 21 0.55 -21.24 -2.69
C THR A 21 -0.50 -22.32 -2.96
N PRO A 22 -0.80 -23.15 -1.95
CA PRO A 22 -1.79 -24.22 -2.09
C PRO A 22 -3.12 -23.71 -2.64
N GLY A 23 -3.43 -24.10 -3.88
CA GLY A 23 -4.66 -23.66 -4.50
C GLY A 23 -4.81 -22.17 -4.49
N ASP A 24 -3.73 -21.48 -4.83
CA ASP A 24 -3.73 -20.02 -4.85
C ASP A 24 -2.29 -19.49 -4.99
N PHE A 25 -2.10 -18.24 -4.64
CA PHE A 25 -0.78 -17.64 -4.72
C PHE A 25 -0.71 -16.33 -3.93
N GLU A 26 0.45 -16.07 -3.34
CA GLU A 26 0.65 -14.86 -2.54
C GLU A 26 1.50 -13.86 -3.33
N CYS A 27 2.31 -13.08 -2.62
CA CYS A 27 3.14 -12.09 -3.30
C CYS A 27 4.30 -11.60 -2.42
N LYS A 28 5.18 -10.83 -3.05
CA LYS A 28 6.34 -10.26 -2.38
C LYS A 28 6.42 -8.77 -2.73
N CYS A 29 5.44 -8.02 -2.27
CA CYS A 29 5.35 -6.60 -2.54
C CYS A 29 6.65 -5.86 -2.22
N ASP A 30 6.59 -4.53 -2.32
CA ASP A 30 7.75 -3.69 -2.06
C ASP A 30 7.37 -2.47 -1.23
N GLU A 31 8.14 -1.38 -1.43
CA GLU A 31 7.93 -0.11 -0.72
C GLU A 31 6.75 -0.15 0.24
N GLY A 32 5.56 0.12 -0.28
CA GLY A 32 4.37 0.13 0.55
C GLY A 32 3.17 -0.47 -0.15
N TYR A 33 3.39 -1.07 -1.31
CA TYR A 33 2.31 -1.68 -2.08
C TYR A 33 1.79 -2.92 -1.37
N GLU A 34 0.60 -2.80 -0.79
CA GLU A 34 -0.01 -3.92 -0.06
C GLU A 34 -0.87 -4.77 -1.00
N SER A 35 -0.73 -6.09 -0.87
CA SER A 35 -1.48 -7.03 -1.71
C SER A 35 -2.81 -6.45 -2.15
N GLY A 36 -2.95 -6.22 -3.45
CA GLY A 36 -4.18 -5.67 -3.97
C GLY A 36 -5.40 -6.21 -3.27
N PHE A 37 -5.88 -7.35 -3.74
CA PHE A 37 -7.06 -8.00 -3.16
C PHE A 37 -8.33 -7.49 -3.83
N MET A 38 -8.26 -6.28 -4.38
CA MET A 38 -9.42 -5.69 -5.04
C MET A 38 -9.68 -6.38 -6.37
N MET A 39 -8.64 -6.99 -6.93
CA MET A 39 -8.74 -7.70 -8.20
C MET A 39 -8.26 -9.13 -8.05
N MET A 40 -7.23 -9.33 -7.22
CA MET A 40 -6.68 -10.66 -7.00
C MET A 40 -5.32 -10.59 -6.33
N LYS A 41 -4.42 -9.80 -6.91
CA LYS A 41 -3.07 -9.65 -6.39
C LYS A 41 -2.23 -8.78 -7.32
N ASN A 42 -1.99 -7.53 -6.92
CA ASN A 42 -1.21 -6.61 -7.72
C ASN A 42 -0.67 -5.47 -6.86
N CYS A 43 -0.04 -5.83 -5.74
CA CYS A 43 0.55 -4.88 -4.78
C CYS A 43 0.06 -3.45 -4.99
N MET A 44 -0.73 -2.97 -4.04
CA MET A 44 -1.27 -1.62 -4.10
C MET A 44 -0.92 -0.84 -2.84
N ASP A 45 -0.21 0.27 -3.01
CA ASP A 45 0.21 1.11 -1.89
C ASP A 45 -0.73 0.98 -0.71
N ILE A 46 -0.14 0.68 0.45
CA ILE A 46 -0.88 0.52 1.68
C ILE A 46 -1.74 1.74 1.98
N ASP A 47 -2.37 1.73 3.16
CA ASP A 47 -3.21 2.83 3.58
C ASP A 47 -2.47 3.71 4.58
N GLU A 48 -1.50 4.47 4.07
CA GLU A 48 -0.72 5.35 4.93
C GLU A 48 -1.62 6.19 5.83
N CYS A 49 -2.87 6.34 5.41
CA CYS A 49 -3.84 7.12 6.18
C CYS A 49 -4.33 6.33 7.39
N GLN A 50 -4.02 5.03 7.39
CA GLN A 50 -4.42 4.15 8.47
C GLN A 50 -3.21 3.69 9.27
N ARG A 51 -2.04 3.80 8.64
CA ARG A 51 -0.79 3.39 9.27
C ARG A 51 -0.53 4.22 10.54
N ASP A 52 -1.02 5.45 10.54
CA ASP A 52 -0.85 6.33 11.69
C ASP A 52 -2.19 6.83 12.21
N PRO A 53 -2.35 6.86 13.54
CA PRO A 53 -3.58 7.31 14.19
C PRO A 53 -3.67 8.83 14.26
N LEU A 54 -2.59 9.50 13.86
CA LEU A 54 -2.54 10.95 13.86
C LEU A 54 -2.26 11.47 12.45
N LEU A 55 -2.04 10.55 11.52
CA LEU A 55 -1.76 10.92 10.13
C LEU A 55 -2.84 11.85 9.59
N CYS A 56 -2.44 13.05 9.18
CA CYS A 56 -3.38 14.03 8.66
C CYS A 56 -4.60 14.11 9.57
N ARG A 57 -4.39 13.77 10.84
CA ARG A 57 -5.45 13.80 11.83
C ARG A 57 -6.15 15.16 11.83
N GLY A 58 -5.43 16.20 11.44
CA GLY A 58 -5.99 17.53 11.40
C GLY A 58 -5.78 18.21 10.07
N GLY A 59 -5.73 17.41 9.00
CA GLY A 59 -5.53 17.96 7.67
C GLY A 59 -6.12 17.09 6.58
N VAL A 60 -5.30 16.73 5.61
CA VAL A 60 -5.75 15.89 4.50
C VAL A 60 -4.72 14.81 4.19
N CYS A 61 -5.20 13.59 3.99
CA CYS A 61 -4.32 12.47 3.70
C CYS A 61 -4.46 12.02 2.24
N HIS A 62 -3.56 12.50 1.40
CA HIS A 62 -3.58 12.15 -0.02
C HIS A 62 -2.73 10.90 -0.26
N ASN A 63 -3.13 9.79 0.34
CA ASN A 63 -2.41 8.53 0.20
C ASN A 63 -2.09 8.27 -1.27
N THR A 64 -0.81 8.18 -1.59
CA THR A 64 -0.37 7.93 -2.95
C THR A 64 0.34 6.59 -3.06
N GLU A 65 0.96 6.35 -4.22
CA GLU A 65 1.67 5.09 -4.46
C GLU A 65 2.98 5.06 -3.68
N GLY A 66 3.21 3.96 -2.97
CA GLY A 66 4.43 3.83 -2.18
C GLY A 66 4.75 5.08 -1.40
N SER A 67 3.72 5.79 -0.96
CA SER A 67 3.89 7.01 -0.19
C SER A 67 2.56 7.71 0.03
N TYR A 68 2.55 8.71 0.91
CA TYR A 68 1.33 9.45 1.20
C TYR A 68 1.63 10.93 1.46
N ARG A 69 0.70 11.79 1.07
CA ARG A 69 0.87 13.22 1.25
C ARG A 69 -0.09 13.75 2.31
N CYS A 70 0.42 14.63 3.17
CA CYS A 70 -0.39 15.22 4.22
C CYS A 70 -0.54 16.72 3.99
N GLU A 71 -1.79 17.19 3.99
CA GLU A 71 -2.06 18.61 3.74
C GLU A 71 -2.93 19.21 4.85
N CYS A 72 -2.43 20.27 5.47
CA CYS A 72 -3.15 20.97 6.53
C CYS A 72 -4.25 21.88 5.99
N PRO A 73 -4.06 22.46 4.77
CA PRO A 73 -2.86 22.26 3.94
C PRO A 73 -1.60 22.84 4.57
N PRO A 74 -0.44 22.60 3.94
CA PRO A 74 0.85 23.10 4.41
C PRO A 74 0.75 24.48 5.04
N GLY A 75 -0.22 25.27 4.60
CA GLY A 75 -0.39 26.60 5.15
C GLY A 75 -0.11 26.62 6.65
N HIS A 76 -0.38 25.49 7.28
CA HIS A 76 -0.15 25.34 8.72
C HIS A 76 1.24 24.72 8.96
N GLN A 77 1.31 23.67 9.79
CA GLN A 77 2.58 23.01 10.07
C GLN A 77 2.37 21.51 10.11
N LEU A 78 2.01 20.93 8.97
CA LEU A 78 1.76 19.50 8.87
C LEU A 78 3.01 18.75 8.51
N SER A 79 3.63 18.13 9.50
CA SER A 79 4.85 17.37 9.30
C SER A 79 4.68 16.38 8.14
N PRO A 80 5.70 16.27 7.28
CA PRO A 80 5.66 15.39 6.11
C PRO A 80 5.95 13.92 6.45
N ASN A 81 4.93 13.08 6.29
CA ASN A 81 5.04 11.65 6.55
C ASN A 81 5.13 11.33 8.04
N ILE A 82 5.14 12.36 8.87
CA ILE A 82 5.20 12.16 10.31
C ILE A 82 3.80 11.84 10.85
N SER A 83 2.79 12.29 10.13
CA SER A 83 1.40 12.04 10.51
C SER A 83 0.99 12.87 11.72
N ALA A 84 0.52 14.09 11.48
CA ALA A 84 0.07 14.98 12.56
C ALA A 84 0.19 16.45 12.16
N CYS A 85 -0.93 17.05 11.78
CA CYS A 85 -0.95 18.46 11.39
C CYS A 85 -0.51 19.33 12.57
N ILE A 86 0.10 20.49 12.27
CA ILE A 86 0.56 21.38 13.33
C ILE A 86 0.64 22.82 12.83
N THR A 1 -0.45 -29.83 -2.84
CA THR A 1 -0.89 -28.56 -2.26
C THR A 1 0.24 -27.53 -2.27
N ASP A 2 0.73 -27.22 -3.47
CA ASP A 2 1.81 -26.24 -3.62
C ASP A 2 2.21 -26.09 -5.08
N ILE A 3 1.48 -25.23 -5.80
CA ILE A 3 1.75 -24.99 -7.21
C ILE A 3 2.36 -23.60 -7.40
N ASP A 4 3.13 -23.44 -8.47
CA ASP A 4 3.78 -22.17 -8.75
C ASP A 4 2.74 -21.07 -8.97
N GLU A 5 2.28 -20.48 -7.88
CA GLU A 5 1.27 -19.42 -7.95
C GLU A 5 1.89 -18.13 -8.51
N CYS A 6 3.22 -18.11 -8.60
CA CYS A 6 3.93 -16.95 -9.12
C CYS A 6 3.96 -16.97 -10.64
N ARG A 7 4.23 -18.14 -11.20
CA ARG A 7 4.28 -18.29 -12.65
C ARG A 7 2.90 -18.11 -13.27
N ILE A 8 1.87 -18.33 -12.48
CA ILE A 8 0.50 -18.18 -12.94
C ILE A 8 0.36 -16.92 -13.79
N SER A 9 1.03 -15.86 -13.37
CA SER A 9 0.98 -14.59 -14.08
C SER A 9 2.10 -13.66 -13.62
N PRO A 10 2.72 -12.92 -14.56
CA PRO A 10 3.79 -12.00 -14.24
C PRO A 10 3.27 -10.73 -13.59
N ASP A 11 1.97 -10.50 -13.75
CA ASP A 11 1.32 -9.33 -13.16
C ASP A 11 0.27 -9.76 -12.15
N LEU A 12 0.43 -10.98 -11.65
CA LEU A 12 -0.50 -11.53 -10.66
C LEU A 12 -0.97 -10.45 -9.69
N CYS A 13 -0.02 -9.89 -8.95
CA CYS A 13 -0.33 -8.87 -7.96
C CYS A 13 -0.50 -7.49 -8.63
N GLY A 14 -0.50 -7.49 -9.95
CA GLY A 14 -0.66 -6.24 -10.68
C GLY A 14 0.62 -5.43 -10.75
N ARG A 15 1.29 -5.30 -9.62
CA ARG A 15 2.53 -4.52 -9.55
C ARG A 15 3.60 -5.27 -8.76
N GLY A 16 3.22 -5.80 -7.61
CA GLY A 16 4.15 -6.52 -6.77
C GLY A 16 4.75 -7.73 -7.46
N GLN A 17 5.58 -8.46 -6.73
CA GLN A 17 6.23 -9.65 -7.28
C GLN A 17 5.67 -10.90 -6.63
N CYS A 18 4.80 -11.60 -7.36
CA CYS A 18 4.18 -12.82 -6.86
C CYS A 18 5.18 -13.66 -6.07
N VAL A 19 4.66 -14.41 -5.10
CA VAL A 19 5.47 -15.28 -4.27
C VAL A 19 4.85 -16.67 -4.23
N ASN A 20 5.62 -17.66 -3.78
CA ASN A 20 5.13 -19.03 -3.70
C ASN A 20 5.04 -19.51 -2.27
N THR A 21 3.96 -20.23 -1.95
CA THR A 21 3.75 -20.77 -0.62
C THR A 21 2.98 -22.08 -0.69
N PRO A 22 3.10 -22.92 0.36
CA PRO A 22 2.40 -24.21 0.42
C PRO A 22 0.89 -24.03 0.35
N GLY A 23 0.27 -24.64 -0.66
CA GLY A 23 -1.16 -24.53 -0.83
C GLY A 23 -1.62 -23.09 -0.69
N ASP A 24 -0.89 -22.19 -1.33
CA ASP A 24 -1.21 -20.77 -1.29
C ASP A 24 -0.06 -19.95 -1.86
N PHE A 25 -0.21 -18.63 -1.88
CA PHE A 25 0.83 -17.77 -2.42
C PHE A 25 0.64 -16.32 -2.00
N GLU A 26 1.52 -15.46 -2.49
CA GLU A 26 1.46 -14.04 -2.19
C GLU A 26 2.31 -13.26 -3.20
N CYS A 27 2.91 -12.16 -2.78
CA CYS A 27 3.73 -11.36 -3.68
C CYS A 27 4.50 -10.29 -2.93
N LYS A 28 5.23 -9.48 -3.70
CA LYS A 28 6.02 -8.40 -3.12
C LYS A 28 5.60 -7.05 -3.69
N CYS A 29 4.43 -6.57 -3.25
CA CYS A 29 3.90 -5.30 -3.72
C CYS A 29 5.01 -4.24 -3.84
N ASP A 30 4.68 -3.14 -4.50
CA ASP A 30 5.63 -2.05 -4.70
C ASP A 30 6.11 -1.48 -3.36
N GLU A 31 5.52 -0.36 -2.94
CA GLU A 31 5.91 0.27 -1.68
C GLU A 31 4.70 0.57 -0.81
N GLY A 32 3.57 0.87 -1.44
CA GLY A 32 2.36 1.16 -0.73
C GLY A 32 1.17 0.44 -1.32
N TYR A 33 1.45 -0.55 -2.16
CA TYR A 33 0.40 -1.33 -2.80
C TYR A 33 0.06 -2.54 -1.95
N GLU A 34 -1.21 -2.71 -1.63
CA GLU A 34 -1.66 -3.82 -0.81
C GLU A 34 -2.02 -5.02 -1.68
N SER A 35 -1.50 -6.19 -1.31
CA SER A 35 -1.77 -7.41 -2.05
C SER A 35 -2.93 -8.17 -1.41
N GLY A 36 -4.09 -8.14 -2.07
CA GLY A 36 -5.25 -8.81 -1.55
C GLY A 36 -6.27 -7.85 -0.98
N PHE A 37 -7.00 -7.18 -1.87
CA PHE A 37 -8.01 -6.21 -1.47
C PHE A 37 -9.39 -6.77 -1.75
N MET A 38 -9.58 -7.22 -2.98
CA MET A 38 -10.84 -7.81 -3.40
C MET A 38 -10.74 -9.33 -3.35
N MET A 39 -9.54 -9.82 -3.02
CA MET A 39 -9.30 -11.25 -2.93
C MET A 39 -8.91 -11.82 -4.29
N MET A 40 -8.15 -11.06 -5.04
CA MET A 40 -7.70 -11.47 -6.36
C MET A 40 -6.21 -11.19 -6.56
N LYS A 41 -5.55 -10.73 -5.50
CA LYS A 41 -4.13 -10.42 -5.57
C LYS A 41 -3.84 -9.50 -6.74
N ASN A 42 -3.77 -8.21 -6.46
CA ASN A 42 -3.50 -7.21 -7.49
C ASN A 42 -2.93 -5.93 -6.90
N CYS A 43 -1.96 -6.10 -5.98
CA CYS A 43 -1.30 -4.97 -5.30
C CYS A 43 -1.91 -3.63 -5.69
N MET A 44 -2.63 -3.02 -4.75
CA MET A 44 -3.27 -1.74 -5.01
C MET A 44 -2.98 -0.74 -3.89
N ASP A 45 -2.21 0.30 -4.23
CA ASP A 45 -1.83 1.35 -3.28
C ASP A 45 -2.80 1.43 -2.11
N ILE A 46 -2.38 0.89 -0.98
CA ILE A 46 -3.19 0.89 0.23
C ILE A 46 -3.77 2.27 0.50
N ASP A 47 -4.50 2.39 1.60
CA ASP A 47 -5.11 3.67 1.97
C ASP A 47 -4.38 4.31 3.13
N GLU A 48 -3.17 4.79 2.88
CA GLU A 48 -2.38 5.43 3.92
C GLU A 48 -3.20 6.47 4.67
N CYS A 49 -4.22 7.00 3.99
CA CYS A 49 -5.09 8.01 4.60
C CYS A 49 -6.01 7.37 5.63
N GLN A 50 -6.01 6.04 5.67
CA GLN A 50 -6.85 5.29 6.60
C GLN A 50 -5.98 4.47 7.55
N ARG A 51 -4.81 4.09 7.07
CA ARG A 51 -3.87 3.29 7.85
C ARG A 51 -3.82 3.79 9.30
N ASP A 52 -3.80 5.11 9.47
CA ASP A 52 -3.75 5.71 10.78
C ASP A 52 -4.86 6.75 10.96
N PRO A 53 -5.30 6.96 12.20
CA PRO A 53 -6.34 7.92 12.53
C PRO A 53 -5.78 9.32 12.76
N LEU A 54 -4.46 9.42 12.76
CA LEU A 54 -3.79 10.70 12.95
C LEU A 54 -3.24 11.22 11.63
N LEU A 55 -3.17 10.32 10.65
CA LEU A 55 -2.66 10.68 9.33
C LEU A 55 -3.38 11.91 8.81
N CYS A 56 -2.65 13.00 8.65
CA CYS A 56 -3.22 14.25 8.16
C CYS A 56 -4.43 14.62 9.01
N ARG A 57 -4.47 14.07 10.22
CA ARG A 57 -5.55 14.35 11.15
C ARG A 57 -6.00 15.80 11.05
N GLY A 58 -5.04 16.68 10.83
CA GLY A 58 -5.34 18.10 10.70
C GLY A 58 -4.95 18.64 9.35
N GLY A 59 -4.26 17.83 8.57
CA GLY A 59 -3.83 18.23 7.24
C GLY A 59 -4.60 17.53 6.13
N VAL A 60 -3.96 17.34 4.99
CA VAL A 60 -4.58 16.68 3.85
C VAL A 60 -3.86 15.38 3.52
N CYS A 61 -4.63 14.30 3.39
CA CYS A 61 -4.06 13.00 3.05
C CYS A 61 -4.10 12.75 1.55
N HIS A 62 -2.98 12.98 0.88
CA HIS A 62 -2.88 12.78 -0.55
C HIS A 62 -2.28 11.40 -0.84
N ASN A 63 -3.02 10.36 -0.47
CA ASN A 63 -2.59 8.99 -0.68
C ASN A 63 -2.07 8.79 -2.10
N THR A 64 -0.78 8.46 -2.21
CA THR A 64 -0.16 8.24 -3.51
C THR A 64 0.04 6.74 -3.75
N GLU A 65 0.67 6.39 -4.86
CA GLU A 65 0.92 4.99 -5.19
C GLU A 65 1.51 4.26 -3.99
N GLY A 66 2.82 4.01 -4.03
CA GLY A 66 3.47 3.33 -2.92
C GLY A 66 3.88 4.28 -1.82
N SER A 67 2.93 5.05 -1.32
CA SER A 67 3.18 6.00 -0.25
C SER A 67 1.98 6.91 -0.02
N TYR A 68 2.22 8.05 0.63
CA TYR A 68 1.15 9.00 0.91
C TYR A 68 1.73 10.33 1.37
N ARG A 69 1.06 11.42 1.00
CA ARG A 69 1.52 12.75 1.37
C ARG A 69 0.59 13.39 2.39
N CYS A 70 1.12 14.38 3.10
CA CYS A 70 0.36 15.08 4.12
C CYS A 70 0.58 16.59 4.00
N GLU A 71 -0.49 17.38 4.09
CA GLU A 71 -0.39 18.83 3.98
C GLU A 71 -1.10 19.54 5.13
N CYS A 72 -0.34 20.30 5.90
CA CYS A 72 -0.89 21.05 7.02
C CYS A 72 -1.57 22.34 6.57
N PRO A 73 -1.05 23.01 5.51
CA PRO A 73 0.11 22.53 4.74
C PRO A 73 1.40 22.54 5.56
N PRO A 74 2.47 21.97 5.00
CA PRO A 74 3.78 21.92 5.66
C PRO A 74 4.10 23.18 6.44
N GLY A 75 3.56 24.32 5.98
CA GLY A 75 3.80 25.57 6.67
C GLY A 75 3.80 25.38 8.18
N HIS A 76 3.01 24.40 8.62
CA HIS A 76 2.91 24.08 10.04
C HIS A 76 4.00 23.08 10.43
N GLN A 77 3.64 21.96 11.05
CA GLN A 77 4.62 20.96 11.44
C GLN A 77 4.02 19.56 11.23
N LEU A 78 3.73 19.25 9.97
CA LEU A 78 3.13 17.98 9.61
C LEU A 78 4.20 16.95 9.30
N SER A 79 4.08 15.78 9.93
CA SER A 79 5.03 14.71 9.73
C SER A 79 5.06 14.28 8.26
N PRO A 80 6.26 14.16 7.69
CA PRO A 80 6.44 13.76 6.29
C PRO A 80 5.70 12.47 5.96
N ASN A 81 5.89 11.44 6.78
CA ASN A 81 5.23 10.17 6.55
C ASN A 81 4.96 9.44 7.86
N ILE A 82 4.67 10.20 8.92
CA ILE A 82 4.38 9.61 10.22
C ILE A 82 2.88 9.62 10.47
N SER A 83 2.17 10.54 9.81
CA SER A 83 0.72 10.64 9.96
C SER A 83 0.33 11.43 11.20
N ALA A 84 0.30 12.76 11.09
CA ALA A 84 -0.08 13.61 12.22
C ALA A 84 0.44 15.04 12.06
N CYS A 85 -0.45 15.96 11.67
CA CYS A 85 -0.08 17.36 11.51
C CYS A 85 0.35 17.95 12.85
N ILE A 86 1.21 18.96 12.81
CA ILE A 86 1.69 19.59 14.05
C ILE A 86 2.18 21.00 13.79
N THR A 1 -3.37 -29.80 -0.17
CA THR A 1 -3.28 -29.26 -1.52
C THR A 1 -2.14 -28.25 -1.63
N ASP A 2 -2.05 -27.60 -2.78
CA ASP A 2 -1.01 -26.60 -3.03
C ASP A 2 -0.93 -26.25 -4.50
N ILE A 3 -1.67 -25.23 -4.91
CA ILE A 3 -1.68 -24.77 -6.29
C ILE A 3 -0.61 -23.72 -6.52
N ASP A 4 -0.34 -23.40 -7.77
CA ASP A 4 0.67 -22.41 -8.12
C ASP A 4 0.21 -21.01 -7.73
N GLU A 5 -1.00 -20.66 -8.14
CA GLU A 5 -1.57 -19.36 -7.84
C GLU A 5 -0.88 -18.27 -8.67
N CYS A 6 0.44 -18.18 -8.55
CA CYS A 6 1.21 -17.19 -9.30
C CYS A 6 1.11 -17.47 -10.79
N ARG A 7 0.71 -18.69 -11.13
CA ARG A 7 0.57 -19.09 -12.53
C ARG A 7 -0.64 -18.42 -13.15
N ILE A 8 -1.68 -18.22 -12.34
CA ILE A 8 -2.90 -17.57 -12.81
C ILE A 8 -2.56 -16.40 -13.73
N SER A 9 -1.47 -15.71 -13.39
CA SER A 9 -1.02 -14.57 -14.17
C SER A 9 0.40 -14.18 -13.79
N PRO A 10 1.12 -13.53 -14.71
CA PRO A 10 2.50 -13.10 -14.49
C PRO A 10 2.55 -11.75 -13.79
N ASP A 11 1.44 -11.01 -13.86
CA ASP A 11 1.33 -9.71 -13.24
C ASP A 11 0.36 -9.76 -12.07
N LEU A 12 0.20 -10.94 -11.51
CA LEU A 12 -0.70 -11.14 -10.38
C LEU A 12 -0.49 -10.05 -9.33
N CYS A 13 0.76 -9.69 -9.10
CA CYS A 13 1.10 -8.66 -8.12
C CYS A 13 0.86 -7.26 -8.68
N GLY A 14 0.31 -7.21 -9.89
CA GLY A 14 0.05 -5.93 -10.53
C GLY A 14 1.08 -4.86 -10.19
N ARG A 15 2.31 -5.29 -9.93
CA ARG A 15 3.41 -4.38 -9.60
C ARG A 15 4.47 -5.09 -8.76
N GLY A 16 4.01 -5.91 -7.82
CA GLY A 16 4.93 -6.63 -6.95
C GLY A 16 5.40 -7.94 -7.56
N GLN A 17 5.51 -8.96 -6.72
CA GLN A 17 5.96 -10.27 -7.19
C GLN A 17 5.21 -11.39 -6.46
N CYS A 18 4.24 -11.99 -7.14
CA CYS A 18 3.46 -13.07 -6.55
C CYS A 18 4.37 -14.20 -6.08
N VAL A 19 3.97 -14.86 -4.99
CA VAL A 19 4.74 -15.97 -4.44
C VAL A 19 3.84 -17.17 -4.17
N ASN A 20 4.46 -18.34 -4.02
CA ASN A 20 3.71 -19.56 -3.76
C ASN A 20 3.68 -19.89 -2.26
N THR A 21 2.61 -20.54 -1.83
CA THR A 21 2.44 -20.92 -0.43
C THR A 21 1.54 -22.13 -0.29
N PRO A 22 1.81 -22.99 0.70
CA PRO A 22 1.00 -24.20 0.95
C PRO A 22 -0.49 -23.89 0.94
N GLY A 23 -1.19 -24.42 -0.07
CA GLY A 23 -2.61 -24.19 -0.18
C GLY A 23 -2.94 -22.71 -0.18
N ASP A 24 -2.18 -21.94 -0.94
CA ASP A 24 -2.38 -20.50 -1.03
C ASP A 24 -1.22 -19.84 -1.75
N PHE A 25 -1.16 -18.51 -1.69
CA PHE A 25 -0.10 -17.76 -2.35
C PHE A 25 -0.04 -16.33 -1.83
N GLU A 26 1.17 -15.79 -1.73
CA GLU A 26 1.37 -14.42 -1.26
C GLU A 26 1.99 -13.56 -2.34
N CYS A 27 2.38 -12.34 -1.98
CA CYS A 27 2.98 -11.42 -2.94
C CYS A 27 4.11 -10.61 -2.32
N LYS A 28 4.89 -9.96 -3.17
CA LYS A 28 6.01 -9.12 -2.74
C LYS A 28 5.83 -7.71 -3.28
N CYS A 29 5.05 -6.90 -2.58
CA CYS A 29 4.78 -5.53 -3.00
C CYS A 29 6.03 -4.67 -3.03
N ASP A 30 5.93 -3.55 -3.74
CA ASP A 30 7.04 -2.61 -3.87
C ASP A 30 7.48 -2.08 -2.51
N GLU A 31 6.90 -0.95 -2.10
CA GLU A 31 7.24 -0.34 -0.81
C GLU A 31 6.03 0.33 -0.17
N GLY A 32 5.19 0.96 -0.98
CA GLY A 32 4.02 1.62 -0.46
C GLY A 32 2.74 1.06 -1.05
N TYR A 33 2.85 -0.11 -1.65
CA TYR A 33 1.71 -0.78 -2.27
C TYR A 33 1.20 -1.92 -1.39
N GLU A 34 0.01 -2.42 -1.70
CA GLU A 34 -0.58 -3.50 -0.95
C GLU A 34 -0.88 -4.69 -1.86
N SER A 35 -0.64 -5.89 -1.35
CA SER A 35 -0.87 -7.11 -2.11
C SER A 35 -2.30 -7.60 -1.93
N GLY A 36 -3.18 -7.21 -2.85
CA GLY A 36 -4.57 -7.63 -2.77
C GLY A 36 -5.40 -6.70 -1.92
N PHE A 37 -5.63 -5.50 -2.43
CA PHE A 37 -6.43 -4.50 -1.71
C PHE A 37 -7.88 -4.94 -1.59
N MET A 38 -8.29 -5.85 -2.47
CA MET A 38 -9.66 -6.36 -2.47
C MET A 38 -10.02 -6.95 -3.82
N MET A 39 -9.37 -6.45 -4.87
CA MET A 39 -9.63 -6.93 -6.23
C MET A 39 -9.21 -8.38 -6.38
N MET A 40 -8.12 -8.75 -5.71
CA MET A 40 -7.62 -10.11 -5.76
C MET A 40 -6.35 -10.26 -4.92
N LYS A 41 -5.20 -9.97 -5.54
CA LYS A 41 -3.92 -10.05 -4.85
C LYS A 41 -2.84 -9.27 -5.59
N ASN A 42 -3.24 -8.14 -6.16
CA ASN A 42 -2.31 -7.30 -6.89
C ASN A 42 -1.57 -6.35 -5.95
N CYS A 43 -0.60 -5.64 -6.49
CA CYS A 43 0.18 -4.69 -5.70
C CYS A 43 -0.13 -3.25 -6.12
N MET A 44 -0.81 -2.52 -5.25
CA MET A 44 -1.18 -1.13 -5.57
C MET A 44 -1.15 -0.23 -4.33
N ASP A 45 -0.30 0.80 -4.39
CA ASP A 45 -0.16 1.79 -3.31
C ASP A 45 -1.17 1.59 -2.20
N ILE A 46 -0.69 1.14 -1.04
CA ILE A 46 -1.54 0.90 0.11
C ILE A 46 -2.36 2.15 0.46
N ASP A 47 -3.13 2.05 1.53
CA ASP A 47 -3.97 3.15 1.98
C ASP A 47 -3.29 3.90 3.13
N GLU A 48 -2.26 4.67 2.80
CA GLU A 48 -1.53 5.43 3.81
C GLU A 48 -2.49 6.20 4.71
N CYS A 49 -3.67 6.51 4.19
CA CYS A 49 -4.68 7.24 4.94
C CYS A 49 -5.31 6.35 6.00
N GLN A 50 -5.06 5.05 5.89
CA GLN A 50 -5.62 4.08 6.82
C GLN A 50 -4.51 3.41 7.63
N ARG A 51 -3.30 3.41 7.07
CA ARG A 51 -2.15 2.80 7.72
C ARG A 51 -1.97 3.36 9.14
N ASP A 52 -2.34 4.61 9.33
CA ASP A 52 -2.22 5.26 10.63
C ASP A 52 -3.51 5.97 11.02
N PRO A 53 -3.86 5.92 12.31
CA PRO A 53 -5.06 6.57 12.84
C PRO A 53 -4.84 8.04 13.13
N LEU A 54 -3.58 8.47 13.01
CA LEU A 54 -3.20 9.86 13.24
C LEU A 54 -2.79 10.53 11.94
N LEU A 55 -2.63 9.72 10.90
CA LEU A 55 -2.24 10.23 9.59
C LEU A 55 -3.14 11.37 9.16
N CYS A 56 -2.55 12.53 8.91
CA CYS A 56 -3.31 13.70 8.49
C CYS A 56 -4.51 13.89 9.41
N ARG A 57 -4.40 13.38 10.62
CA ARG A 57 -5.46 13.49 11.61
C ARG A 57 -5.85 14.95 11.83
N GLY A 58 -4.95 15.85 11.43
CA GLY A 58 -5.20 17.26 11.58
C GLY A 58 -5.00 18.03 10.28
N GLY A 59 -5.10 17.32 9.16
CA GLY A 59 -4.92 17.96 7.87
C GLY A 59 -5.63 17.22 6.76
N VAL A 60 -4.89 16.86 5.71
CA VAL A 60 -5.45 16.14 4.58
C VAL A 60 -4.51 15.04 4.11
N CYS A 61 -5.06 13.88 3.81
CA CYS A 61 -4.27 12.74 3.35
C CYS A 61 -4.45 12.52 1.86
N HIS A 62 -3.52 13.04 1.07
CA HIS A 62 -3.56 12.89 -0.38
C HIS A 62 -2.81 11.63 -0.80
N ASN A 63 -3.29 10.48 -0.33
CA ASN A 63 -2.67 9.19 -0.65
C ASN A 63 -2.35 9.09 -2.15
N THR A 64 -1.08 8.95 -2.47
CA THR A 64 -0.65 8.83 -3.85
C THR A 64 -0.11 7.43 -4.14
N GLU A 65 0.63 7.30 -5.23
CA GLU A 65 1.20 6.01 -5.62
C GLU A 65 2.56 5.80 -4.97
N GLY A 66 2.67 4.76 -4.15
CA GLY A 66 3.92 4.47 -3.48
C GLY A 66 4.24 5.47 -2.39
N SER A 67 3.21 6.13 -1.86
CA SER A 67 3.39 7.11 -0.81
C SER A 67 2.12 7.94 -0.63
N TYR A 68 2.14 8.85 0.33
CA TYR A 68 0.99 9.70 0.60
C TYR A 68 1.44 11.12 0.97
N ARG A 69 0.62 12.10 0.59
CA ARG A 69 0.95 13.49 0.87
C ARG A 69 0.03 14.08 1.93
N CYS A 70 0.60 14.37 3.09
CA CYS A 70 -0.16 14.96 4.19
C CYS A 70 -0.14 16.48 4.09
N GLU A 71 -1.28 17.11 4.34
CA GLU A 71 -1.38 18.57 4.25
C GLU A 71 -2.30 19.15 5.33
N CYS A 72 -1.76 20.04 6.14
CA CYS A 72 -2.53 20.68 7.21
C CYS A 72 -3.42 21.82 6.68
N PRO A 73 -3.00 22.51 5.60
CA PRO A 73 -1.76 22.24 4.86
C PRO A 73 -0.50 22.54 5.69
N PRO A 74 0.68 22.27 5.11
CA PRO A 74 1.96 22.52 5.76
C PRO A 74 1.95 23.78 6.62
N GLY A 75 1.10 24.74 6.27
CA GLY A 75 1.03 25.98 7.04
C GLY A 75 1.26 25.73 8.51
N HIS A 76 0.84 24.55 8.97
CA HIS A 76 1.01 24.15 10.36
C HIS A 76 2.35 23.43 10.52
N GLN A 77 2.33 22.23 11.11
CA GLN A 77 3.54 21.45 11.30
C GLN A 77 3.24 19.97 11.04
N LEU A 78 2.95 19.65 9.78
CA LEU A 78 2.61 18.29 9.40
C LEU A 78 3.83 17.48 9.02
N SER A 79 3.98 16.34 9.68
CA SER A 79 5.10 15.44 9.43
C SER A 79 5.09 14.96 7.97
N PRO A 80 6.27 14.99 7.33
CA PRO A 80 6.40 14.56 5.94
C PRO A 80 5.68 13.24 5.66
N ASN A 81 5.89 12.27 6.54
CA ASN A 81 5.26 10.96 6.38
C ASN A 81 5.19 10.21 7.71
N ILE A 82 5.02 10.95 8.80
CA ILE A 82 4.92 10.34 10.12
C ILE A 82 3.46 10.18 10.53
N SER A 83 2.57 10.84 9.78
CA SER A 83 1.13 10.77 10.05
C SER A 83 0.76 11.42 11.37
N ALA A 84 0.54 12.74 11.33
CA ALA A 84 0.15 13.50 12.53
C ALA A 84 0.66 14.95 12.46
N CYS A 85 -0.24 15.88 12.13
CA CYS A 85 0.13 17.29 12.04
C CYS A 85 0.43 17.86 13.42
N ILE A 86 1.19 18.95 13.45
CA ILE A 86 1.55 19.59 14.71
C ILE A 86 1.22 21.07 14.69
N THR A 1 -2.25 -28.97 -1.54
CA THR A 1 -1.39 -29.43 -2.63
C THR A 1 -0.24 -28.45 -2.87
N ASP A 2 -0.31 -27.29 -2.24
CA ASP A 2 0.72 -26.27 -2.38
C ASP A 2 1.20 -26.18 -3.82
N ILE A 3 0.34 -25.68 -4.69
CA ILE A 3 0.67 -25.53 -6.11
C ILE A 3 1.30 -24.17 -6.38
N ASP A 4 1.58 -23.89 -7.65
CA ASP A 4 2.19 -22.62 -8.02
C ASP A 4 1.13 -21.58 -8.37
N GLU A 5 0.95 -20.62 -7.49
CA GLU A 5 -0.02 -19.56 -7.71
C GLU A 5 0.63 -18.38 -8.41
N CYS A 6 1.95 -18.29 -8.29
CA CYS A 6 2.70 -17.21 -8.92
C CYS A 6 2.90 -17.50 -10.40
N ARG A 7 3.00 -18.78 -10.73
CA ARG A 7 3.18 -19.20 -12.12
C ARG A 7 1.97 -18.80 -12.95
N ILE A 8 0.80 -18.77 -12.31
CA ILE A 8 -0.43 -18.39 -12.99
C ILE A 8 -0.18 -17.23 -13.94
N SER A 9 0.68 -16.31 -13.50
CA SER A 9 1.00 -15.14 -14.30
C SER A 9 2.27 -14.45 -13.78
N PRO A 10 2.96 -13.70 -14.65
CA PRO A 10 4.17 -12.99 -14.30
C PRO A 10 3.86 -11.64 -13.67
N ASP A 11 2.66 -11.14 -13.94
CA ASP A 11 2.21 -9.86 -13.42
C ASP A 11 1.04 -10.07 -12.47
N LEU A 12 1.01 -11.24 -11.86
CA LEU A 12 -0.06 -11.59 -10.93
C LEU A 12 -0.52 -10.38 -10.12
N CYS A 13 0.42 -9.79 -9.39
CA CYS A 13 0.12 -8.63 -8.56
C CYS A 13 0.29 -7.33 -9.34
N GLY A 14 0.11 -7.41 -10.65
CA GLY A 14 0.22 -6.24 -11.49
C GLY A 14 1.41 -5.36 -11.17
N ARG A 15 2.43 -5.92 -10.53
CA ARG A 15 3.63 -5.17 -10.18
C ARG A 15 4.48 -5.92 -9.18
N GLY A 16 3.89 -6.21 -8.02
CA GLY A 16 4.61 -6.93 -6.98
C GLY A 16 5.20 -8.24 -7.47
N GLN A 17 5.56 -9.09 -6.53
CA GLN A 17 6.15 -10.38 -6.86
C GLN A 17 5.37 -11.51 -6.19
N CYS A 18 4.65 -12.29 -6.99
CA CYS A 18 3.87 -13.40 -6.46
C CYS A 18 4.75 -14.46 -5.81
N VAL A 19 4.44 -14.79 -4.56
CA VAL A 19 5.19 -15.80 -3.83
C VAL A 19 4.35 -17.05 -3.64
N ASN A 20 4.98 -18.16 -3.28
CA ASN A 20 4.29 -19.42 -3.09
C ASN A 20 4.08 -19.73 -1.61
N THR A 21 2.98 -20.41 -1.30
CA THR A 21 2.67 -20.79 0.07
C THR A 21 1.76 -22.01 0.11
N PRO A 22 1.78 -22.75 1.23
CA PRO A 22 0.95 -23.95 1.39
C PRO A 22 -0.53 -23.66 1.18
N GLY A 23 -1.12 -24.30 0.18
CA GLY A 23 -2.52 -24.08 -0.12
C GLY A 23 -2.86 -22.60 -0.18
N ASP A 24 -2.00 -21.84 -0.86
CA ASP A 24 -2.20 -20.41 -1.00
C ASP A 24 -0.92 -19.75 -1.53
N PHE A 25 -0.96 -18.44 -1.67
CA PHE A 25 0.19 -17.70 -2.17
C PHE A 25 0.19 -16.25 -1.69
N GLU A 26 1.36 -15.65 -1.63
CA GLU A 26 1.51 -14.27 -1.21
C GLU A 26 2.21 -13.46 -2.30
N CYS A 27 2.64 -12.25 -1.97
CA CYS A 27 3.32 -11.40 -2.95
C CYS A 27 4.31 -10.45 -2.29
N LYS A 28 4.91 -9.62 -3.12
CA LYS A 28 5.88 -8.63 -2.68
C LYS A 28 5.69 -7.33 -3.47
N CYS A 29 4.70 -6.55 -3.07
CA CYS A 29 4.40 -5.29 -3.75
C CYS A 29 5.58 -4.33 -3.72
N ASP A 30 5.38 -3.15 -4.30
CA ASP A 30 6.42 -2.13 -4.36
C ASP A 30 6.35 -1.19 -3.16
N GLU A 31 6.80 0.04 -3.35
CA GLU A 31 6.80 1.05 -2.29
C GLU A 31 5.62 0.86 -1.34
N GLY A 32 4.44 1.25 -1.79
CA GLY A 32 3.26 1.13 -0.96
C GLY A 32 2.06 0.56 -1.70
N TYR A 33 2.31 -0.44 -2.53
CA TYR A 33 1.24 -1.07 -3.29
C TYR A 33 0.62 -2.22 -2.50
N GLU A 34 -0.71 -2.27 -2.47
CA GLU A 34 -1.41 -3.31 -1.75
C GLU A 34 -1.66 -4.52 -2.65
N SER A 35 -1.15 -5.67 -2.24
CA SER A 35 -1.30 -6.89 -3.01
C SER A 35 -2.58 -7.64 -2.63
N GLY A 36 -3.63 -7.44 -3.43
CA GLY A 36 -4.89 -8.11 -3.16
C GLY A 36 -5.97 -7.15 -2.70
N PHE A 37 -6.52 -6.40 -3.65
CA PHE A 37 -7.58 -5.43 -3.34
C PHE A 37 -8.90 -5.89 -3.95
N MET A 38 -9.03 -5.69 -5.26
CA MET A 38 -10.24 -6.07 -5.96
C MET A 38 -9.93 -7.03 -7.11
N MET A 39 -8.65 -7.16 -7.44
CA MET A 39 -8.23 -8.05 -8.51
C MET A 39 -7.92 -9.44 -7.97
N MET A 40 -7.62 -9.48 -6.66
CA MET A 40 -7.29 -10.73 -5.95
C MET A 40 -5.92 -10.63 -5.28
N LYS A 41 -4.95 -10.08 -6.01
CA LYS A 41 -3.60 -9.94 -5.47
C LYS A 41 -2.81 -8.86 -6.22
N ASN A 42 -3.52 -7.97 -6.90
CA ASN A 42 -2.88 -6.89 -7.64
C ASN A 42 -2.19 -5.91 -6.69
N CYS A 43 -1.11 -5.30 -7.15
CA CYS A 43 -0.38 -4.34 -6.33
C CYS A 43 -0.84 -2.93 -6.63
N MET A 44 -1.66 -2.38 -5.75
CA MET A 44 -2.19 -1.04 -5.93
C MET A 44 -1.96 -0.19 -4.70
N ASP A 45 -1.17 0.88 -4.85
CA ASP A 45 -0.84 1.78 -3.76
C ASP A 45 -1.86 1.71 -2.63
N ILE A 46 -1.47 1.03 -1.55
CA ILE A 46 -2.32 0.87 -0.39
C ILE A 46 -2.96 2.20 0.03
N ASP A 47 -3.72 2.15 1.12
CA ASP A 47 -4.38 3.35 1.63
C ASP A 47 -3.55 3.98 2.74
N GLU A 48 -2.43 4.61 2.37
CA GLU A 48 -1.57 5.25 3.35
C GLU A 48 -2.37 6.19 4.24
N CYS A 49 -3.53 6.60 3.75
CA CYS A 49 -4.40 7.49 4.50
C CYS A 49 -5.14 6.74 5.60
N GLN A 50 -5.02 5.41 5.57
CA GLN A 50 -5.66 4.56 6.55
C GLN A 50 -4.63 3.76 7.34
N ARG A 51 -3.47 3.56 6.74
CA ARG A 51 -2.40 2.80 7.37
C ARG A 51 -2.07 3.34 8.76
N ASP A 52 -2.39 4.62 8.99
CA ASP A 52 -2.12 5.24 10.28
C ASP A 52 -3.40 5.83 10.88
N PRO A 53 -3.58 5.68 12.20
CA PRO A 53 -4.74 6.19 12.91
C PRO A 53 -4.64 7.69 13.19
N LEU A 54 -3.46 8.25 12.93
CA LEU A 54 -3.22 9.67 13.15
C LEU A 54 -2.84 10.35 11.84
N LEU A 55 -2.67 9.54 10.79
CA LEU A 55 -2.31 10.06 9.48
C LEU A 55 -3.22 11.20 9.09
N CYS A 56 -2.67 12.40 9.02
CA CYS A 56 -3.45 13.58 8.67
C CYS A 56 -4.67 13.67 9.58
N ARG A 57 -4.58 13.03 10.74
CA ARG A 57 -5.66 13.03 11.71
C ARG A 57 -6.33 14.40 11.76
N GLY A 58 -5.51 15.45 11.66
CA GLY A 58 -6.02 16.80 11.68
C GLY A 58 -5.60 17.58 10.45
N GLY A 59 -5.31 16.87 9.38
CA GLY A 59 -4.87 17.50 8.15
C GLY A 59 -5.54 16.90 6.93
N VAL A 60 -4.73 16.58 5.92
CA VAL A 60 -5.25 16.00 4.68
C VAL A 60 -4.36 14.86 4.21
N CYS A 61 -4.96 13.71 3.93
CA CYS A 61 -4.23 12.56 3.46
C CYS A 61 -4.30 12.43 1.94
N HIS A 62 -3.31 12.97 1.26
CA HIS A 62 -3.26 12.92 -0.20
C HIS A 62 -2.57 11.64 -0.67
N ASN A 63 -3.14 10.50 -0.29
CA ASN A 63 -2.59 9.21 -0.66
C ASN A 63 -2.22 9.17 -2.14
N THR A 64 -0.91 9.07 -2.41
CA THR A 64 -0.41 9.03 -3.77
C THR A 64 0.12 7.64 -4.12
N GLU A 65 0.91 7.56 -5.17
CA GLU A 65 1.50 6.30 -5.61
C GLU A 65 2.79 6.00 -4.85
N GLY A 66 2.85 4.82 -4.26
CA GLY A 66 4.03 4.43 -3.51
C GLY A 66 4.37 5.40 -2.40
N SER A 67 3.35 6.05 -1.86
CA SER A 67 3.54 7.02 -0.78
C SER A 67 2.26 7.83 -0.54
N TYR A 68 2.37 8.84 0.31
CA TYR A 68 1.22 9.69 0.62
C TYR A 68 1.67 11.06 1.13
N ARG A 69 0.89 12.08 0.83
CA ARG A 69 1.21 13.44 1.25
C ARG A 69 0.26 13.92 2.33
N CYS A 70 0.80 14.19 3.51
CA CYS A 70 0.00 14.68 4.64
C CYS A 70 0.13 16.19 4.75
N GLU A 71 -1.01 16.86 4.96
CA GLU A 71 -1.03 18.32 5.05
C GLU A 71 -2.16 18.80 5.96
N CYS A 72 -1.82 19.61 6.96
CA CYS A 72 -2.81 20.15 7.88
C CYS A 72 -4.00 20.76 7.13
N PRO A 73 -3.74 21.57 6.08
CA PRO A 73 -2.37 21.89 5.61
C PRO A 73 -1.64 22.89 6.52
N PRO A 74 -2.17 24.11 6.71
CA PRO A 74 -1.53 25.14 7.52
C PRO A 74 -1.85 25.02 9.01
N GLY A 75 -1.74 26.14 9.73
CA GLY A 75 -2.02 26.13 11.14
C GLY A 75 -1.33 24.99 11.85
N HIS A 76 -0.11 24.68 11.41
CA HIS A 76 0.65 23.59 11.99
C HIS A 76 1.76 23.12 11.06
N GLN A 77 2.30 21.96 11.36
CA GLN A 77 3.37 21.36 10.56
C GLN A 77 3.12 19.87 10.43
N LEU A 78 2.19 19.51 9.55
CA LEU A 78 1.84 18.12 9.35
C LEU A 78 3.05 17.27 8.99
N SER A 79 3.47 16.46 9.95
CA SER A 79 4.61 15.57 9.77
C SER A 79 4.46 14.73 8.52
N PRO A 80 5.46 14.80 7.62
CA PRO A 80 5.44 14.05 6.36
C PRO A 80 5.75 12.57 6.53
N ASN A 81 4.75 11.73 6.30
CA ASN A 81 4.89 10.28 6.40
C ASN A 81 4.98 9.81 7.85
N ILE A 82 4.64 10.68 8.79
CA ILE A 82 4.67 10.32 10.21
C ILE A 82 3.27 10.02 10.69
N SER A 83 2.32 10.89 10.31
CA SER A 83 0.91 10.73 10.66
C SER A 83 0.54 11.44 11.96
N ALA A 84 0.34 12.76 11.88
CA ALA A 84 -0.07 13.56 13.04
C ALA A 84 0.36 15.02 12.90
N CYS A 85 -0.59 15.90 12.56
CA CYS A 85 -0.29 17.31 12.41
C CYS A 85 0.45 17.85 13.64
N ILE A 86 1.55 18.55 13.39
CA ILE A 86 2.35 19.12 14.47
C ILE A 86 2.58 20.60 14.26
N THR A 1 -1.99 -30.23 -4.14
CA THR A 1 -2.02 -29.25 -5.22
C THR A 1 -0.83 -28.30 -5.11
N ASP A 2 -1.03 -27.20 -4.38
CA ASP A 2 0.03 -26.22 -4.19
C ASP A 2 0.77 -25.96 -5.50
N ILE A 3 0.30 -24.99 -6.27
CA ILE A 3 0.92 -24.65 -7.54
C ILE A 3 2.00 -23.58 -7.35
N ASP A 4 2.43 -22.97 -8.45
CA ASP A 4 3.45 -21.94 -8.39
C ASP A 4 2.84 -20.55 -8.16
N GLU A 5 1.84 -20.23 -8.95
CA GLU A 5 1.15 -18.94 -8.84
C GLU A 5 2.03 -17.82 -9.37
N CYS A 6 3.23 -17.70 -8.83
CA CYS A 6 4.17 -16.66 -9.25
C CYS A 6 4.56 -16.85 -10.70
N ARG A 7 4.44 -18.08 -11.19
CA ARG A 7 4.78 -18.39 -12.57
C ARG A 7 3.74 -17.81 -13.51
N ILE A 8 2.49 -17.74 -13.05
CA ILE A 8 1.41 -17.19 -13.85
C ILE A 8 1.86 -15.90 -14.53
N SER A 9 2.63 -15.11 -13.80
CA SER A 9 3.13 -13.85 -14.31
C SER A 9 4.30 -13.34 -13.47
N PRO A 10 5.19 -12.54 -14.07
CA PRO A 10 6.34 -11.99 -13.38
C PRO A 10 5.97 -10.69 -12.68
N ASP A 11 4.87 -10.10 -13.10
CA ASP A 11 4.39 -8.85 -12.53
C ASP A 11 3.08 -9.10 -11.78
N LEU A 12 2.92 -10.33 -11.32
CA LEU A 12 1.71 -10.71 -10.58
C LEU A 12 1.28 -9.62 -9.61
N CYS A 13 2.22 -9.11 -8.83
CA CYS A 13 1.94 -8.08 -7.84
C CYS A 13 1.93 -6.69 -8.48
N GLY A 14 1.95 -6.66 -9.81
CA GLY A 14 1.95 -5.40 -10.53
C GLY A 14 3.15 -4.52 -10.21
N ARG A 15 4.13 -5.09 -9.51
CA ARG A 15 5.34 -4.34 -9.15
C ARG A 15 6.08 -5.04 -8.01
N GLY A 16 5.32 -5.61 -7.08
CA GLY A 16 5.91 -6.29 -5.94
C GLY A 16 6.63 -7.56 -6.34
N GLN A 17 6.71 -8.49 -5.39
CA GLN A 17 7.37 -9.77 -5.63
C GLN A 17 6.50 -10.92 -5.14
N CYS A 18 5.83 -11.58 -6.08
CA CYS A 18 4.96 -12.71 -5.76
C CYS A 18 5.72 -13.79 -5.00
N VAL A 19 5.01 -14.52 -4.14
CA VAL A 19 5.60 -15.60 -3.36
C VAL A 19 4.74 -16.85 -3.44
N ASN A 20 5.38 -18.01 -3.26
CA ASN A 20 4.67 -19.28 -3.31
C ASN A 20 4.19 -19.70 -1.93
N THR A 21 3.00 -20.29 -1.87
CA THR A 21 2.43 -20.74 -0.62
C THR A 21 1.57 -21.98 -0.82
N PRO A 22 1.47 -22.84 0.21
CA PRO A 22 0.68 -24.07 0.14
C PRO A 22 -0.74 -23.81 -0.36
N GLY A 23 -0.98 -24.15 -1.63
CA GLY A 23 -2.29 -23.95 -2.21
C GLY A 23 -2.67 -22.48 -2.26
N ASP A 24 -1.70 -21.63 -2.58
CA ASP A 24 -1.93 -20.20 -2.66
C ASP A 24 -0.64 -19.46 -3.02
N PHE A 25 -0.65 -18.14 -2.84
CA PHE A 25 0.51 -17.33 -3.16
C PHE A 25 0.30 -15.89 -2.69
N GLU A 26 1.34 -15.29 -2.14
CA GLU A 26 1.27 -13.91 -1.66
C GLU A 26 1.99 -12.96 -2.60
N CYS A 27 2.58 -11.91 -2.05
CA CYS A 27 3.30 -10.92 -2.85
C CYS A 27 4.08 -9.96 -1.97
N LYS A 28 5.08 -9.32 -2.56
CA LYS A 28 5.91 -8.35 -1.84
C LYS A 28 5.87 -6.99 -2.53
N CYS A 29 4.73 -6.32 -2.44
CA CYS A 29 4.57 -5.01 -3.06
C CYS A 29 5.72 -4.08 -2.70
N ASP A 30 5.62 -2.83 -3.12
CA ASP A 30 6.66 -1.84 -2.86
C ASP A 30 6.08 -0.60 -2.18
N GLU A 31 6.79 0.52 -2.33
CA GLU A 31 6.40 1.80 -1.74
C GLU A 31 5.21 1.69 -0.80
N GLY A 32 4.03 1.52 -1.37
CA GLY A 32 2.83 1.39 -0.56
C GLY A 32 1.71 0.70 -1.30
N TYR A 33 2.08 -0.18 -2.21
CA TYR A 33 1.10 -0.92 -3.00
C TYR A 33 0.52 -2.08 -2.19
N GLU A 34 -0.72 -2.44 -2.50
CA GLU A 34 -1.39 -3.54 -1.81
C GLU A 34 -1.61 -4.71 -2.75
N SER A 35 -1.18 -5.89 -2.32
CA SER A 35 -1.33 -7.11 -3.12
C SER A 35 -2.72 -7.71 -2.95
N GLY A 36 -3.64 -7.33 -3.83
CA GLY A 36 -4.98 -7.85 -3.77
C GLY A 36 -6.00 -6.77 -3.44
N PHE A 37 -6.03 -5.74 -4.26
CA PHE A 37 -6.97 -4.64 -4.06
C PHE A 37 -8.37 -5.04 -4.52
N MET A 38 -8.44 -6.00 -5.43
CA MET A 38 -9.72 -6.47 -5.95
C MET A 38 -9.55 -7.14 -7.31
N MET A 39 -8.49 -6.76 -8.02
CA MET A 39 -8.22 -7.32 -9.33
C MET A 39 -7.71 -8.77 -9.21
N MET A 40 -6.99 -9.04 -8.13
CA MET A 40 -6.45 -10.38 -7.90
C MET A 40 -5.39 -10.35 -6.81
N LYS A 41 -4.31 -9.63 -7.08
CA LYS A 41 -3.22 -9.51 -6.12
C LYS A 41 -2.11 -8.59 -6.64
N ASN A 42 -2.50 -7.61 -7.47
CA ASN A 42 -1.54 -6.67 -8.01
C ASN A 42 -1.15 -5.63 -6.97
N CYS A 43 -0.27 -4.71 -7.34
CA CYS A 43 0.16 -3.67 -6.42
C CYS A 43 -0.69 -2.42 -6.56
N MET A 44 -1.55 -2.19 -5.56
CA MET A 44 -2.44 -1.04 -5.57
C MET A 44 -2.25 -0.20 -4.30
N ASP A 45 -1.52 0.89 -4.44
CA ASP A 45 -1.24 1.81 -3.34
C ASP A 45 -2.27 1.68 -2.21
N ILE A 46 -1.88 0.98 -1.15
CA ILE A 46 -2.74 0.77 -0.01
C ILE A 46 -3.35 2.08 0.46
N ASP A 47 -4.06 2.04 1.59
CA ASP A 47 -4.69 3.22 2.14
C ASP A 47 -3.79 3.87 3.18
N GLU A 48 -2.71 4.48 2.72
CA GLU A 48 -1.76 5.13 3.62
C GLU A 48 -2.47 6.04 4.61
N CYS A 49 -3.66 6.50 4.25
CA CYS A 49 -4.43 7.38 5.13
C CYS A 49 -5.09 6.59 6.25
N GLN A 50 -5.02 5.27 6.15
CA GLN A 50 -5.60 4.39 7.15
C GLN A 50 -4.51 3.57 7.85
N ARG A 51 -3.38 3.44 7.18
CA ARG A 51 -2.25 2.69 7.72
C ARG A 51 -1.80 3.27 9.05
N ASP A 52 -1.92 4.58 9.20
CA ASP A 52 -1.52 5.25 10.43
C ASP A 52 -2.72 5.89 11.11
N PRO A 53 -2.77 5.81 12.44
CA PRO A 53 -3.86 6.38 13.24
C PRO A 53 -3.69 7.88 13.46
N LEU A 54 -2.56 8.41 13.00
CA LEU A 54 -2.27 9.83 13.13
C LEU A 54 -1.89 10.42 11.79
N LEU A 55 -1.89 9.60 10.75
CA LEU A 55 -1.55 10.04 9.41
C LEU A 55 -2.30 11.32 9.04
N CYS A 56 -1.55 12.39 8.84
CA CYS A 56 -2.14 13.69 8.50
C CYS A 56 -3.28 14.02 9.44
N ARG A 57 -3.28 13.40 10.62
CA ARG A 57 -4.31 13.64 11.61
C ARG A 57 -4.30 15.09 12.07
N GLY A 58 -5.03 15.93 11.35
CA GLY A 58 -5.09 17.34 11.69
C GLY A 58 -5.39 18.19 10.48
N GLY A 59 -5.06 17.68 9.29
CA GLY A 59 -5.31 18.42 8.07
C GLY A 59 -6.05 17.61 7.03
N VAL A 60 -5.30 17.05 6.08
CA VAL A 60 -5.91 16.26 5.01
C VAL A 60 -4.97 15.17 4.51
N CYS A 61 -5.44 13.93 4.54
CA CYS A 61 -4.65 12.80 4.06
C CYS A 61 -4.87 12.58 2.57
N HIS A 62 -3.94 13.06 1.76
CA HIS A 62 -4.03 12.92 0.31
C HIS A 62 -3.37 11.64 -0.16
N ASN A 63 -3.86 10.51 0.34
CA ASN A 63 -3.32 9.21 -0.04
C ASN A 63 -3.12 9.12 -1.54
N THR A 64 -1.88 8.93 -1.96
CA THR A 64 -1.54 8.83 -3.37
C THR A 64 -0.93 7.46 -3.69
N GLU A 65 -0.43 7.32 -4.91
CA GLU A 65 0.18 6.07 -5.34
C GLU A 65 1.54 5.85 -4.69
N GLY A 66 1.84 4.61 -4.35
CA GLY A 66 3.11 4.29 -3.71
C GLY A 66 3.58 5.38 -2.78
N SER A 67 2.63 6.08 -2.16
CA SER A 67 2.95 7.15 -1.22
C SER A 67 1.71 8.00 -0.95
N TYR A 68 1.84 8.95 -0.04
CA TYR A 68 0.71 9.82 0.31
C TYR A 68 1.18 11.21 0.68
N ARG A 69 0.23 12.14 0.73
CA ARG A 69 0.52 13.52 1.06
C ARG A 69 -0.29 13.97 2.27
N CYS A 70 0.38 14.13 3.40
CA CYS A 70 -0.28 14.56 4.63
C CYS A 70 -0.29 16.08 4.72
N GLU A 71 -1.48 16.65 4.71
CA GLU A 71 -1.64 18.09 4.82
C GLU A 71 -2.04 18.44 6.24
N CYS A 72 -1.51 19.55 6.74
CA CYS A 72 -1.78 19.99 8.11
C CYS A 72 -3.16 20.66 8.23
N PRO A 73 -3.61 21.42 7.20
CA PRO A 73 -2.85 21.62 5.94
C PRO A 73 -1.67 22.57 6.13
N PRO A 74 -1.07 23.01 5.01
CA PRO A 74 0.08 23.92 5.03
C PRO A 74 -0.06 25.02 6.09
N GLY A 75 1.01 25.80 6.25
CA GLY A 75 1.01 26.84 7.25
C GLY A 75 1.39 26.31 8.61
N HIS A 76 1.76 25.04 8.64
CA HIS A 76 2.15 24.37 9.88
C HIS A 76 3.35 23.45 9.60
N GLN A 77 3.34 22.23 10.16
CA GLN A 77 4.45 21.31 9.94
C GLN A 77 3.98 19.86 9.99
N LEU A 78 3.49 19.35 8.86
CA LEU A 78 3.00 17.98 8.79
C LEU A 78 4.11 17.02 8.38
N SER A 79 4.33 16.02 9.22
CA SER A 79 5.34 15.01 8.94
C SER A 79 5.17 14.46 7.53
N PRO A 80 6.21 14.56 6.70
CA PRO A 80 6.18 14.08 5.33
C PRO A 80 5.40 12.79 5.17
N ASN A 81 5.64 11.84 6.08
CA ASN A 81 4.94 10.56 6.04
C ASN A 81 5.07 9.83 7.37
N ILE A 82 5.27 10.58 8.45
CA ILE A 82 5.40 10.00 9.78
C ILE A 82 4.02 9.84 10.42
N SER A 83 3.09 10.69 10.01
CA SER A 83 1.72 10.64 10.51
C SER A 83 1.54 11.45 11.79
N ALA A 84 1.25 12.75 11.64
CA ALA A 84 1.03 13.63 12.80
C ALA A 84 1.34 15.10 12.50
N CYS A 85 0.39 15.82 11.92
CA CYS A 85 0.58 17.23 11.62
C CYS A 85 1.38 17.91 12.74
N ILE A 86 2.10 18.97 12.41
CA ILE A 86 2.90 19.68 13.41
C ILE A 86 3.20 21.09 12.95
N THR A 1 -3.99 -29.07 -5.17
CA THR A 1 -2.85 -29.46 -4.34
C THR A 1 -1.84 -28.33 -4.23
N ASP A 2 -1.62 -27.62 -5.34
CA ASP A 2 -0.68 -26.52 -5.36
C ASP A 2 -0.23 -26.23 -6.80
N ILE A 3 -1.04 -25.46 -7.52
CA ILE A 3 -0.73 -25.11 -8.90
C ILE A 3 0.09 -23.82 -8.96
N ASP A 4 0.78 -23.62 -10.07
CA ASP A 4 1.59 -22.42 -10.24
C ASP A 4 0.72 -21.20 -10.53
N GLU A 5 0.30 -20.52 -9.48
CA GLU A 5 -0.52 -19.33 -9.63
C GLU A 5 0.32 -18.17 -10.13
N CYS A 6 1.62 -18.25 -9.92
CA CYS A 6 2.55 -17.22 -10.36
C CYS A 6 2.70 -17.26 -11.87
N ARG A 7 2.90 -18.45 -12.42
CA ARG A 7 3.05 -18.61 -13.86
C ARG A 7 1.90 -17.91 -14.56
N ILE A 8 0.73 -17.90 -13.91
CA ILE A 8 -0.45 -17.26 -14.47
C ILE A 8 -0.13 -15.81 -14.85
N SER A 9 0.36 -15.06 -13.88
CA SER A 9 0.70 -13.66 -14.10
C SER A 9 1.96 -13.29 -13.32
N PRO A 10 2.99 -12.81 -14.03
CA PRO A 10 4.25 -12.40 -13.40
C PRO A 10 4.05 -11.17 -12.55
N ASP A 11 2.96 -10.46 -12.83
CA ASP A 11 2.61 -9.25 -12.09
C ASP A 11 1.27 -9.45 -11.39
N LEU A 12 0.95 -10.71 -11.12
CA LEU A 12 -0.31 -11.06 -10.46
C LEU A 12 -0.66 -10.08 -9.34
N CYS A 13 0.33 -9.73 -8.53
CA CYS A 13 0.11 -8.82 -7.41
C CYS A 13 0.21 -7.37 -7.86
N GLY A 14 0.14 -7.15 -9.16
CA GLY A 14 0.20 -5.80 -9.71
C GLY A 14 1.50 -5.08 -9.41
N ARG A 15 2.45 -5.79 -8.81
CA ARG A 15 3.75 -5.18 -8.46
C ARG A 15 4.60 -6.16 -7.66
N GLY A 16 4.08 -6.55 -6.50
CA GLY A 16 4.79 -7.47 -5.64
C GLY A 16 5.31 -8.68 -6.39
N GLN A 17 6.24 -9.41 -5.76
CA GLN A 17 6.81 -10.60 -6.36
C GLN A 17 6.02 -11.84 -5.95
N CYS A 18 4.95 -12.10 -6.69
CA CYS A 18 4.10 -13.25 -6.40
C CYS A 18 4.93 -14.51 -6.12
N VAL A 19 4.40 -15.38 -5.26
CA VAL A 19 5.06 -16.61 -4.90
C VAL A 19 4.06 -17.77 -4.92
N ASN A 20 4.58 -19.00 -4.94
CA ASN A 20 3.74 -20.18 -4.96
C ASN A 20 3.46 -20.67 -3.54
N THR A 21 2.27 -21.22 -3.33
CA THR A 21 1.88 -21.73 -2.03
C THR A 21 0.87 -22.87 -2.17
N PRO A 22 0.80 -23.75 -1.15
CA PRO A 22 -0.13 -24.89 -1.15
C PRO A 22 -1.57 -24.44 -1.36
N GLY A 23 -2.10 -24.71 -2.55
CA GLY A 23 -3.46 -24.32 -2.85
C GLY A 23 -3.67 -22.83 -2.72
N ASP A 24 -2.70 -22.06 -3.19
CA ASP A 24 -2.76 -20.61 -3.14
C ASP A 24 -1.46 -19.98 -3.61
N PHE A 25 -1.30 -18.69 -3.36
CA PHE A 25 -0.10 -17.97 -3.77
C PHE A 25 0.00 -16.63 -3.05
N GLU A 26 1.24 -16.22 -2.75
CA GLU A 26 1.48 -14.95 -2.08
C GLU A 26 2.31 -14.04 -2.98
N CYS A 27 2.83 -12.95 -2.42
CA CYS A 27 3.64 -12.03 -3.21
C CYS A 27 4.39 -11.04 -2.33
N LYS A 28 5.49 -10.53 -2.85
CA LYS A 28 6.32 -9.56 -2.14
C LYS A 28 6.05 -8.15 -2.65
N CYS A 29 4.92 -7.59 -2.26
CA CYS A 29 4.53 -6.25 -2.70
C CYS A 29 5.71 -5.29 -2.70
N ASP A 30 5.49 -4.12 -3.29
CA ASP A 30 6.52 -3.09 -3.39
C ASP A 30 6.47 -2.14 -2.20
N GLU A 31 6.90 -0.90 -2.42
CA GLU A 31 6.92 0.12 -1.38
C GLU A 31 5.75 -0.05 -0.41
N GLY A 32 4.66 0.68 -0.64
CA GLY A 32 3.51 0.57 0.25
C GLY A 32 2.30 0.00 -0.46
N TYR A 33 2.53 -0.96 -1.34
CA TYR A 33 1.44 -1.59 -2.07
C TYR A 33 0.92 -2.80 -1.31
N GLU A 34 -0.37 -2.79 -1.00
CA GLU A 34 -0.98 -3.90 -0.26
C GLU A 34 -1.64 -4.89 -1.22
N SER A 35 -1.28 -6.17 -1.07
CA SER A 35 -1.83 -7.22 -1.91
C SER A 35 -3.17 -7.70 -1.40
N GLY A 36 -4.25 -7.13 -1.95
CA GLY A 36 -5.58 -7.51 -1.52
C GLY A 36 -6.41 -6.33 -1.06
N PHE A 37 -6.19 -5.18 -1.71
CA PHE A 37 -6.92 -3.97 -1.36
C PHE A 37 -8.42 -4.19 -1.44
N MET A 38 -8.83 -5.26 -2.12
CA MET A 38 -10.24 -5.59 -2.26
C MET A 38 -10.47 -6.50 -3.47
N MET A 39 -9.53 -6.48 -4.41
CA MET A 39 -9.63 -7.30 -5.62
C MET A 39 -9.30 -8.75 -5.30
N MET A 40 -8.42 -8.94 -4.30
CA MET A 40 -7.98 -10.27 -3.85
C MET A 40 -6.46 -10.31 -3.72
N LYS A 41 -5.77 -9.71 -4.67
CA LYS A 41 -4.32 -9.68 -4.66
C LYS A 41 -3.76 -8.97 -5.89
N ASN A 42 -3.31 -7.74 -5.69
CA ASN A 42 -2.74 -6.94 -6.78
C ASN A 42 -2.03 -5.73 -6.19
N CYS A 43 -1.16 -5.99 -5.21
CA CYS A 43 -0.39 -4.94 -4.52
C CYS A 43 -0.79 -3.54 -4.95
N MET A 44 -1.61 -2.90 -4.12
CA MET A 44 -2.10 -1.56 -4.40
C MET A 44 -1.79 -0.62 -3.24
N ASP A 45 -0.92 0.35 -3.48
CA ASP A 45 -0.52 1.34 -2.47
C ASP A 45 -1.53 1.44 -1.35
N ILE A 46 -1.21 0.81 -0.23
CA ILE A 46 -2.05 0.81 0.96
C ILE A 46 -2.66 2.18 1.24
N ASP A 47 -3.50 2.23 2.26
CA ASP A 47 -4.15 3.47 2.65
C ASP A 47 -3.34 4.19 3.73
N GLU A 48 -2.25 4.82 3.32
CA GLU A 48 -1.39 5.54 4.26
C GLU A 48 -2.22 6.46 5.16
N CYS A 49 -3.38 6.86 4.66
CA CYS A 49 -4.27 7.74 5.41
C CYS A 49 -4.97 6.97 6.52
N GLN A 50 -4.81 5.66 6.52
CA GLN A 50 -5.41 4.81 7.53
C GLN A 50 -4.35 4.08 8.34
N ARG A 51 -3.19 3.87 7.72
CA ARG A 51 -2.08 3.20 8.37
C ARG A 51 -1.70 3.89 9.67
N ASP A 52 -1.91 5.19 9.73
CA ASP A 52 -1.59 5.98 10.92
C ASP A 52 -2.85 6.64 11.48
N PRO A 53 -2.99 6.61 12.81
CA PRO A 53 -4.14 7.22 13.50
C PRO A 53 -3.98 8.72 13.67
N LEU A 54 -2.83 9.23 13.26
CA LEU A 54 -2.55 10.65 13.35
C LEU A 54 -2.27 11.24 11.96
N LEU A 55 -2.10 10.36 10.99
CA LEU A 55 -1.84 10.79 9.62
C LEU A 55 -2.84 11.83 9.18
N CYS A 56 -2.35 13.05 8.95
CA CYS A 56 -3.21 14.14 8.53
C CYS A 56 -4.40 14.28 9.48
N ARG A 57 -4.23 13.75 10.68
CA ARG A 57 -5.27 13.80 11.70
C ARG A 57 -5.96 15.16 11.69
N GLY A 58 -5.22 16.19 11.28
CA GLY A 58 -5.77 17.53 11.22
C GLY A 58 -5.63 18.14 9.84
N GLY A 59 -4.90 17.45 8.97
CA GLY A 59 -4.70 17.94 7.62
C GLY A 59 -5.37 17.06 6.58
N VAL A 60 -4.82 17.06 5.37
CA VAL A 60 -5.38 16.25 4.29
C VAL A 60 -4.42 15.12 3.90
N CYS A 61 -4.95 13.90 3.82
CA CYS A 61 -4.13 12.76 3.47
C CYS A 61 -4.24 12.45 1.97
N HIS A 62 -3.22 12.86 1.22
CA HIS A 62 -3.20 12.63 -0.22
C HIS A 62 -2.53 11.30 -0.53
N ASN A 63 -3.13 10.22 -0.07
CA ASN A 63 -2.60 8.88 -0.31
C ASN A 63 -2.18 8.73 -1.76
N THR A 64 -0.87 8.66 -1.98
CA THR A 64 -0.32 8.50 -3.32
C THR A 64 0.26 7.11 -3.52
N GLU A 65 0.81 6.86 -4.70
CA GLU A 65 1.40 5.57 -5.01
C GLU A 65 2.59 5.28 -4.10
N GLY A 66 2.60 4.10 -3.48
CA GLY A 66 3.68 3.74 -2.59
C GLY A 66 4.12 4.89 -1.71
N SER A 67 3.19 5.79 -1.40
CA SER A 67 3.49 6.94 -0.57
C SER A 67 2.21 7.64 -0.12
N TYR A 68 2.35 8.82 0.46
CA TYR A 68 1.21 9.58 0.93
C TYR A 68 1.63 10.99 1.35
N ARG A 69 0.80 11.97 1.02
CA ARG A 69 1.10 13.36 1.34
C ARG A 69 0.16 13.88 2.43
N CYS A 70 0.59 14.94 3.10
CA CYS A 70 -0.20 15.54 4.17
C CYS A 70 -0.27 17.06 3.98
N GLU A 71 -1.42 17.65 4.30
CA GLU A 71 -1.60 19.10 4.14
C GLU A 71 -2.37 19.70 5.32
N CYS A 72 -1.72 20.62 6.03
CA CYS A 72 -2.34 21.28 7.17
C CYS A 72 -3.31 22.39 6.73
N PRO A 73 -3.02 23.07 5.60
CA PRO A 73 -1.85 22.81 4.74
C PRO A 73 -0.54 23.13 5.44
N PRO A 74 0.59 22.77 4.80
CA PRO A 74 1.92 23.03 5.34
C PRO A 74 2.02 24.35 6.09
N GLY A 75 1.17 25.32 5.73
CA GLY A 75 1.19 26.60 6.40
C GLY A 75 1.47 26.44 7.88
N HIS A 76 1.03 25.31 8.43
CA HIS A 76 1.22 24.99 9.83
C HIS A 76 2.54 24.24 10.02
N GLN A 77 2.51 23.07 10.66
CA GLN A 77 3.71 22.28 10.86
C GLN A 77 3.35 20.81 10.74
N LEU A 78 2.80 20.46 9.57
CA LEU A 78 2.36 19.10 9.31
C LEU A 78 3.52 18.22 8.88
N SER A 79 3.91 17.31 9.76
CA SER A 79 4.99 16.38 9.48
C SER A 79 4.86 15.83 8.06
N PRO A 80 5.98 15.81 7.32
CA PRO A 80 5.99 15.31 5.93
C PRO A 80 5.37 13.93 5.81
N ASN A 81 6.05 12.93 6.36
CA ASN A 81 5.56 11.55 6.30
C ASN A 81 5.52 10.94 7.69
N ILE A 82 5.31 11.79 8.69
CA ILE A 82 5.25 11.33 10.07
C ILE A 82 3.81 11.12 10.51
N SER A 83 2.87 11.65 9.72
CA SER A 83 1.45 11.51 9.99
C SER A 83 1.04 12.23 11.29
N ALA A 84 0.70 13.52 11.17
CA ALA A 84 0.28 14.30 12.33
C ALA A 84 0.55 15.79 12.13
N CYS A 85 -0.50 16.54 11.79
CA CYS A 85 -0.37 17.98 11.61
C CYS A 85 0.22 18.62 12.86
N ILE A 86 1.02 19.68 12.68
CA ILE A 86 1.63 20.35 13.83
C ILE A 86 1.90 21.81 13.54
N THR A 1 -6.01 -28.86 -6.93
CA THR A 1 -5.40 -28.82 -5.60
C THR A 1 -4.28 -27.79 -5.55
N ASP A 2 -3.85 -27.32 -6.71
CA ASP A 2 -2.79 -26.32 -6.79
C ASP A 2 -2.54 -25.91 -8.24
N ILE A 3 -2.96 -24.69 -8.58
CA ILE A 3 -2.78 -24.17 -9.92
C ILE A 3 -1.89 -22.93 -9.91
N ASP A 4 -1.40 -22.55 -11.08
CA ASP A 4 -0.54 -21.38 -11.20
C ASP A 4 -1.36 -20.10 -11.24
N GLU A 5 -1.29 -19.33 -10.16
CA GLU A 5 -2.01 -18.07 -10.07
C GLU A 5 -1.12 -16.93 -10.54
N CYS A 6 0.18 -17.14 -10.46
CA CYS A 6 1.15 -16.14 -10.88
C CYS A 6 1.15 -16.00 -12.40
N ARG A 7 1.15 -17.13 -13.09
CA ARG A 7 1.14 -17.12 -14.55
C ARG A 7 0.01 -16.25 -15.06
N ILE A 8 -1.11 -16.26 -14.33
CA ILE A 8 -2.27 -15.47 -14.70
C ILE A 8 -1.83 -14.08 -15.17
N SER A 9 -0.83 -13.54 -14.48
CA SER A 9 -0.31 -12.22 -14.81
C SER A 9 1.06 -12.01 -14.17
N PRO A 10 1.92 -11.21 -14.81
CA PRO A 10 3.25 -10.92 -14.31
C PRO A 10 3.25 -9.74 -13.35
N ASP A 11 2.16 -8.97 -13.38
CA ASP A 11 2.02 -7.81 -12.52
C ASP A 11 0.98 -8.08 -11.44
N LEU A 12 0.71 -9.36 -11.21
CA LEU A 12 -0.27 -9.77 -10.20
C LEU A 12 -0.16 -8.92 -8.94
N CYS A 13 1.06 -8.80 -8.42
CA CYS A 13 1.32 -8.03 -7.21
C CYS A 13 1.02 -6.55 -7.41
N GLY A 14 0.78 -6.16 -8.66
CA GLY A 14 0.48 -4.77 -8.96
C GLY A 14 1.64 -3.84 -8.63
N ARG A 15 2.78 -4.41 -8.25
CA ARG A 15 3.96 -3.62 -7.90
C ARG A 15 5.06 -4.52 -7.33
N GLY A 16 4.67 -5.43 -6.45
CA GLY A 16 5.63 -6.33 -5.84
C GLY A 16 5.96 -7.51 -6.72
N GLN A 17 6.06 -8.69 -6.10
CA GLN A 17 6.38 -9.91 -6.83
C GLN A 17 5.50 -11.07 -6.37
N CYS A 18 4.61 -11.51 -7.24
CA CYS A 18 3.70 -12.61 -6.92
C CYS A 18 4.46 -13.93 -6.80
N VAL A 19 3.90 -14.86 -6.04
CA VAL A 19 4.51 -16.18 -5.86
C VAL A 19 3.45 -17.27 -5.85
N ASN A 20 3.88 -18.50 -6.08
CA ASN A 20 2.96 -19.65 -6.11
C ASN A 20 2.82 -20.28 -4.73
N THR A 21 1.70 -20.96 -4.52
CA THR A 21 1.42 -21.63 -3.25
C THR A 21 0.42 -22.76 -3.43
N PRO A 22 0.45 -23.75 -2.53
CA PRO A 22 -0.48 -24.89 -2.59
C PRO A 22 -1.93 -24.46 -2.64
N GLY A 23 -2.57 -24.66 -3.79
CA GLY A 23 -3.96 -24.28 -3.95
C GLY A 23 -4.17 -22.80 -3.70
N ASP A 24 -3.25 -21.97 -4.20
CA ASP A 24 -3.33 -20.54 -4.02
C ASP A 24 -2.03 -19.87 -4.47
N PHE A 25 -1.83 -18.63 -4.04
CA PHE A 25 -0.62 -17.90 -4.40
C PHE A 25 -0.43 -16.69 -3.49
N GLU A 26 0.82 -16.42 -3.13
CA GLU A 26 1.13 -15.30 -2.26
C GLU A 26 1.68 -14.12 -3.07
N CYS A 27 2.53 -13.31 -2.44
CA CYS A 27 3.11 -12.16 -3.13
C CYS A 27 4.30 -11.58 -2.37
N LYS A 28 4.91 -10.57 -2.95
CA LYS A 28 6.06 -9.90 -2.35
C LYS A 28 6.03 -8.41 -2.68
N CYS A 29 5.17 -7.68 -1.99
CA CYS A 29 5.02 -6.24 -2.21
C CYS A 29 6.38 -5.55 -2.31
N ASP A 30 6.34 -4.24 -2.56
CA ASP A 30 7.56 -3.44 -2.67
C ASP A 30 7.94 -2.81 -1.34
N GLU A 31 7.19 -1.78 -0.95
CA GLU A 31 7.45 -1.08 0.30
C GLU A 31 6.17 -0.90 1.11
N GLY A 32 5.31 0.01 0.66
CA GLY A 32 4.07 0.26 1.36
C GLY A 32 2.89 -0.40 0.67
N TYR A 33 3.16 -1.08 -0.43
CA TYR A 33 2.13 -1.76 -1.18
C TYR A 33 1.62 -2.99 -0.42
N GLU A 34 0.34 -2.97 -0.07
CA GLU A 34 -0.26 -4.08 0.66
C GLU A 34 -0.81 -5.12 -0.30
N SER A 35 -0.64 -6.39 0.04
CA SER A 35 -1.10 -7.50 -0.78
C SER A 35 -2.52 -7.28 -1.30
N GLY A 36 -2.64 -6.53 -2.38
CA GLY A 36 -3.93 -6.27 -2.98
C GLY A 36 -4.68 -5.17 -2.29
N PHE A 37 -4.20 -4.77 -1.12
CA PHE A 37 -4.86 -3.73 -0.35
C PHE A 37 -6.17 -4.23 0.26
N MET A 38 -6.43 -5.54 0.06
CA MET A 38 -7.64 -6.21 0.57
C MET A 38 -8.60 -6.53 -0.56
N MET A 39 -8.48 -5.80 -1.67
CA MET A 39 -9.35 -5.99 -2.82
C MET A 39 -9.11 -7.35 -3.47
N MET A 40 -7.86 -7.82 -3.43
CA MET A 40 -7.50 -9.10 -4.01
C MET A 40 -6.18 -9.59 -3.46
N LYS A 41 -5.10 -8.98 -3.93
CA LYS A 41 -3.76 -9.33 -3.47
C LYS A 41 -2.68 -8.49 -4.16
N ASN A 42 -2.97 -7.96 -5.35
CA ASN A 42 -2.01 -7.15 -6.07
C ASN A 42 -1.37 -6.13 -5.15
N CYS A 43 -0.25 -6.51 -4.53
CA CYS A 43 0.47 -5.63 -3.62
C CYS A 43 0.40 -4.19 -4.13
N MET A 44 -0.44 -3.38 -3.50
CA MET A 44 -0.61 -1.99 -3.89
C MET A 44 -0.56 -1.07 -2.68
N ASP A 45 0.17 0.04 -2.82
CA ASP A 45 0.34 1.02 -1.76
C ASP A 45 -0.80 0.95 -0.74
N ILE A 46 -0.42 0.64 0.49
CA ILE A 46 -1.37 0.54 1.59
C ILE A 46 -2.15 1.84 1.79
N ASP A 47 -2.89 1.90 2.88
CA ASP A 47 -3.67 3.09 3.21
C ASP A 47 -2.92 3.95 4.22
N GLU A 48 -1.85 4.61 3.76
CA GLU A 48 -1.06 5.46 4.63
C GLU A 48 -1.94 6.45 5.37
N CYS A 49 -3.13 6.69 4.84
CA CYS A 49 -4.07 7.61 5.46
C CYS A 49 -4.77 6.96 6.65
N GLN A 50 -4.56 5.64 6.80
CA GLN A 50 -5.15 4.89 7.88
C GLN A 50 -4.08 4.29 8.78
N ARG A 51 -2.88 4.14 8.23
CA ARG A 51 -1.76 3.58 8.97
C ARG A 51 -1.49 4.38 10.25
N ASP A 52 -1.91 5.63 10.25
CA ASP A 52 -1.71 6.50 11.41
C ASP A 52 -3.02 7.13 11.85
N PRO A 53 -3.26 7.18 13.17
CA PRO A 53 -4.47 7.76 13.75
C PRO A 53 -4.39 9.28 13.83
N LEU A 54 -3.22 9.81 13.53
CA LEU A 54 -2.99 11.26 13.55
C LEU A 54 -2.68 11.77 12.15
N LEU A 55 -2.49 10.85 11.21
CA LEU A 55 -2.18 11.22 9.84
C LEU A 55 -3.20 12.22 9.31
N CYS A 56 -2.73 13.43 9.02
CA CYS A 56 -3.61 14.48 8.52
C CYS A 56 -4.81 14.63 9.44
N ARG A 57 -4.63 14.19 10.69
CA ARG A 57 -5.69 14.27 11.69
C ARG A 57 -6.44 15.59 11.58
N GLY A 58 -5.73 16.63 11.14
CA GLY A 58 -6.34 17.93 11.00
C GLY A 58 -6.07 18.53 9.62
N GLY A 59 -5.77 17.66 8.65
CA GLY A 59 -5.49 18.12 7.32
C GLY A 59 -6.12 17.22 6.26
N VAL A 60 -5.32 16.83 5.27
CA VAL A 60 -5.80 15.96 4.19
C VAL A 60 -4.80 14.85 3.90
N CYS A 61 -5.28 13.63 3.86
CA CYS A 61 -4.43 12.48 3.59
C CYS A 61 -4.51 12.07 2.12
N HIS A 62 -3.56 12.56 1.33
CA HIS A 62 -3.52 12.24 -0.09
C HIS A 62 -2.71 10.98 -0.34
N ASN A 63 -3.17 9.87 0.25
CA ASN A 63 -2.49 8.58 0.10
C ASN A 63 -2.06 8.36 -1.35
N THR A 64 -0.75 8.25 -1.55
CA THR A 64 -0.19 8.02 -2.87
C THR A 64 0.56 6.69 -2.92
N GLU A 65 1.12 6.36 -4.08
CA GLU A 65 1.86 5.12 -4.25
C GLU A 65 3.11 5.10 -3.37
N GLY A 66 3.34 3.98 -2.70
CA GLY A 66 4.50 3.85 -1.84
C GLY A 66 4.81 5.14 -1.10
N SER A 67 3.78 5.91 -0.77
CA SER A 67 3.95 7.17 -0.07
C SER A 67 2.63 7.93 0.00
N TYR A 68 2.53 8.84 0.96
CA TYR A 68 1.31 9.63 1.14
C TYR A 68 1.63 11.10 1.39
N ARG A 69 0.76 11.97 0.91
CA ARG A 69 0.95 13.41 1.07
C ARG A 69 -0.07 14.00 2.03
N CYS A 70 0.41 14.57 3.12
CA CYS A 70 -0.46 15.20 4.11
C CYS A 70 -0.64 16.68 3.79
N GLU A 71 -1.84 17.19 4.01
CA GLU A 71 -2.14 18.59 3.70
C GLU A 71 -2.89 19.27 4.84
N CYS A 72 -2.32 20.36 5.35
CA CYS A 72 -2.93 21.10 6.45
C CYS A 72 -4.14 21.93 5.97
N PRO A 73 -4.10 22.47 4.72
CA PRO A 73 -2.98 22.29 3.78
C PRO A 73 -1.74 23.08 4.19
N PRO A 74 -0.71 23.09 3.33
CA PRO A 74 0.53 23.81 3.59
C PRO A 74 0.31 25.18 4.22
N GLY A 75 1.39 25.84 4.60
CA GLY A 75 1.30 27.14 5.24
C GLY A 75 1.29 27.00 6.74
N HIS A 76 0.99 25.78 7.20
CA HIS A 76 0.95 25.48 8.62
C HIS A 76 2.22 24.76 9.04
N GLN A 77 2.09 23.58 9.67
CA GLN A 77 3.27 22.82 10.09
C GLN A 77 2.95 21.33 10.11
N LEU A 78 2.66 20.78 8.94
CA LEU A 78 2.34 19.37 8.81
C LEU A 78 3.58 18.55 8.56
N SER A 79 3.98 17.76 9.55
CA SER A 79 5.15 16.91 9.42
C SER A 79 5.00 15.96 8.25
N PRO A 80 6.06 15.78 7.44
CA PRO A 80 6.04 14.90 6.27
C PRO A 80 6.07 13.42 6.60
N ASN A 81 4.94 12.74 6.37
CA ASN A 81 4.83 11.30 6.60
C ASN A 81 4.81 10.96 8.08
N ILE A 82 4.92 11.96 8.95
CA ILE A 82 4.91 11.71 10.38
C ILE A 82 3.48 11.46 10.86
N SER A 83 2.53 12.16 10.24
CA SER A 83 1.11 12.00 10.57
C SER A 83 0.69 12.86 11.75
N ALA A 84 0.36 14.13 11.48
CA ALA A 84 -0.08 15.06 12.53
C ALA A 84 0.26 16.51 12.20
N CYS A 85 -0.71 17.23 11.64
CA CYS A 85 -0.51 18.64 11.29
C CYS A 85 -0.07 19.42 12.53
N ILE A 86 0.52 20.60 12.31
CA ILE A 86 0.98 21.42 13.42
C ILE A 86 0.85 22.91 13.10
N THR A 1 -3.93 -29.01 -5.66
CA THR A 1 -2.76 -29.37 -4.85
C THR A 1 -1.58 -28.45 -5.15
N ASP A 2 -1.47 -27.36 -4.39
CA ASP A 2 -0.40 -26.40 -4.57
C ASP A 2 -0.17 -26.12 -6.06
N ILE A 3 -1.09 -25.36 -6.66
CA ILE A 3 -0.99 -25.01 -8.06
C ILE A 3 -0.21 -23.71 -8.25
N ASP A 4 0.21 -23.44 -9.48
CA ASP A 4 0.96 -22.23 -9.77
C ASP A 4 0.05 -21.02 -9.84
N GLU A 5 -0.10 -20.35 -8.69
CA GLU A 5 -0.94 -19.16 -8.60
C GLU A 5 -0.25 -17.99 -9.27
N CYS A 6 1.06 -18.12 -9.47
CA CYS A 6 1.84 -17.07 -10.10
C CYS A 6 1.76 -17.18 -11.62
N ARG A 7 1.53 -18.40 -12.09
CA ARG A 7 1.39 -18.63 -13.52
C ARG A 7 0.15 -17.92 -14.04
N ILE A 8 -0.86 -17.83 -13.18
CA ILE A 8 -2.10 -17.16 -13.53
C ILE A 8 -1.80 -15.83 -14.21
N SER A 9 -0.86 -15.09 -13.66
CA SER A 9 -0.47 -13.80 -14.19
C SER A 9 0.95 -13.45 -13.76
N PRO A 10 1.70 -12.75 -14.62
CA PRO A 10 3.07 -12.34 -14.34
C PRO A 10 3.12 -11.05 -13.54
N ASP A 11 1.99 -10.35 -13.52
CA ASP A 11 1.89 -9.09 -12.80
C ASP A 11 0.97 -9.24 -11.60
N LEU A 12 0.75 -10.48 -11.18
CA LEU A 12 -0.12 -10.76 -10.05
C LEU A 12 0.08 -9.74 -8.95
N CYS A 13 1.35 -9.51 -8.60
CA CYS A 13 1.70 -8.55 -7.56
C CYS A 13 1.90 -7.18 -8.16
N GLY A 14 1.09 -6.85 -9.17
CA GLY A 14 1.17 -5.55 -9.85
C GLY A 14 2.01 -4.53 -9.11
N ARG A 15 3.34 -4.64 -9.26
CA ARG A 15 4.31 -3.74 -8.62
C ARG A 15 5.19 -4.51 -7.65
N GLY A 16 5.14 -5.84 -7.74
CA GLY A 16 5.93 -6.68 -6.85
C GLY A 16 6.35 -7.98 -7.53
N GLN A 17 6.51 -9.03 -6.74
CA GLN A 17 6.90 -10.33 -7.27
C GLN A 17 6.03 -11.44 -6.69
N CYS A 18 5.14 -11.98 -7.52
CA CYS A 18 4.24 -13.04 -7.08
C CYS A 18 5.03 -14.24 -6.54
N VAL A 19 4.37 -15.02 -5.68
CA VAL A 19 4.99 -16.20 -5.08
C VAL A 19 4.02 -17.37 -5.10
N ASN A 20 4.54 -18.58 -4.88
CA ASN A 20 3.72 -19.78 -4.86
C ASN A 20 3.73 -20.44 -3.48
N THR A 21 2.58 -20.96 -3.07
CA THR A 21 2.45 -21.62 -1.77
C THR A 21 1.46 -22.77 -1.84
N PRO A 22 1.60 -23.75 -0.93
CA PRO A 22 0.71 -24.93 -0.89
C PRO A 22 -0.73 -24.53 -0.56
N GLY A 23 -1.62 -24.70 -1.53
CA GLY A 23 -3.02 -24.36 -1.32
C GLY A 23 -3.24 -22.87 -1.23
N ASP A 24 -2.41 -22.11 -1.95
CA ASP A 24 -2.52 -20.66 -1.94
C ASP A 24 -1.27 -20.03 -2.54
N PHE A 25 -1.14 -18.72 -2.40
CA PHE A 25 0.02 -18.01 -2.94
C PHE A 25 0.13 -16.62 -2.34
N GLU A 26 1.11 -15.86 -2.82
CA GLU A 26 1.35 -14.50 -2.35
C GLU A 26 2.31 -13.77 -3.27
N CYS A 27 3.01 -12.78 -2.74
CA CYS A 27 3.97 -12.02 -3.54
C CYS A 27 4.85 -11.12 -2.68
N LYS A 28 5.76 -10.42 -3.34
CA LYS A 28 6.67 -9.50 -2.68
C LYS A 28 6.42 -8.08 -3.18
N CYS A 29 5.38 -7.45 -2.63
CA CYS A 29 5.01 -6.10 -3.02
C CYS A 29 6.18 -5.13 -2.91
N ASP A 30 6.03 -3.97 -3.56
CA ASP A 30 7.06 -2.94 -3.56
C ASP A 30 7.23 -2.30 -2.18
N GLU A 31 6.46 -1.25 -1.92
CA GLU A 31 6.54 -0.53 -0.65
C GLU A 31 5.21 -0.49 0.07
N GLY A 32 4.33 0.43 -0.34
CA GLY A 32 3.04 0.56 0.29
C GLY A 32 1.98 -0.23 -0.42
N TYR A 33 2.34 -0.85 -1.54
CA TYR A 33 1.41 -1.64 -2.30
C TYR A 33 1.02 -2.90 -1.53
N GLU A 34 -0.28 -3.07 -1.31
CA GLU A 34 -0.78 -4.22 -0.56
C GLU A 34 -1.16 -5.36 -1.50
N SER A 35 -0.78 -6.57 -1.13
CA SER A 35 -1.07 -7.75 -1.93
C SER A 35 -2.37 -8.39 -1.49
N GLY A 36 -3.45 -8.07 -2.20
CA GLY A 36 -4.75 -8.62 -1.86
C GLY A 36 -5.61 -7.65 -1.09
N PHE A 37 -5.62 -6.41 -1.53
CA PHE A 37 -6.40 -5.37 -0.88
C PHE A 37 -7.74 -5.93 -0.44
N MET A 38 -8.23 -6.90 -1.19
CA MET A 38 -9.50 -7.54 -0.90
C MET A 38 -10.11 -8.14 -2.16
N MET A 39 -9.96 -7.44 -3.26
CA MET A 39 -10.48 -7.89 -4.54
C MET A 39 -9.91 -9.26 -4.90
N MET A 40 -8.60 -9.38 -4.77
CA MET A 40 -7.91 -10.64 -5.09
C MET A 40 -6.51 -10.68 -4.49
N LYS A 41 -5.52 -10.29 -5.28
CA LYS A 41 -4.12 -10.28 -4.85
C LYS A 41 -3.25 -9.54 -5.84
N ASN A 42 -2.99 -8.27 -5.57
CA ASN A 42 -2.17 -7.46 -6.46
C ASN A 42 -1.71 -6.17 -5.76
N CYS A 43 -0.44 -5.85 -5.91
CA CYS A 43 0.12 -4.65 -5.30
C CYS A 43 -0.82 -3.48 -5.49
N MET A 44 -1.25 -2.87 -4.38
CA MET A 44 -2.17 -1.74 -4.43
C MET A 44 -1.94 -0.79 -3.26
N ASP A 45 -1.01 0.15 -3.45
CA ASP A 45 -0.67 1.15 -2.42
C ASP A 45 -1.73 1.23 -1.33
N ILE A 46 -1.40 0.66 -0.18
CA ILE A 46 -2.28 0.65 0.97
C ILE A 46 -2.92 2.02 1.20
N ASP A 47 -3.76 2.11 2.23
CA ASP A 47 -4.42 3.37 2.56
C ASP A 47 -3.66 4.10 3.65
N GLU A 48 -2.53 4.68 3.29
CA GLU A 48 -1.71 5.43 4.23
C GLU A 48 -2.54 6.44 5.00
N CYS A 49 -3.66 6.85 4.41
CA CYS A 49 -4.55 7.82 5.04
C CYS A 49 -5.38 7.15 6.14
N GLN A 50 -5.28 5.82 6.22
CA GLN A 50 -6.02 5.06 7.22
C GLN A 50 -5.05 4.29 8.11
N ARG A 51 -3.86 4.02 7.60
CA ARG A 51 -2.85 3.29 8.35
C ARG A 51 -2.61 3.92 9.72
N ASP A 52 -2.70 5.24 9.77
CA ASP A 52 -2.50 5.97 11.02
C ASP A 52 -3.73 6.78 11.39
N PRO A 53 -4.08 6.78 12.69
CA PRO A 53 -5.24 7.52 13.20
C PRO A 53 -4.91 9.00 13.41
N LEU A 54 -3.64 9.34 13.26
CA LEU A 54 -3.19 10.72 13.43
C LEU A 54 -2.80 11.31 12.07
N LEU A 55 -2.67 10.43 11.08
CA LEU A 55 -2.31 10.85 9.73
C LEU A 55 -3.22 11.97 9.26
N CYS A 56 -2.63 13.11 8.95
CA CYS A 56 -3.40 14.26 8.48
C CYS A 56 -4.58 14.49 9.39
N ARG A 57 -4.46 14.05 10.64
CA ARG A 57 -5.52 14.22 11.63
C ARG A 57 -5.94 15.68 11.70
N GLY A 58 -5.05 16.56 11.25
CA GLY A 58 -5.34 17.98 11.26
C GLY A 58 -5.07 18.62 9.92
N GLY A 59 -4.88 17.79 8.89
CA GLY A 59 -4.61 18.29 7.56
C GLY A 59 -5.39 17.55 6.49
N VAL A 60 -4.69 17.15 5.42
CA VAL A 60 -5.31 16.43 4.32
C VAL A 60 -4.47 15.21 3.92
N CYS A 61 -5.10 14.05 3.87
CA CYS A 61 -4.43 12.82 3.50
C CYS A 61 -4.58 12.54 2.01
N HIS A 62 -3.50 12.74 1.26
CA HIS A 62 -3.50 12.51 -0.17
C HIS A 62 -2.77 11.21 -0.50
N ASN A 63 -3.36 10.09 -0.10
CA ASN A 63 -2.77 8.78 -0.34
C ASN A 63 -2.34 8.64 -1.80
N THR A 64 -1.03 8.60 -2.01
CA THR A 64 -0.48 8.46 -3.35
C THR A 64 0.05 7.05 -3.59
N GLU A 65 0.74 6.86 -4.71
CA GLU A 65 1.31 5.55 -5.04
C GLU A 65 2.47 5.21 -4.11
N GLY A 66 2.40 4.05 -3.50
CA GLY A 66 3.45 3.61 -2.60
C GLY A 66 3.89 4.72 -1.65
N SER A 67 2.97 5.63 -1.35
CA SER A 67 3.27 6.74 -0.45
C SER A 67 1.99 7.48 -0.06
N TYR A 68 2.16 8.64 0.57
CA TYR A 68 1.03 9.45 1.00
C TYR A 68 1.49 10.85 1.41
N ARG A 69 0.71 11.86 1.05
CA ARG A 69 1.04 13.24 1.37
C ARG A 69 0.10 13.80 2.41
N CYS A 70 0.57 14.81 3.13
CA CYS A 70 -0.23 15.46 4.16
C CYS A 70 -0.24 16.98 3.94
N GLU A 71 -1.41 17.59 4.10
CA GLU A 71 -1.54 19.04 3.89
C GLU A 71 -2.43 19.69 4.95
N CYS A 72 -1.85 20.58 5.74
CA CYS A 72 -2.59 21.27 6.80
C CYS A 72 -3.39 22.46 6.24
N PRO A 73 -2.91 23.12 5.16
CA PRO A 73 -1.68 22.74 4.45
C PRO A 73 -0.42 22.99 5.27
N PRO A 74 0.74 22.60 4.72
CA PRO A 74 2.03 22.78 5.39
C PRO A 74 2.14 24.11 6.13
N GLY A 75 1.36 25.10 5.70
CA GLY A 75 1.40 26.40 6.35
C GLY A 75 1.60 26.26 7.84
N HIS A 76 1.07 25.17 8.38
CA HIS A 76 1.20 24.86 9.80
C HIS A 76 2.55 24.19 10.07
N GLN A 77 2.52 22.97 10.61
CA GLN A 77 3.74 22.22 10.89
C GLN A 77 3.45 20.74 10.75
N LEU A 78 3.14 20.33 9.52
CA LEU A 78 2.80 18.96 9.23
C LEU A 78 4.02 18.14 8.84
N SER A 79 4.38 17.21 9.73
CA SER A 79 5.52 16.34 9.49
C SER A 79 5.27 15.50 8.25
N PRO A 80 6.30 15.35 7.39
CA PRO A 80 6.19 14.61 6.13
C PRO A 80 6.21 13.08 6.31
N ASN A 81 5.06 12.46 6.09
CA ASN A 81 4.92 11.01 6.19
C ASN A 81 4.96 10.52 7.63
N ILE A 82 4.82 11.43 8.58
CA ILE A 82 4.82 11.07 9.99
C ILE A 82 3.39 10.90 10.49
N SER A 83 2.45 11.49 9.76
CA SER A 83 1.03 11.41 10.10
C SER A 83 0.71 12.13 11.40
N ALA A 84 0.45 13.43 11.30
CA ALA A 84 0.10 14.25 12.46
C ALA A 84 0.61 15.69 12.32
N CYS A 85 -0.26 16.59 11.90
CA CYS A 85 0.13 17.99 11.73
C CYS A 85 0.52 18.59 13.06
N ILE A 86 1.25 19.71 13.01
CA ILE A 86 1.69 20.38 14.22
C ILE A 86 1.49 21.88 14.13
N THR A 1 -2.84 -27.71 -5.53
CA THR A 1 -1.67 -28.58 -5.57
C THR A 1 -0.38 -27.78 -5.36
N ASP A 2 -0.46 -26.76 -4.53
CA ASP A 2 0.70 -25.91 -4.24
C ASP A 2 1.53 -25.70 -5.49
N ILE A 3 0.98 -24.95 -6.45
CA ILE A 3 1.66 -24.67 -7.70
C ILE A 3 2.40 -23.33 -7.61
N ASP A 4 3.47 -23.18 -8.39
CA ASP A 4 4.25 -21.95 -8.38
C ASP A 4 3.47 -20.79 -8.99
N GLU A 5 2.73 -20.07 -8.15
CA GLU A 5 1.95 -18.93 -8.60
C GLU A 5 2.84 -17.75 -8.93
N CYS A 6 4.06 -17.75 -8.37
CA CYS A 6 5.01 -16.68 -8.61
C CYS A 6 5.68 -16.85 -9.97
N ARG A 7 5.94 -18.10 -10.34
CA ARG A 7 6.57 -18.40 -11.62
C ARG A 7 5.65 -18.00 -12.76
N ILE A 8 4.36 -17.88 -12.46
CA ILE A 8 3.36 -17.50 -13.45
C ILE A 8 3.77 -16.22 -14.16
N SER A 9 4.21 -15.24 -13.37
CA SER A 9 4.63 -13.96 -13.92
C SER A 9 5.45 -13.17 -12.90
N PRO A 10 6.32 -12.28 -13.38
CA PRO A 10 7.17 -11.46 -12.53
C PRO A 10 6.47 -10.17 -12.12
N ASP A 11 5.43 -9.82 -12.85
CA ASP A 11 4.67 -8.61 -12.56
C ASP A 11 3.30 -8.97 -11.99
N LEU A 12 3.20 -10.18 -11.45
CA LEU A 12 1.95 -10.66 -10.87
C LEU A 12 1.25 -9.56 -10.09
N CYS A 13 1.99 -8.92 -9.19
CA CYS A 13 1.44 -7.84 -8.38
C CYS A 13 1.75 -6.47 -9.00
N GLY A 14 2.10 -6.49 -10.28
CA GLY A 14 2.41 -5.26 -10.98
C GLY A 14 3.68 -4.60 -10.49
N ARG A 15 4.36 -5.24 -9.55
CA ARG A 15 5.61 -4.70 -9.00
C ARG A 15 6.12 -5.57 -7.86
N GLY A 16 5.25 -5.84 -6.89
CA GLY A 16 5.63 -6.66 -5.76
C GLY A 16 6.34 -7.94 -6.16
N GLN A 17 6.78 -8.70 -5.17
CA GLN A 17 7.48 -9.95 -5.41
C GLN A 17 6.59 -11.15 -5.10
N CYS A 18 6.09 -11.80 -6.15
CA CYS A 18 5.21 -12.96 -5.98
C CYS A 18 5.83 -14.00 -5.04
N VAL A 19 5.02 -14.50 -4.13
CA VAL A 19 5.47 -15.52 -3.18
C VAL A 19 4.65 -16.80 -3.36
N ASN A 20 5.15 -17.90 -2.81
CA ASN A 20 4.47 -19.19 -2.92
C ASN A 20 3.81 -19.59 -1.61
N THR A 21 2.64 -20.21 -1.71
CA THR A 21 1.90 -20.66 -0.53
C THR A 21 1.08 -21.90 -0.87
N PRO A 22 0.72 -22.70 0.15
CA PRO A 22 -0.07 -23.91 -0.03
C PRO A 22 -1.41 -23.62 -0.70
N GLY A 23 -1.57 -24.09 -1.93
CA GLY A 23 -2.81 -23.84 -2.65
C GLY A 23 -3.16 -22.37 -2.68
N ASP A 24 -2.15 -21.55 -2.96
CA ASP A 24 -2.34 -20.10 -3.02
C ASP A 24 -0.99 -19.40 -3.14
N PHE A 25 -1.02 -18.07 -3.12
CA PHE A 25 0.20 -17.29 -3.24
C PHE A 25 0.02 -15.87 -2.71
N GLU A 26 1.14 -15.18 -2.53
CA GLU A 26 1.15 -13.81 -2.05
C GLU A 26 2.26 -13.02 -2.75
N CYS A 27 2.60 -11.86 -2.22
CA CYS A 27 3.65 -11.05 -2.83
C CYS A 27 4.03 -9.87 -1.94
N LYS A 28 5.14 -9.22 -2.30
CA LYS A 28 5.64 -8.07 -1.57
C LYS A 28 5.56 -6.83 -2.44
N CYS A 29 4.38 -6.22 -2.50
CA CYS A 29 4.17 -5.03 -3.31
C CYS A 29 5.38 -4.08 -3.24
N ASP A 30 5.42 -3.13 -4.16
CA ASP A 30 6.52 -2.17 -4.22
C ASP A 30 6.37 -1.09 -3.16
N GLU A 31 6.76 0.14 -3.49
CA GLU A 31 6.68 1.26 -2.56
C GLU A 31 5.55 1.09 -1.56
N GLY A 32 4.38 1.64 -1.88
CA GLY A 32 3.24 1.54 -0.99
C GLY A 32 2.04 0.92 -1.66
N TYR A 33 2.30 -0.01 -2.58
CA TYR A 33 1.24 -0.67 -3.31
C TYR A 33 0.66 -1.83 -2.49
N GLU A 34 -0.64 -2.03 -2.60
CA GLU A 34 -1.32 -3.10 -1.88
C GLU A 34 -1.94 -4.10 -2.85
N SER A 35 -1.72 -5.39 -2.60
CA SER A 35 -2.26 -6.44 -3.46
C SER A 35 -3.70 -6.11 -3.84
N GLY A 36 -3.88 -5.58 -5.06
CA GLY A 36 -5.22 -5.24 -5.52
C GLY A 36 -6.20 -6.35 -5.26
N PHE A 37 -6.14 -7.38 -6.09
CA PHE A 37 -7.03 -8.52 -5.95
C PHE A 37 -8.33 -8.30 -6.71
N MET A 38 -8.67 -7.03 -6.95
CA MET A 38 -9.89 -6.70 -7.68
C MET A 38 -9.85 -7.33 -9.07
N MET A 39 -8.65 -7.44 -9.61
CA MET A 39 -8.46 -8.03 -10.92
C MET A 39 -7.60 -9.30 -10.82
N MET A 40 -6.81 -9.38 -9.76
CA MET A 40 -5.95 -10.53 -9.52
C MET A 40 -5.15 -10.33 -8.23
N LYS A 41 -4.22 -9.39 -8.26
CA LYS A 41 -3.40 -9.09 -7.10
C LYS A 41 -2.30 -8.09 -7.45
N ASN A 42 -2.62 -7.15 -8.35
CA ASN A 42 -1.65 -6.14 -8.77
C ASN A 42 -1.24 -5.27 -7.58
N CYS A 43 -0.41 -4.27 -7.86
CA CYS A 43 0.05 -3.35 -6.83
C CYS A 43 -0.74 -2.05 -6.89
N MET A 44 -1.64 -1.88 -5.92
CA MET A 44 -2.48 -0.68 -5.87
C MET A 44 -2.33 0.04 -4.54
N ASP A 45 -1.52 1.10 -4.54
CA ASP A 45 -1.25 1.92 -3.35
C ASP A 45 -2.15 1.56 -2.18
N ILE A 46 -1.53 1.27 -1.06
CA ILE A 46 -2.23 0.92 0.17
C ILE A 46 -3.06 2.08 0.68
N ASP A 47 -3.66 1.90 1.86
CA ASP A 47 -4.47 2.93 2.48
C ASP A 47 -3.67 3.64 3.56
N GLU A 48 -2.72 4.48 3.15
CA GLU A 48 -1.89 5.21 4.08
C GLU A 48 -2.74 5.93 5.13
N CYS A 49 -4.00 6.14 4.79
CA CYS A 49 -4.94 6.81 5.70
C CYS A 49 -5.42 5.85 6.79
N GLN A 50 -5.09 4.58 6.61
CA GLN A 50 -5.48 3.55 7.57
C GLN A 50 -4.25 2.91 8.21
N ARG A 51 -3.12 3.03 7.52
CA ARG A 51 -1.86 2.46 8.00
C ARG A 51 -1.59 2.89 9.44
N ASP A 52 -1.56 4.20 9.66
CA ASP A 52 -1.31 4.76 10.99
C ASP A 52 -2.61 5.20 11.65
N PRO A 53 -2.61 5.25 12.99
CA PRO A 53 -3.77 5.67 13.77
C PRO A 53 -3.80 7.16 14.03
N LEU A 54 -2.76 7.85 13.57
CA LEU A 54 -2.66 9.30 13.75
C LEU A 54 -2.28 9.97 12.44
N LEU A 55 -2.42 9.22 11.34
CA LEU A 55 -2.10 9.73 10.02
C LEU A 55 -3.01 10.90 9.66
N CYS A 56 -2.40 12.00 9.24
CA CYS A 56 -3.15 13.19 8.88
C CYS A 56 -4.21 13.49 9.93
N ARG A 57 -3.96 13.04 11.15
CA ARG A 57 -4.88 13.25 12.26
C ARG A 57 -5.04 14.75 12.52
N GLY A 58 -5.70 15.43 11.60
CA GLY A 58 -5.91 16.86 11.74
C GLY A 58 -5.52 17.59 10.46
N GLY A 59 -5.07 16.85 9.46
CA GLY A 59 -4.66 17.44 8.21
C GLY A 59 -5.43 16.89 7.02
N VAL A 60 -4.73 16.66 5.92
CA VAL A 60 -5.35 16.13 4.71
C VAL A 60 -4.61 14.90 4.21
N CYS A 61 -5.30 13.76 4.17
CA CYS A 61 -4.70 12.52 3.72
C CYS A 61 -4.77 12.41 2.20
N HIS A 62 -3.69 12.83 1.54
CA HIS A 62 -3.62 12.77 0.08
C HIS A 62 -3.05 11.43 -0.38
N ASN A 63 -3.66 10.35 0.07
CA ASN A 63 -3.21 9.01 -0.30
C ASN A 63 -3.05 8.90 -1.82
N THR A 64 -1.82 8.77 -2.27
CA THR A 64 -1.52 8.67 -3.70
C THR A 64 -0.98 7.29 -4.05
N GLU A 65 -0.33 7.20 -5.21
CA GLU A 65 0.23 5.94 -5.67
C GLU A 65 1.51 5.59 -4.91
N GLY A 66 1.67 4.32 -4.57
CA GLY A 66 2.84 3.88 -3.85
C GLY A 66 3.36 4.91 -2.87
N SER A 67 2.45 5.49 -2.10
CA SER A 67 2.81 6.51 -1.11
C SER A 67 1.61 7.37 -0.76
N TYR A 68 1.84 8.38 0.06
CA TYR A 68 0.76 9.28 0.46
C TYR A 68 1.31 10.65 0.86
N ARG A 69 0.46 11.67 0.77
CA ARG A 69 0.87 13.03 1.11
C ARG A 69 -0.03 13.61 2.18
N CYS A 70 0.55 13.91 3.34
CA CYS A 70 -0.19 14.49 4.45
C CYS A 70 0.00 16.00 4.51
N GLU A 71 -1.09 16.73 4.72
CA GLU A 71 -1.04 18.19 4.78
C GLU A 71 -2.13 18.73 5.69
N CYS A 72 -1.74 19.46 6.74
CA CYS A 72 -2.69 20.03 7.68
C CYS A 72 -3.86 20.70 6.95
N PRO A 73 -3.57 21.54 5.93
CA PRO A 73 -2.20 21.83 5.47
C PRO A 73 -1.43 22.78 6.39
N PRO A 74 -1.92 24.03 6.60
CA PRO A 74 -1.26 25.03 7.43
C PRO A 74 -1.57 24.87 8.92
N GLY A 75 -1.47 25.98 9.65
CA GLY A 75 -1.73 25.95 11.07
C GLY A 75 -1.06 24.78 11.75
N HIS A 76 0.16 24.47 11.32
CA HIS A 76 0.90 23.36 11.88
C HIS A 76 2.07 22.97 10.98
N GLN A 77 2.59 21.77 11.20
CA GLN A 77 3.70 21.24 10.41
C GLN A 77 3.48 19.76 10.16
N LEU A 78 2.54 19.46 9.27
CA LEU A 78 2.22 18.07 8.95
C LEU A 78 3.39 17.38 8.29
N SER A 79 4.21 16.75 9.11
CA SER A 79 5.37 16.02 8.61
C SER A 79 4.98 15.15 7.41
N PRO A 80 5.75 15.26 6.32
CA PRO A 80 5.48 14.50 5.09
C PRO A 80 5.84 13.02 5.21
N ASN A 81 4.82 12.17 5.17
CA ASN A 81 5.00 10.72 5.24
C ASN A 81 5.31 10.26 6.66
N ILE A 82 4.73 10.94 7.65
CA ILE A 82 4.92 10.58 9.05
C ILE A 82 3.61 10.11 9.66
N SER A 83 2.52 10.80 9.29
CA SER A 83 1.19 10.46 9.78
C SER A 83 0.86 11.18 11.09
N ALA A 84 0.67 12.50 11.02
CA ALA A 84 0.34 13.29 12.21
C ALA A 84 0.75 14.75 12.06
N CYS A 85 -0.23 15.65 12.06
CA CYS A 85 0.06 17.08 11.95
C CYS A 85 0.90 17.55 13.13
N ILE A 86 2.01 18.23 12.84
CA ILE A 86 2.90 18.71 13.90
C ILE A 86 2.87 20.24 13.98
N THR A 1 -5.47 -26.13 -8.25
CA THR A 1 -4.34 -26.94 -7.83
C THR A 1 -3.13 -26.09 -7.51
N ASP A 2 -2.23 -26.62 -6.68
CA ASP A 2 -1.03 -25.90 -6.29
C ASP A 2 -0.12 -25.66 -7.49
N ILE A 3 -0.61 -24.87 -8.45
CA ILE A 3 0.14 -24.56 -9.65
C ILE A 3 0.99 -23.31 -9.45
N ASP A 4 1.83 -23.00 -10.44
CA ASP A 4 2.67 -21.82 -10.37
C ASP A 4 1.93 -20.58 -10.84
N GLU A 5 1.41 -19.82 -9.89
CA GLU A 5 0.68 -18.59 -10.20
C GLU A 5 1.65 -17.48 -10.57
N CYS A 6 2.87 -17.59 -10.05
CA CYS A 6 3.90 -16.60 -10.32
C CYS A 6 4.36 -16.69 -11.77
N ARG A 7 4.59 -17.91 -12.23
CA ARG A 7 5.01 -18.13 -13.61
C ARG A 7 4.08 -17.39 -14.56
N ILE A 8 2.80 -17.34 -14.21
CA ILE A 8 1.81 -16.64 -15.02
C ILE A 8 2.38 -15.31 -15.52
N SER A 9 3.10 -14.64 -14.62
CA SER A 9 3.70 -13.35 -14.96
C SER A 9 4.81 -13.02 -13.96
N PRO A 10 5.85 -12.31 -14.41
CA PRO A 10 6.97 -11.91 -13.57
C PRO A 10 6.68 -10.62 -12.83
N ASP A 11 5.67 -9.91 -13.31
CA ASP A 11 5.26 -8.64 -12.71
C ASP A 11 3.88 -8.80 -12.07
N LEU A 12 3.54 -10.03 -11.73
CA LEU A 12 2.24 -10.32 -11.11
C LEU A 12 1.85 -9.24 -10.11
N CYS A 13 2.74 -8.98 -9.16
CA CYS A 13 2.49 -7.98 -8.13
C CYS A 13 2.70 -6.57 -8.67
N GLY A 14 3.26 -6.47 -9.86
CA GLY A 14 3.51 -5.19 -10.47
C GLY A 14 4.66 -4.45 -9.84
N ARG A 15 5.26 -5.04 -8.82
CA ARG A 15 6.39 -4.43 -8.12
C ARG A 15 6.98 -5.38 -7.09
N GLY A 16 6.11 -6.04 -6.34
CA GLY A 16 6.56 -6.96 -5.31
C GLY A 16 7.13 -8.24 -5.90
N GLN A 17 7.03 -9.32 -5.15
CA GLN A 17 7.53 -10.62 -5.58
C GLN A 17 6.51 -11.71 -5.34
N CYS A 18 5.78 -12.09 -6.38
CA CYS A 18 4.76 -13.12 -6.27
C CYS A 18 5.33 -14.38 -5.62
N VAL A 19 4.45 -15.15 -4.98
CA VAL A 19 4.86 -16.39 -4.32
C VAL A 19 3.85 -17.50 -4.60
N ASN A 20 4.27 -18.74 -4.38
CA ASN A 20 3.41 -19.90 -4.62
C ASN A 20 2.72 -20.34 -3.33
N THR A 21 1.48 -20.78 -3.47
CA THR A 21 0.70 -21.25 -2.32
C THR A 21 -0.27 -22.34 -2.72
N PRO A 22 -0.68 -23.19 -1.77
CA PRO A 22 -1.62 -24.28 -2.02
C PRO A 22 -2.92 -23.78 -2.63
N GLY A 23 -3.10 -24.01 -3.92
CA GLY A 23 -4.30 -23.57 -4.59
C GLY A 23 -4.47 -22.07 -4.51
N ASP A 24 -3.37 -21.35 -4.69
CA ASP A 24 -3.37 -19.90 -4.63
C ASP A 24 -1.96 -19.34 -4.77
N PHE A 25 -1.80 -18.05 -4.49
CA PHE A 25 -0.50 -17.40 -4.58
C PHE A 25 -0.52 -16.04 -3.88
N GLU A 26 0.62 -15.66 -3.32
CA GLU A 26 0.75 -14.38 -2.64
C GLU A 26 1.79 -13.50 -3.33
N CYS A 27 2.14 -12.38 -2.70
CA CYS A 27 3.13 -11.48 -3.27
C CYS A 27 3.94 -10.79 -2.18
N LYS A 28 5.15 -10.35 -2.56
CA LYS A 28 6.04 -9.66 -1.64
C LYS A 28 6.21 -8.21 -2.08
N CYS A 29 5.16 -7.41 -1.91
CA CYS A 29 5.18 -6.01 -2.31
C CYS A 29 6.41 -5.29 -1.77
N ASP A 30 6.44 -3.98 -2.00
CA ASP A 30 7.56 -3.15 -1.55
C ASP A 30 7.07 -1.80 -1.05
N GLU A 31 7.97 -0.82 -1.04
CA GLU A 31 7.67 0.54 -0.60
C GLU A 31 6.44 0.60 0.29
N GLY A 32 5.27 0.65 -0.36
CA GLY A 32 4.03 0.72 0.37
C GLY A 32 2.87 0.12 -0.40
N TYR A 33 3.18 -0.75 -1.35
CA TYR A 33 2.15 -1.40 -2.16
C TYR A 33 1.51 -2.55 -1.40
N GLU A 34 0.18 -2.60 -1.44
CA GLU A 34 -0.56 -3.66 -0.77
C GLU A 34 -0.98 -4.75 -1.75
N SER A 35 -0.77 -6.01 -1.34
CA SER A 35 -1.13 -7.15 -2.17
C SER A 35 -2.58 -7.54 -1.98
N GLY A 36 -3.46 -6.93 -2.76
CA GLY A 36 -4.88 -7.22 -2.65
C GLY A 36 -5.71 -5.97 -2.42
N PHE A 37 -5.97 -5.24 -3.50
CA PHE A 37 -6.76 -4.01 -3.41
C PHE A 37 -7.99 -4.09 -4.31
N MET A 38 -8.11 -5.18 -5.07
CA MET A 38 -9.24 -5.35 -5.97
C MET A 38 -8.93 -6.39 -7.05
N MET A 39 -7.66 -6.50 -7.39
CA MET A 39 -7.22 -7.45 -8.42
C MET A 39 -6.88 -8.80 -7.80
N MET A 40 -6.53 -8.77 -6.50
CA MET A 40 -6.16 -9.96 -5.73
C MET A 40 -4.79 -9.77 -5.11
N LYS A 41 -4.03 -8.84 -5.68
CA LYS A 41 -2.69 -8.55 -5.20
C LYS A 41 -2.18 -7.22 -5.76
N ASN A 42 -1.71 -7.27 -7.01
CA ASN A 42 -1.18 -6.09 -7.70
C ASN A 42 -0.75 -5.00 -6.73
N CYS A 43 0.57 -4.89 -6.52
CA CYS A 43 1.09 -3.88 -5.60
C CYS A 43 0.31 -2.58 -5.74
N MET A 44 -0.68 -2.41 -4.87
CA MET A 44 -1.52 -1.23 -4.89
C MET A 44 -1.43 -0.48 -3.56
N ASP A 45 -0.50 0.48 -3.52
CA ASP A 45 -0.27 1.32 -2.34
C ASP A 45 -1.27 1.07 -1.23
N ILE A 46 -0.75 0.71 -0.06
CA ILE A 46 -1.56 0.46 1.11
C ILE A 46 -2.31 1.71 1.54
N ASP A 47 -2.95 1.66 2.70
CA ASP A 47 -3.70 2.80 3.22
C ASP A 47 -2.83 3.62 4.17
N GLU A 48 -1.86 4.35 3.63
CA GLU A 48 -0.98 5.18 4.43
C GLU A 48 -1.77 6.07 5.36
N CYS A 49 -3.03 6.31 5.01
CA CYS A 49 -3.90 7.15 5.82
C CYS A 49 -4.43 6.39 7.04
N GLN A 50 -4.16 5.08 7.07
CA GLN A 50 -4.60 4.23 8.15
C GLN A 50 -3.40 3.63 8.89
N ARG A 51 -2.27 3.58 8.19
CA ARG A 51 -1.04 3.04 8.75
C ARG A 51 -0.61 3.82 9.99
N ASP A 52 -0.90 5.12 10.01
CA ASP A 52 -0.54 5.97 11.13
C ASP A 52 -1.79 6.54 11.81
N PRO A 53 -1.79 6.54 13.15
CA PRO A 53 -2.91 7.05 13.94
C PRO A 53 -2.85 8.57 14.10
N LEU A 54 -1.78 9.17 13.57
CA LEU A 54 -1.61 10.62 13.64
C LEU A 54 -1.55 11.21 12.23
N LEU A 55 -1.46 10.33 11.24
CA LEU A 55 -1.40 10.76 9.85
C LEU A 55 -2.51 11.76 9.55
N CYS A 56 -2.12 12.99 9.25
CA CYS A 56 -3.09 14.03 8.96
C CYS A 56 -4.16 14.08 10.05
N ARG A 57 -3.78 13.59 11.23
CA ARG A 57 -4.68 13.56 12.37
C ARG A 57 -5.50 14.84 12.43
N GLY A 58 -4.92 15.94 11.96
CA GLY A 58 -5.61 17.22 11.97
C GLY A 58 -5.59 17.87 10.61
N GLY A 59 -5.39 17.07 9.57
CA GLY A 59 -5.33 17.60 8.22
C GLY A 59 -6.07 16.71 7.23
N VAL A 60 -5.40 16.38 6.12
CA VAL A 60 -5.99 15.53 5.09
C VAL A 60 -5.00 14.49 4.61
N CYS A 61 -5.43 13.24 4.58
CA CYS A 61 -4.58 12.14 4.14
C CYS A 61 -4.85 11.81 2.68
N HIS A 62 -4.04 12.36 1.78
CA HIS A 62 -4.19 12.11 0.36
C HIS A 62 -3.39 10.88 -0.07
N ASN A 63 -3.72 9.74 0.53
CA ASN A 63 -3.05 8.48 0.22
C ASN A 63 -2.85 8.32 -1.28
N THR A 64 -1.60 8.22 -1.70
CA THR A 64 -1.28 8.06 -3.12
C THR A 64 -0.54 6.75 -3.36
N GLU A 65 0.12 6.66 -4.52
CA GLU A 65 0.87 5.47 -4.87
C GLU A 65 2.21 5.41 -4.13
N GLY A 66 2.61 4.21 -3.74
CA GLY A 66 3.86 4.04 -3.03
C GLY A 66 4.19 5.21 -2.12
N SER A 67 3.16 5.81 -1.55
CA SER A 67 3.34 6.95 -0.66
C SER A 67 2.00 7.56 -0.26
N TYR A 68 2.05 8.73 0.37
CA TYR A 68 0.84 9.43 0.80
C TYR A 68 1.13 10.89 1.10
N ARG A 69 0.15 11.74 0.85
CA ARG A 69 0.31 13.18 1.08
C ARG A 69 -0.54 13.63 2.27
N CYS A 70 -0.03 14.61 3.00
CA CYS A 70 -0.74 15.14 4.16
C CYS A 70 -1.03 16.62 3.95
N GLU A 71 -2.23 17.04 4.33
CA GLU A 71 -2.64 18.43 4.16
C GLU A 71 -3.25 19.02 5.43
N CYS A 72 -2.68 20.13 5.90
CA CYS A 72 -3.17 20.78 7.11
C CYS A 72 -4.48 21.54 6.86
N PRO A 73 -4.66 22.12 5.65
CA PRO A 73 -3.70 22.07 4.54
C PRO A 73 -2.45 22.91 4.81
N PRO A 74 -1.55 22.98 3.83
CA PRO A 74 -0.31 23.75 3.93
C PRO A 74 -0.51 25.08 4.66
N GLY A 75 0.60 25.78 4.91
CA GLY A 75 0.53 27.04 5.61
C GLY A 75 0.80 26.85 7.09
N HIS A 76 0.60 25.61 7.54
CA HIS A 76 0.82 25.26 8.94
C HIS A 76 2.19 24.58 9.09
N GLN A 77 2.24 23.39 9.67
CA GLN A 77 3.50 22.69 9.84
C GLN A 77 3.26 21.18 9.86
N LEU A 78 2.79 20.67 8.74
CA LEU A 78 2.49 19.24 8.60
C LEU A 78 3.70 18.47 8.13
N SER A 79 4.30 17.70 9.05
CA SER A 79 5.47 16.90 8.72
C SER A 79 5.17 15.99 7.53
N PRO A 80 6.11 15.89 6.59
CA PRO A 80 5.94 15.06 5.39
C PRO A 80 6.13 13.58 5.62
N ASN A 81 5.04 12.83 5.53
CA ASN A 81 5.07 11.38 5.71
C ASN A 81 5.29 10.97 7.15
N ILE A 82 5.45 11.94 8.03
CA ILE A 82 5.65 11.65 9.45
C ILE A 82 4.33 11.32 10.12
N SER A 83 3.26 11.98 9.68
CA SER A 83 1.92 11.74 10.21
C SER A 83 1.65 12.56 11.46
N ALA A 84 1.25 13.83 11.27
CA ALA A 84 0.93 14.71 12.39
C ALA A 84 1.12 16.18 12.04
N CYS A 85 0.02 16.87 11.74
CA CYS A 85 0.06 18.29 11.42
C CYS A 85 0.66 19.09 12.57
N ILE A 86 1.34 20.18 12.25
CA ILE A 86 1.96 21.01 13.28
C ILE A 86 2.02 22.47 12.85
N THR A 1 -5.26 -28.46 -3.52
CA THR A 1 -5.02 -28.18 -4.94
C THR A 1 -3.93 -27.14 -5.12
N ASP A 2 -2.81 -27.34 -4.43
CA ASP A 2 -1.69 -26.41 -4.52
C ASP A 2 -1.26 -26.20 -5.96
N ILE A 3 -1.45 -24.99 -6.48
CA ILE A 3 -1.10 -24.67 -7.84
C ILE A 3 -0.08 -23.52 -7.84
N ASP A 4 0.64 -23.34 -8.93
CA ASP A 4 1.64 -22.27 -9.01
C ASP A 4 1.12 -20.96 -8.40
N GLU A 5 0.39 -20.19 -9.20
CA GLU A 5 -0.16 -18.90 -8.78
C GLU A 5 0.76 -17.76 -9.18
N CYS A 6 2.03 -17.86 -8.81
CA CYS A 6 3.02 -16.83 -9.12
C CYS A 6 3.26 -16.75 -10.63
N ARG A 7 3.24 -17.91 -11.29
CA ARG A 7 3.45 -17.97 -12.72
C ARG A 7 2.21 -17.51 -13.48
N ILE A 8 1.05 -17.67 -12.85
CA ILE A 8 -0.21 -17.26 -13.47
C ILE A 8 -0.02 -15.98 -14.26
N SER A 9 0.82 -15.09 -13.71
CA SER A 9 1.08 -13.82 -14.35
C SER A 9 2.30 -13.15 -13.71
N PRO A 10 2.99 -12.29 -14.47
CA PRO A 10 4.15 -11.58 -13.99
C PRO A 10 3.78 -10.25 -13.36
N ASP A 11 2.57 -9.79 -13.66
CA ASP A 11 2.06 -8.53 -13.12
C ASP A 11 1.03 -8.81 -12.04
N LEU A 12 1.04 -10.05 -11.54
CA LEU A 12 0.10 -10.45 -10.50
C LEU A 12 -0.10 -9.34 -9.48
N CYS A 13 1.00 -8.88 -8.90
CA CYS A 13 0.96 -7.82 -7.90
C CYS A 13 0.98 -6.45 -8.55
N GLY A 14 0.72 -6.41 -9.84
CA GLY A 14 0.70 -5.14 -10.56
C GLY A 14 1.88 -4.26 -10.19
N ARG A 15 2.96 -4.89 -9.71
CA ARG A 15 4.16 -4.16 -9.32
C ARG A 15 5.06 -5.04 -8.45
N GLY A 16 4.51 -5.49 -7.33
CA GLY A 16 5.27 -6.33 -6.43
C GLY A 16 5.76 -7.62 -7.08
N GLN A 17 5.90 -8.67 -6.29
CA GLN A 17 6.35 -9.96 -6.80
C GLN A 17 5.55 -11.10 -6.19
N CYS A 18 4.77 -11.78 -7.03
CA CYS A 18 3.95 -12.90 -6.58
C CYS A 18 4.80 -13.93 -5.83
N VAL A 19 4.13 -14.70 -4.96
CA VAL A 19 4.80 -15.73 -4.19
C VAL A 19 3.99 -17.03 -4.22
N ASN A 20 4.63 -18.13 -3.85
CA ASN A 20 3.97 -19.42 -3.85
C ASN A 20 3.67 -19.90 -2.43
N THR A 21 2.52 -20.54 -2.26
CA THR A 21 2.11 -21.06 -0.96
C THR A 21 1.18 -22.26 -1.12
N PRO A 22 1.15 -23.16 -0.13
CA PRO A 22 0.31 -24.34 -0.17
C PRO A 22 -1.15 -24.00 -0.46
N GLY A 23 -1.65 -24.49 -1.59
CA GLY A 23 -3.03 -24.19 -1.96
C GLY A 23 -3.35 -22.73 -1.80
N ASP A 24 -2.46 -21.88 -2.29
CA ASP A 24 -2.63 -20.43 -2.19
C ASP A 24 -1.36 -19.72 -2.64
N PHE A 25 -1.40 -18.40 -2.64
CA PHE A 25 -0.25 -17.61 -3.07
C PHE A 25 -0.29 -16.20 -2.50
N GLU A 26 0.86 -15.54 -2.50
CA GLU A 26 0.98 -14.18 -1.98
C GLU A 26 1.77 -13.29 -2.96
N CYS A 27 2.07 -12.09 -2.53
CA CYS A 27 2.82 -11.15 -3.37
C CYS A 27 3.82 -10.36 -2.56
N LYS A 28 4.83 -9.82 -3.24
CA LYS A 28 5.86 -9.01 -2.58
C LYS A 28 5.77 -7.56 -3.01
N CYS A 29 4.79 -6.85 -2.47
CA CYS A 29 4.58 -5.44 -2.81
C CYS A 29 5.89 -4.68 -2.78
N ASP A 30 5.93 -3.57 -3.51
CA ASP A 30 7.12 -2.73 -3.58
C ASP A 30 7.54 -2.26 -2.19
N GLU A 31 6.89 -1.20 -1.72
CA GLU A 31 7.19 -0.65 -0.40
C GLU A 31 5.93 -0.13 0.27
N GLY A 32 5.07 0.52 -0.51
CA GLY A 32 3.83 1.06 0.02
C GLY A 32 2.62 0.57 -0.73
N TYR A 33 2.78 -0.52 -1.48
CA TYR A 33 1.69 -1.10 -2.26
C TYR A 33 0.92 -2.13 -1.43
N GLU A 34 -0.32 -2.40 -1.83
CA GLU A 34 -1.16 -3.36 -1.12
C GLU A 34 -1.63 -4.47 -2.07
N SER A 35 -1.35 -5.72 -1.69
CA SER A 35 -1.75 -6.85 -2.49
C SER A 35 -3.15 -7.32 -2.11
N GLY A 36 -4.12 -7.02 -2.97
CA GLY A 36 -5.48 -7.40 -2.70
C GLY A 36 -6.36 -6.23 -2.36
N PHE A 37 -6.63 -5.38 -3.35
CA PHE A 37 -7.46 -4.20 -3.15
C PHE A 37 -8.85 -4.39 -3.73
N MET A 38 -8.99 -5.42 -4.57
CA MET A 38 -10.26 -5.73 -5.20
C MET A 38 -10.06 -6.75 -6.31
N MET A 39 -8.88 -6.73 -6.91
CA MET A 39 -8.53 -7.66 -7.98
C MET A 39 -8.24 -9.04 -7.41
N MET A 40 -8.00 -9.08 -6.10
CA MET A 40 -7.69 -10.31 -5.38
C MET A 40 -6.19 -10.45 -5.17
N LYS A 41 -5.42 -9.64 -5.90
CA LYS A 41 -3.98 -9.66 -5.79
C LYS A 41 -3.34 -8.76 -6.85
N ASN A 42 -2.98 -7.56 -6.45
CA ASN A 42 -2.36 -6.60 -7.35
C ASN A 42 -1.77 -5.42 -6.56
N CYS A 43 -0.67 -5.69 -5.86
CA CYS A 43 -0.01 -4.68 -5.04
C CYS A 43 -0.22 -3.28 -5.59
N MET A 44 -1.04 -2.49 -4.87
CA MET A 44 -1.34 -1.12 -5.27
C MET A 44 -1.35 -0.19 -4.07
N ASP A 45 -0.37 0.72 -4.04
CA ASP A 45 -0.22 1.70 -2.95
C ASP A 45 -1.28 1.56 -1.87
N ILE A 46 -0.87 1.03 -0.72
CA ILE A 46 -1.75 0.83 0.41
C ILE A 46 -2.43 2.12 0.84
N ASP A 47 -3.19 2.05 1.92
CA ASP A 47 -3.90 3.21 2.45
C ASP A 47 -3.07 3.88 3.54
N GLU A 48 -2.04 4.60 3.12
CA GLU A 48 -1.16 5.29 4.07
C GLU A 48 -1.97 6.11 5.08
N CYS A 49 -3.20 6.44 4.71
CA CYS A 49 -4.07 7.21 5.59
C CYS A 49 -4.67 6.33 6.68
N GLN A 50 -4.49 5.03 6.52
CA GLN A 50 -5.00 4.06 7.49
C GLN A 50 -3.84 3.39 8.22
N ARG A 51 -2.68 3.39 7.58
CA ARG A 51 -1.48 2.80 8.16
C ARG A 51 -1.15 3.43 9.50
N ASP A 52 -1.67 4.64 9.72
CA ASP A 52 -1.43 5.35 10.96
C ASP A 52 -2.72 5.91 11.53
N PRO A 53 -2.87 5.89 12.86
CA PRO A 53 -4.06 6.39 13.55
C PRO A 53 -4.03 7.90 13.74
N LEU A 54 -2.91 8.52 13.37
CA LEU A 54 -2.75 9.95 13.51
C LEU A 54 -2.42 10.59 12.15
N LEU A 55 -2.17 9.75 11.16
CA LEU A 55 -1.84 10.21 9.82
C LEU A 55 -2.90 11.19 9.32
N CYS A 56 -2.50 12.43 9.14
CA CYS A 56 -3.42 13.47 8.66
C CYS A 56 -4.61 13.59 9.62
N ARG A 57 -4.45 13.05 10.83
CA ARG A 57 -5.49 13.10 11.83
C ARG A 57 -6.13 14.48 11.86
N GLY A 58 -5.35 15.49 11.48
CA GLY A 58 -5.85 16.85 11.46
C GLY A 58 -5.50 17.56 10.17
N GLY A 59 -5.39 16.79 9.08
CA GLY A 59 -5.05 17.38 7.80
C GLY A 59 -5.78 16.71 6.64
N VAL A 60 -5.03 16.39 5.59
CA VAL A 60 -5.61 15.76 4.41
C VAL A 60 -4.79 14.56 3.97
N CYS A 61 -5.46 13.47 3.64
CA CYS A 61 -4.79 12.25 3.21
C CYS A 61 -4.65 12.19 1.69
N HIS A 62 -3.55 12.73 1.18
CA HIS A 62 -3.30 12.72 -0.26
C HIS A 62 -2.56 11.45 -0.65
N ASN A 63 -3.07 10.32 -0.16
CA ASN A 63 -2.47 9.02 -0.45
C ASN A 63 -2.10 8.88 -1.92
N THR A 64 -0.81 8.75 -2.19
CA THR A 64 -0.32 8.61 -3.56
C THR A 64 0.33 7.24 -3.76
N GLU A 65 1.13 7.13 -4.82
CA GLU A 65 1.80 5.88 -5.14
C GLU A 65 2.99 5.66 -4.21
N GLY A 66 3.12 4.42 -3.71
CA GLY A 66 4.21 4.10 -2.81
C GLY A 66 4.56 5.25 -1.88
N SER A 67 3.53 5.97 -1.42
CA SER A 67 3.73 7.10 -0.52
C SER A 67 2.45 7.89 -0.38
N TYR A 68 2.44 8.81 0.58
CA TYR A 68 1.26 9.65 0.82
C TYR A 68 1.66 11.07 1.16
N ARG A 69 0.81 12.02 0.81
CA ARG A 69 1.08 13.43 1.07
C ARG A 69 0.11 13.98 2.11
N CYS A 70 0.62 14.18 3.32
CA CYS A 70 -0.20 14.70 4.41
C CYS A 70 -0.15 16.23 4.44
N GLU A 71 -1.32 16.85 4.58
CA GLU A 71 -1.41 18.31 4.60
C GLU A 71 -2.54 18.77 5.52
N CYS A 72 -2.21 19.68 6.45
CA CYS A 72 -3.20 20.19 7.39
C CYS A 72 -4.46 20.67 6.67
N PRO A 73 -4.31 21.43 5.56
CA PRO A 73 -3.00 21.80 4.99
C PRO A 73 -2.28 22.89 5.80
N PRO A 74 -2.89 24.09 5.95
CA PRO A 74 -2.27 25.21 6.67
C PRO A 74 -2.51 25.18 8.17
N GLY A 75 -2.41 26.35 8.80
CA GLY A 75 -2.62 26.44 10.23
C GLY A 75 -1.85 25.37 10.98
N HIS A 76 -0.66 25.06 10.51
CA HIS A 76 0.16 24.05 11.14
C HIS A 76 1.24 23.53 10.19
N GLN A 77 1.85 22.41 10.56
CA GLN A 77 2.88 21.78 9.75
C GLN A 77 2.66 20.28 9.71
N LEU A 78 1.83 19.83 8.78
CA LEU A 78 1.54 18.41 8.66
C LEU A 78 2.76 17.59 8.27
N SER A 79 3.06 16.60 9.09
CA SER A 79 4.20 15.72 8.86
C SER A 79 4.12 15.11 7.46
N PRO A 80 5.18 15.31 6.65
CA PRO A 80 5.23 14.78 5.29
C PRO A 80 4.96 13.28 5.25
N ASN A 81 5.57 12.55 6.17
CA ASN A 81 5.39 11.10 6.24
C ASN A 81 5.41 10.62 7.70
N ILE A 82 5.31 11.57 8.63
CA ILE A 82 5.33 11.24 10.05
C ILE A 82 3.92 10.98 10.56
N SER A 83 2.92 11.47 9.82
CA SER A 83 1.52 11.28 10.18
C SER A 83 1.17 11.98 11.48
N ALA A 84 0.48 13.14 11.37
CA ALA A 84 0.03 13.93 12.52
C ALA A 84 0.47 15.39 12.38
N CYS A 85 -0.47 16.28 12.09
CA CYS A 85 -0.14 17.70 11.94
C CYS A 85 0.33 18.30 13.26
N ILE A 86 1.36 19.14 13.18
CA ILE A 86 1.92 19.79 14.36
C ILE A 86 1.96 21.30 14.19
N THR A 1 -3.21 -26.52 -1.63
CA THR A 1 -2.10 -27.43 -1.41
C THR A 1 -0.77 -26.68 -1.33
N ASP A 2 -0.13 -26.50 -2.47
CA ASP A 2 1.15 -25.79 -2.53
C ASP A 2 1.66 -25.71 -3.98
N ILE A 3 0.80 -25.24 -4.87
CA ILE A 3 1.15 -25.10 -6.27
C ILE A 3 1.76 -23.72 -6.54
N ASP A 4 2.39 -23.58 -7.70
CA ASP A 4 3.01 -22.31 -8.07
C ASP A 4 1.96 -21.27 -8.41
N GLU A 5 1.56 -20.50 -7.41
CA GLU A 5 0.56 -19.46 -7.60
C GLU A 5 1.14 -18.28 -8.38
N CYS A 6 2.46 -18.14 -8.30
CA CYS A 6 3.15 -17.06 -9.01
C CYS A 6 3.13 -17.29 -10.51
N ARG A 7 3.44 -18.52 -10.91
CA ARG A 7 3.45 -18.88 -12.32
C ARG A 7 2.09 -18.55 -12.96
N ILE A 8 1.04 -18.64 -12.17
CA ILE A 8 -0.30 -18.34 -12.66
C ILE A 8 -0.26 -17.16 -13.61
N SER A 9 0.59 -16.20 -13.29
CA SER A 9 0.73 -15.00 -14.10
C SER A 9 1.99 -14.23 -13.71
N PRO A 10 2.55 -13.46 -14.64
CA PRO A 10 3.75 -12.67 -14.40
C PRO A 10 3.40 -11.32 -13.78
N ASP A 11 2.16 -10.89 -13.99
CA ASP A 11 1.68 -9.63 -13.45
C ASP A 11 0.70 -9.89 -12.32
N LEU A 12 0.76 -11.10 -11.77
CA LEU A 12 -0.12 -11.51 -10.68
C LEU A 12 -0.51 -10.33 -9.81
N CYS A 13 0.50 -9.65 -9.26
CA CYS A 13 0.26 -8.49 -8.41
C CYS A 13 0.31 -7.21 -9.23
N GLY A 14 0.90 -7.30 -10.42
CA GLY A 14 1.01 -6.15 -11.29
C GLY A 14 2.20 -5.26 -10.97
N ARG A 15 2.36 -4.95 -9.69
CA ARG A 15 3.46 -4.09 -9.26
C ARG A 15 4.41 -4.85 -8.33
N GLY A 16 4.01 -6.04 -7.92
CA GLY A 16 4.84 -6.83 -7.04
C GLY A 16 5.25 -8.16 -7.65
N GLN A 17 5.86 -9.01 -6.85
CA GLN A 17 6.31 -10.32 -7.31
C GLN A 17 5.61 -11.45 -6.56
N CYS A 18 4.71 -12.15 -7.24
CA CYS A 18 3.97 -13.25 -6.63
C CYS A 18 4.92 -14.22 -5.94
N VAL A 19 4.56 -14.63 -4.72
CA VAL A 19 5.38 -15.56 -3.95
C VAL A 19 4.60 -16.82 -3.65
N ASN A 20 5.29 -17.96 -3.61
CA ASN A 20 4.67 -19.24 -3.33
C ASN A 20 4.56 -19.49 -1.83
N THR A 21 3.44 -20.07 -1.42
CA THR A 21 3.20 -20.37 -0.01
C THR A 21 2.35 -21.63 0.14
N PRO A 22 2.47 -22.32 1.29
CA PRO A 22 1.70 -23.54 1.56
C PRO A 22 0.21 -23.33 1.35
N GLY A 23 -0.30 -23.84 0.24
CA GLY A 23 -1.71 -23.67 -0.06
C GLY A 23 -2.12 -22.22 -0.11
N ASP A 24 -1.28 -21.40 -0.74
CA ASP A 24 -1.54 -19.98 -0.85
C ASP A 24 -0.41 -19.28 -1.59
N PHE A 25 -0.41 -17.95 -1.56
CA PHE A 25 0.62 -17.17 -2.23
C PHE A 25 0.48 -15.69 -1.91
N GLU A 26 1.62 -15.03 -1.70
CA GLU A 26 1.62 -13.60 -1.40
C GLU A 26 2.11 -12.80 -2.60
N CYS A 27 2.77 -11.68 -2.34
CA CYS A 27 3.28 -10.85 -3.42
C CYS A 27 4.33 -9.86 -2.91
N LYS A 28 5.29 -9.55 -3.78
CA LYS A 28 6.34 -8.60 -3.44
C LYS A 28 6.05 -7.23 -4.05
N CYS A 29 5.00 -6.60 -3.55
CA CYS A 29 4.57 -5.29 -4.04
C CYS A 29 5.73 -4.30 -4.04
N ASP A 30 5.48 -3.13 -4.64
CA ASP A 30 6.48 -2.08 -4.73
C ASP A 30 6.77 -1.46 -3.37
N GLU A 31 5.95 -0.50 -2.96
CA GLU A 31 6.14 0.17 -1.68
C GLU A 31 4.86 0.17 -0.86
N GLY A 32 3.85 0.87 -1.35
CA GLY A 32 2.59 0.94 -0.64
C GLY A 32 1.49 0.16 -1.33
N TYR A 33 1.85 -0.54 -2.39
CA TYR A 33 0.88 -1.33 -3.13
C TYR A 33 0.43 -2.53 -2.30
N GLU A 34 -0.84 -2.51 -1.91
CA GLU A 34 -1.40 -3.59 -1.11
C GLU A 34 -1.98 -4.67 -2.01
N SER A 35 -1.41 -5.87 -1.91
CA SER A 35 -1.86 -6.99 -2.72
C SER A 35 -3.08 -7.64 -2.08
N GLY A 36 -4.24 -7.35 -2.64
CA GLY A 36 -5.49 -7.91 -2.13
C GLY A 36 -6.50 -6.83 -1.85
N PHE A 37 -7.01 -6.22 -2.92
CA PHE A 37 -7.97 -5.15 -2.79
C PHE A 37 -9.26 -5.45 -3.55
N MET A 38 -9.42 -6.70 -4.00
CA MET A 38 -10.62 -7.08 -4.73
C MET A 38 -10.39 -8.36 -5.53
N MET A 39 -9.18 -8.51 -6.06
CA MET A 39 -8.84 -9.70 -6.85
C MET A 39 -8.16 -10.76 -5.99
N MET A 40 -7.48 -10.27 -4.94
CA MET A 40 -6.75 -11.12 -3.99
C MET A 40 -5.32 -10.63 -3.85
N LYS A 41 -4.87 -9.88 -4.84
CA LYS A 41 -3.52 -9.34 -4.84
C LYS A 41 -3.47 -8.00 -5.56
N ASN A 42 -3.23 -8.04 -6.86
CA ASN A 42 -3.15 -6.83 -7.67
C ASN A 42 -2.52 -5.70 -6.89
N CYS A 43 -1.23 -5.85 -6.59
CA CYS A 43 -0.49 -4.84 -5.83
C CYS A 43 -1.06 -3.44 -6.09
N MET A 44 -1.93 -3.01 -5.20
CA MET A 44 -2.58 -1.71 -5.32
C MET A 44 -2.39 -0.85 -4.08
N ASP A 45 -1.68 0.28 -4.24
CA ASP A 45 -1.41 1.21 -3.14
C ASP A 45 -2.41 1.05 -2.00
N ILE A 46 -1.89 1.12 -0.78
CA ILE A 46 -2.70 1.00 0.41
C ILE A 46 -3.36 2.32 0.78
N ASP A 47 -4.04 2.35 1.91
CA ASP A 47 -4.70 3.55 2.39
C ASP A 47 -3.90 4.17 3.51
N GLU A 48 -2.77 4.78 3.17
CA GLU A 48 -1.90 5.41 4.15
C GLU A 48 -2.70 6.30 5.10
N CYS A 49 -3.85 6.79 4.64
CA CYS A 49 -4.70 7.65 5.45
C CYS A 49 -5.44 6.84 6.50
N GLN A 50 -5.40 5.52 6.35
CA GLN A 50 -6.06 4.62 7.28
C GLN A 50 -5.04 3.82 8.07
N ARG A 51 -3.86 3.66 7.48
CA ARG A 51 -2.77 2.93 8.13
C ARG A 51 -2.54 3.46 9.54
N ASP A 52 -2.77 4.75 9.74
CA ASP A 52 -2.59 5.38 11.04
C ASP A 52 -3.83 6.19 11.42
N PRO A 53 -4.09 6.32 12.72
CA PRO A 53 -5.24 7.05 13.24
C PRO A 53 -4.92 8.53 13.46
N LEU A 54 -3.67 8.89 13.24
CA LEU A 54 -3.23 10.27 13.42
C LEU A 54 -2.82 10.89 12.08
N LEU A 55 -2.72 10.05 11.06
CA LEU A 55 -2.34 10.50 9.73
C LEU A 55 -3.24 11.64 9.27
N CYS A 56 -2.63 12.79 9.02
CA CYS A 56 -3.38 13.96 8.58
C CYS A 56 -4.61 14.15 9.46
N ARG A 57 -4.50 13.65 10.69
CA ARG A 57 -5.58 13.75 11.66
C ARG A 57 -6.22 15.14 11.60
N GLY A 58 -5.43 16.13 11.19
CA GLY A 58 -5.93 17.49 11.08
C GLY A 58 -5.45 18.16 9.82
N GLY A 59 -5.06 17.35 8.83
CA GLY A 59 -4.58 17.87 7.57
C GLY A 59 -5.30 17.29 6.37
N VAL A 60 -4.56 17.01 5.31
CA VAL A 60 -5.13 16.44 4.10
C VAL A 60 -4.48 15.11 3.75
N CYS A 61 -5.29 14.14 3.36
CA CYS A 61 -4.79 12.81 3.02
C CYS A 61 -4.58 12.67 1.52
N HIS A 62 -3.40 13.02 1.05
CA HIS A 62 -3.07 12.90 -0.36
C HIS A 62 -2.47 11.53 -0.66
N ASN A 63 -3.14 10.49 -0.20
CA ASN A 63 -2.68 9.12 -0.42
C ASN A 63 -2.26 8.91 -1.87
N THR A 64 -0.96 8.69 -2.07
CA THR A 64 -0.42 8.47 -3.40
C THR A 64 -0.10 6.99 -3.63
N GLU A 65 0.52 6.70 -4.76
CA GLU A 65 0.88 5.33 -5.10
C GLU A 65 1.63 4.66 -3.94
N GLY A 66 2.95 4.64 -4.03
CA GLY A 66 3.74 4.02 -2.98
C GLY A 66 4.10 5.01 -1.88
N SER A 67 3.08 5.59 -1.27
CA SER A 67 3.27 6.56 -0.20
C SER A 67 2.07 7.48 -0.07
N TYR A 68 2.18 8.49 0.78
CA TYR A 68 1.08 9.43 0.99
C TYR A 68 1.61 10.81 1.34
N ARG A 69 0.86 11.83 0.96
CA ARG A 69 1.25 13.21 1.23
C ARG A 69 0.29 13.88 2.21
N CYS A 70 0.82 14.27 3.36
CA CYS A 70 0.01 14.94 4.38
C CYS A 70 0.05 16.45 4.20
N GLU A 71 -1.08 17.11 4.44
CA GLU A 71 -1.17 18.55 4.27
C GLU A 71 -1.92 19.20 5.44
N CYS A 72 -1.26 20.14 6.11
CA CYS A 72 -1.86 20.83 7.25
C CYS A 72 -2.90 21.87 6.80
N PRO A 73 -2.68 22.54 5.64
CA PRO A 73 -1.51 22.34 4.77
C PRO A 73 -0.23 22.90 5.37
N PRO A 74 0.85 22.91 4.58
CA PRO A 74 2.15 23.44 5.02
C PRO A 74 2.03 24.73 5.82
N GLY A 75 3.16 25.22 6.31
CA GLY A 75 3.16 26.43 7.10
C GLY A 75 3.03 26.10 8.58
N HIS A 76 2.55 24.89 8.85
CA HIS A 76 2.37 24.41 10.21
C HIS A 76 3.52 23.46 10.57
N GLN A 77 3.21 22.25 11.04
CA GLN A 77 4.24 21.29 11.39
C GLN A 77 3.71 19.88 11.21
N LEU A 78 3.41 19.53 9.96
CA LEU A 78 2.87 18.22 9.64
C LEU A 78 3.98 17.22 9.34
N SER A 79 3.92 16.07 10.00
CA SER A 79 4.90 15.03 9.80
C SER A 79 4.92 14.57 8.33
N PRO A 80 6.12 14.43 7.75
CA PRO A 80 6.26 14.01 6.36
C PRO A 80 5.56 12.69 6.09
N ASN A 81 5.84 11.69 6.93
CA ASN A 81 5.24 10.37 6.80
C ASN A 81 5.05 9.74 8.16
N ILE A 82 4.86 10.58 9.18
CA ILE A 82 4.66 10.11 10.54
C ILE A 82 3.17 10.06 10.86
N SER A 83 2.39 10.85 10.15
CA SER A 83 0.94 10.89 10.33
C SER A 83 0.55 11.64 11.61
N ALA A 84 0.34 12.95 11.48
CA ALA A 84 -0.07 13.79 12.62
C ALA A 84 0.40 15.24 12.47
N CYS A 85 -0.49 16.11 12.02
CA CYS A 85 -0.17 17.52 11.85
C CYS A 85 0.29 18.12 13.19
N ILE A 86 1.04 19.21 13.13
CA ILE A 86 1.53 19.85 14.34
C ILE A 86 1.65 21.36 14.16
N THR A 1 -8.50 -26.84 -4.00
CA THR A 1 -7.39 -27.35 -4.79
C THR A 1 -6.08 -26.64 -4.44
N ASP A 2 -5.14 -26.63 -5.37
CA ASP A 2 -3.86 -25.98 -5.16
C ASP A 2 -3.11 -25.80 -6.48
N ILE A 3 -3.38 -24.71 -7.17
CA ILE A 3 -2.73 -24.44 -8.45
C ILE A 3 -1.48 -23.57 -8.25
N ASP A 4 -0.97 -23.00 -9.34
CA ASP A 4 0.23 -22.16 -9.27
C ASP A 4 -0.15 -20.73 -8.91
N GLU A 5 -1.10 -20.18 -9.63
CA GLU A 5 -1.55 -18.81 -9.40
C GLU A 5 -0.51 -17.82 -9.90
N CYS A 6 0.71 -17.93 -9.39
CA CYS A 6 1.80 -17.05 -9.80
C CYS A 6 2.13 -17.24 -11.27
N ARG A 7 1.70 -18.37 -11.82
CA ARG A 7 1.95 -18.67 -13.23
C ARG A 7 1.01 -17.87 -14.12
N ILE A 8 -0.21 -17.65 -13.65
CA ILE A 8 -1.21 -16.90 -14.40
C ILE A 8 -0.56 -15.67 -15.02
N SER A 9 0.35 -15.06 -14.28
CA SER A 9 1.04 -13.87 -14.75
C SER A 9 2.31 -13.64 -13.94
N PRO A 10 3.32 -12.99 -14.54
CA PRO A 10 4.59 -12.70 -13.89
C PRO A 10 4.51 -11.40 -13.10
N ASP A 11 3.50 -10.59 -13.42
CA ASP A 11 3.30 -9.31 -12.74
C ASP A 11 2.05 -9.37 -11.86
N LEU A 12 1.66 -10.59 -11.50
CA LEU A 12 0.48 -10.80 -10.67
C LEU A 12 0.44 -9.79 -9.52
N CYS A 13 1.58 -9.59 -8.87
CA CYS A 13 1.67 -8.67 -7.75
C CYS A 13 1.88 -7.23 -8.23
N GLY A 14 1.71 -7.02 -9.52
CA GLY A 14 1.87 -5.69 -10.10
C GLY A 14 3.20 -5.03 -9.77
N ARG A 15 4.14 -5.79 -9.19
CA ARG A 15 5.45 -5.26 -8.84
C ARG A 15 6.25 -6.30 -8.05
N GLY A 16 5.68 -6.77 -6.95
CA GLY A 16 6.36 -7.75 -6.12
C GLY A 16 6.56 -9.08 -6.82
N GLN A 17 6.49 -10.16 -6.05
CA GLN A 17 6.69 -11.50 -6.60
C GLN A 17 5.58 -12.44 -6.14
N CYS A 18 4.91 -13.06 -7.11
CA CYS A 18 3.82 -13.98 -6.81
C CYS A 18 4.36 -15.31 -6.28
N VAL A 19 3.79 -15.77 -5.16
CA VAL A 19 4.21 -17.03 -4.56
C VAL A 19 3.04 -18.02 -4.53
N ASN A 20 3.35 -19.30 -4.36
CA ASN A 20 2.33 -20.34 -4.33
C ASN A 20 1.88 -20.63 -2.90
N THR A 21 0.61 -21.02 -2.75
CA THR A 21 0.06 -21.34 -1.44
C THR A 21 -1.09 -22.33 -1.57
N PRO A 22 -1.28 -23.19 -0.56
CA PRO A 22 -2.35 -24.19 -0.55
C PRO A 22 -3.70 -23.58 -0.90
N GLY A 23 -4.23 -23.94 -2.07
CA GLY A 23 -5.50 -23.41 -2.50
C GLY A 23 -5.51 -21.90 -2.52
N ASP A 24 -4.43 -21.32 -3.03
CA ASP A 24 -4.30 -19.87 -3.11
C ASP A 24 -2.88 -19.47 -3.50
N PHE A 25 -2.55 -18.22 -3.29
CA PHE A 25 -1.23 -17.71 -3.63
C PHE A 25 -0.98 -16.34 -2.99
N GLU A 26 0.27 -16.12 -2.59
CA GLU A 26 0.65 -14.85 -1.97
C GLU A 26 1.54 -14.05 -2.91
N CYS A 27 2.16 -13.00 -2.38
CA CYS A 27 3.04 -12.16 -3.20
C CYS A 27 4.12 -11.48 -2.36
N LYS A 28 5.13 -10.95 -3.04
CA LYS A 28 6.24 -10.27 -2.38
C LYS A 28 6.40 -8.86 -2.94
N CYS A 29 5.47 -7.97 -2.58
CA CYS A 29 5.50 -6.60 -3.05
C CYS A 29 6.91 -6.02 -3.02
N ASP A 30 7.07 -4.84 -3.60
CA ASP A 30 8.37 -4.17 -3.65
C ASP A 30 8.68 -3.45 -2.35
N GLU A 31 8.01 -2.33 -2.13
CA GLU A 31 8.23 -1.54 -0.92
C GLU A 31 6.92 -1.18 -0.24
N GLY A 32 6.30 -0.09 -0.68
CA GLY A 32 5.05 0.34 -0.09
C GLY A 32 3.84 -0.20 -0.82
N TYR A 33 4.07 -0.85 -1.95
CA TYR A 33 2.98 -1.41 -2.73
C TYR A 33 2.32 -2.59 -2.01
N GLU A 34 1.01 -2.53 -1.85
CA GLU A 34 0.26 -3.57 -1.17
C GLU A 34 -0.40 -4.51 -2.18
N SER A 35 -0.17 -5.81 -2.01
CA SER A 35 -0.74 -6.81 -2.89
C SER A 35 -2.12 -7.24 -2.44
N GLY A 36 -3.15 -6.77 -3.15
CA GLY A 36 -4.50 -7.12 -2.80
C GLY A 36 -5.34 -5.92 -2.41
N PHE A 37 -4.94 -4.74 -2.88
CA PHE A 37 -5.66 -3.52 -2.57
C PHE A 37 -7.17 -3.73 -2.71
N MET A 38 -7.53 -4.69 -3.57
CA MET A 38 -8.94 -5.01 -3.80
C MET A 38 -9.12 -5.66 -5.17
N MET A 39 -8.31 -5.22 -6.12
CA MET A 39 -8.37 -5.76 -7.48
C MET A 39 -8.25 -7.28 -7.46
N MET A 40 -7.30 -7.77 -6.67
CA MET A 40 -7.06 -9.20 -6.55
C MET A 40 -5.87 -9.47 -5.64
N LYS A 41 -4.69 -9.03 -6.09
CA LYS A 41 -3.47 -9.20 -5.33
C LYS A 41 -2.32 -8.38 -5.90
N ASN A 42 -2.66 -7.32 -6.63
CA ASN A 42 -1.65 -6.46 -7.22
C ASN A 42 -1.05 -5.55 -6.15
N CYS A 43 0.24 -5.29 -6.26
CA CYS A 43 0.93 -4.45 -5.30
C CYS A 43 0.79 -2.99 -5.69
N MET A 44 -0.01 -2.26 -4.91
CA MET A 44 -0.23 -0.85 -5.18
C MET A 44 -0.18 -0.04 -3.88
N ASP A 45 0.85 0.81 -3.77
CA ASP A 45 1.07 1.67 -2.60
C ASP A 45 0.04 1.45 -1.51
N ILE A 46 0.53 0.98 -0.37
CA ILE A 46 -0.31 0.71 0.79
C ILE A 46 -1.12 1.93 1.17
N ASP A 47 -1.82 1.85 2.30
CA ASP A 47 -2.64 2.94 2.78
C ASP A 47 -1.89 3.78 3.82
N GLU A 48 -0.93 4.56 3.35
CA GLU A 48 -0.14 5.41 4.24
C GLU A 48 -1.05 6.21 5.17
N CYS A 49 -2.29 6.40 4.73
CA CYS A 49 -3.27 7.15 5.51
C CYS A 49 -3.81 6.31 6.67
N GLN A 50 -3.50 5.02 6.64
CA GLN A 50 -3.94 4.09 7.68
C GLN A 50 -2.74 3.56 8.46
N ARG A 51 -1.57 3.59 7.83
CA ARG A 51 -0.35 3.11 8.45
C ARG A 51 -0.08 3.87 9.75
N ASP A 52 -0.49 5.13 9.78
CA ASP A 52 -0.30 5.97 10.95
C ASP A 52 -1.64 6.39 11.55
N PRO A 53 -1.72 6.35 12.89
CA PRO A 53 -2.94 6.71 13.61
C PRO A 53 -3.05 8.22 13.83
N LEU A 54 -2.03 8.94 13.39
CA LEU A 54 -2.01 10.39 13.53
C LEU A 54 -1.85 11.06 12.16
N LEU A 55 -1.65 10.24 11.13
CA LEU A 55 -1.49 10.75 9.77
C LEU A 55 -2.63 11.67 9.40
N CYS A 56 -2.31 12.93 9.16
CA CYS A 56 -3.32 13.91 8.78
C CYS A 56 -4.46 13.90 9.79
N ARG A 57 -4.17 13.41 10.97
CA ARG A 57 -5.16 13.35 12.04
C ARG A 57 -5.91 14.67 12.14
N GLY A 58 -5.26 15.74 11.70
CA GLY A 58 -5.87 17.05 11.74
C GLY A 58 -5.85 17.71 10.37
N GLY A 59 -5.71 16.89 9.33
CA GLY A 59 -5.67 17.43 7.98
C GLY A 59 -6.29 16.48 6.96
N VAL A 60 -5.56 16.22 5.88
CA VAL A 60 -6.03 15.33 4.82
C VAL A 60 -4.92 14.40 4.36
N CYS A 61 -5.24 13.13 4.24
CA CYS A 61 -4.26 12.13 3.81
C CYS A 61 -4.41 11.80 2.33
N HIS A 62 -3.60 12.45 1.49
CA HIS A 62 -3.65 12.20 0.06
C HIS A 62 -2.72 11.06 -0.31
N ASN A 63 -2.99 9.88 0.24
CA ASN A 63 -2.19 8.69 -0.02
C ASN A 63 -1.83 8.60 -1.50
N THR A 64 -0.53 8.59 -1.79
CA THR A 64 -0.06 8.51 -3.16
C THR A 64 0.83 7.29 -3.35
N GLU A 65 1.21 7.01 -4.59
CA GLU A 65 2.06 5.87 -4.89
C GLU A 65 3.40 5.97 -4.15
N GLY A 66 3.87 4.84 -3.63
CA GLY A 66 5.13 4.84 -2.91
C GLY A 66 5.32 6.08 -2.07
N SER A 67 4.23 6.61 -1.53
CA SER A 67 4.29 7.81 -0.71
C SER A 67 2.89 8.21 -0.23
N TYR A 68 2.79 9.43 0.29
CA TYR A 68 1.52 9.96 0.79
C TYR A 68 1.67 11.43 1.17
N ARG A 69 0.61 12.19 0.93
CA ARG A 69 0.63 13.60 1.24
C ARG A 69 -0.26 13.93 2.43
N CYS A 70 0.10 14.98 3.14
CA CYS A 70 -0.66 15.41 4.30
C CYS A 70 -0.93 16.91 4.24
N GLU A 71 -2.16 17.31 4.53
CA GLU A 71 -2.55 18.71 4.48
C GLU A 71 -3.52 19.05 5.61
N CYS A 72 -3.17 20.06 6.41
CA CYS A 72 -3.99 20.46 7.55
C CYS A 72 -5.36 20.98 7.11
N PRO A 73 -5.45 21.74 5.99
CA PRO A 73 -4.31 22.09 5.13
C PRO A 73 -3.49 23.24 5.69
N PRO A 74 -2.51 23.74 4.90
CA PRO A 74 -1.65 24.85 5.30
C PRO A 74 -2.32 25.81 6.28
N GLY A 75 -1.49 26.45 7.09
CA GLY A 75 -1.98 27.37 8.09
C GLY A 75 -1.65 26.86 9.48
N HIS A 76 -1.24 25.60 9.53
CA HIS A 76 -0.87 24.94 10.77
C HIS A 76 0.59 24.47 10.69
N GLN A 77 0.85 23.21 11.06
CA GLN A 77 2.20 22.68 11.00
C GLN A 77 2.15 21.17 10.75
N LEU A 78 1.80 20.78 9.53
CA LEU A 78 1.70 19.38 9.18
C LEU A 78 3.04 18.79 8.78
N SER A 79 3.41 17.71 9.45
CA SER A 79 4.66 17.02 9.20
C SER A 79 4.69 16.47 7.77
N PRO A 80 5.79 16.70 7.05
CA PRO A 80 5.95 16.23 5.68
C PRO A 80 5.54 14.77 5.52
N ASN A 81 6.02 13.92 6.41
CA ASN A 81 5.70 12.50 6.36
C ASN A 81 5.80 11.84 7.74
N ILE A 82 5.46 12.60 8.77
CA ILE A 82 5.50 12.07 10.13
C ILE A 82 4.09 11.72 10.61
N SER A 83 3.09 12.18 9.86
CA SER A 83 1.70 11.90 10.17
C SER A 83 1.25 12.54 11.48
N ALA A 84 0.80 13.81 11.41
CA ALA A 84 0.32 14.53 12.59
C ALA A 84 0.55 16.04 12.48
N CYS A 85 -0.53 16.78 12.20
CA CYS A 85 -0.43 18.24 12.10
C CYS A 85 -0.19 18.86 13.47
N ILE A 86 0.57 19.95 13.48
CA ILE A 86 0.88 20.65 14.72
C ILE A 86 0.17 22.00 14.80
N THR A 1 -4.50 -28.57 -2.49
CA THR A 1 -3.18 -29.02 -2.07
C THR A 1 -2.24 -27.84 -1.85
N ASP A 2 -1.55 -27.43 -2.91
CA ASP A 2 -0.62 -26.31 -2.84
C ASP A 2 0.15 -26.15 -4.15
N ILE A 3 -0.29 -25.22 -4.97
CA ILE A 3 0.36 -24.96 -6.26
C ILE A 3 1.45 -23.90 -6.11
N ASP A 4 1.91 -23.37 -7.24
CA ASP A 4 2.95 -22.35 -7.22
C ASP A 4 2.36 -20.95 -7.18
N GLU A 5 1.41 -20.70 -8.07
CA GLU A 5 0.76 -19.39 -8.16
C GLU A 5 1.72 -18.36 -8.73
N CYS A 6 2.88 -18.21 -8.11
CA CYS A 6 3.88 -17.25 -8.59
C CYS A 6 4.32 -17.61 -10.00
N ARG A 7 4.23 -18.88 -10.34
CA ARG A 7 4.61 -19.35 -11.66
C ARG A 7 3.71 -18.72 -12.72
N ILE A 8 2.45 -18.48 -12.35
CA ILE A 8 1.50 -17.86 -13.25
C ILE A 8 2.12 -16.68 -13.97
N SER A 9 2.91 -15.90 -13.24
CA SER A 9 3.56 -14.73 -13.80
C SER A 9 4.63 -14.18 -12.85
N PRO A 10 5.63 -13.49 -13.42
CA PRO A 10 6.72 -12.90 -12.66
C PRO A 10 6.37 -11.49 -12.22
N ASP A 11 5.40 -10.89 -12.91
CA ASP A 11 4.95 -9.55 -12.60
C ASP A 11 3.60 -9.62 -11.90
N LEU A 12 3.32 -10.78 -11.31
CA LEU A 12 2.05 -10.99 -10.61
C LEU A 12 1.68 -9.78 -9.74
N CYS A 13 2.65 -9.27 -8.99
CA CYS A 13 2.42 -8.12 -8.13
C CYS A 13 2.52 -6.81 -8.91
N GLY A 14 2.73 -6.92 -10.22
CA GLY A 14 2.82 -5.74 -11.06
C GLY A 14 4.02 -4.86 -10.75
N ARG A 15 4.88 -5.29 -9.83
CA ARG A 15 6.06 -4.51 -9.46
C ARG A 15 6.82 -5.17 -8.32
N GLY A 16 6.11 -5.49 -7.25
CA GLY A 16 6.75 -6.11 -6.10
C GLY A 16 7.30 -7.48 -6.38
N GLN A 17 6.98 -8.45 -5.52
CA GLN A 17 7.47 -9.82 -5.68
C GLN A 17 6.46 -10.83 -5.15
N CYS A 18 6.03 -11.74 -6.01
CA CYS A 18 5.06 -12.77 -5.63
C CYS A 18 5.66 -13.77 -4.65
N VAL A 19 4.79 -14.49 -3.94
CA VAL A 19 5.22 -15.48 -2.96
C VAL A 19 4.31 -16.70 -3.01
N ASN A 20 4.77 -17.80 -2.41
CA ASN A 20 3.99 -19.04 -2.39
C ASN A 20 3.39 -19.29 -1.01
N THR A 21 2.24 -19.98 -0.99
CA THR A 21 1.57 -20.29 0.26
C THR A 21 0.73 -21.56 0.11
N PRO A 22 0.61 -22.34 1.19
CA PRO A 22 -0.17 -23.57 1.20
C PRO A 22 -1.58 -23.37 0.63
N GLY A 23 -1.82 -23.95 -0.54
CA GLY A 23 -3.13 -23.82 -1.18
C GLY A 23 -3.48 -22.37 -1.44
N ASP A 24 -2.49 -21.60 -1.90
CA ASP A 24 -2.69 -20.20 -2.20
C ASP A 24 -1.35 -19.51 -2.43
N PHE A 25 -1.36 -18.18 -2.42
CA PHE A 25 -0.14 -17.41 -2.63
C PHE A 25 -0.32 -15.96 -2.21
N GLU A 26 0.77 -15.22 -2.21
CA GLU A 26 0.75 -13.81 -1.85
C GLU A 26 1.71 -13.02 -2.72
N CYS A 27 1.71 -11.71 -2.55
CA CYS A 27 2.61 -10.86 -3.34
C CYS A 27 3.18 -9.73 -2.48
N LYS A 28 4.35 -9.27 -2.89
CA LYS A 28 5.02 -8.18 -2.20
C LYS A 28 4.85 -6.90 -3.02
N CYS A 29 5.08 -5.75 -2.40
CA CYS A 29 4.93 -4.48 -3.10
C CYS A 29 6.04 -3.52 -2.73
N ASP A 30 6.33 -2.60 -3.64
CA ASP A 30 7.39 -1.61 -3.44
C ASP A 30 6.85 -0.35 -2.77
N GLU A 31 7.58 0.76 -2.97
CA GLU A 31 7.23 2.07 -2.43
C GLU A 31 6.09 2.00 -1.42
N GLY A 32 4.88 1.86 -1.94
CA GLY A 32 3.72 1.77 -1.09
C GLY A 32 2.58 1.04 -1.75
N TYR A 33 2.92 0.08 -2.61
CA TYR A 33 1.91 -0.71 -3.31
C TYR A 33 1.38 -1.83 -2.43
N GLU A 34 0.17 -2.28 -2.73
CA GLU A 34 -0.47 -3.34 -1.97
C GLU A 34 -1.07 -4.39 -2.92
N SER A 35 -0.80 -5.67 -2.62
CA SER A 35 -1.32 -6.75 -3.45
C SER A 35 -2.77 -6.47 -3.81
N GLY A 36 -3.00 -5.98 -5.02
CA GLY A 36 -4.35 -5.69 -5.47
C GLY A 36 -5.27 -6.86 -5.25
N PHE A 37 -5.15 -7.85 -6.12
CA PHE A 37 -5.96 -9.06 -6.04
C PHE A 37 -7.31 -8.86 -6.73
N MET A 38 -7.62 -7.61 -7.04
CA MET A 38 -8.87 -7.28 -7.72
C MET A 38 -8.69 -7.35 -9.23
N MET A 39 -7.43 -7.33 -9.66
CA MET A 39 -7.10 -7.38 -11.08
C MET A 39 -6.15 -8.53 -11.38
N MET A 40 -5.27 -8.83 -10.43
CA MET A 40 -4.30 -9.92 -10.59
C MET A 40 -3.25 -9.90 -9.50
N LYS A 41 -3.66 -9.55 -8.29
CA LYS A 41 -2.76 -9.49 -7.15
C LYS A 41 -1.51 -8.66 -7.48
N ASN A 42 -1.70 -7.61 -8.25
CA ASN A 42 -0.61 -6.73 -8.63
C ASN A 42 -0.23 -5.80 -7.49
N CYS A 43 0.30 -4.64 -7.82
CA CYS A 43 0.71 -3.65 -6.82
C CYS A 43 -0.13 -2.39 -6.95
N MET A 44 -0.95 -2.12 -5.93
CA MET A 44 -1.80 -0.95 -5.94
C MET A 44 -1.68 -0.18 -4.64
N ASP A 45 -0.95 0.95 -4.70
CA ASP A 45 -0.72 1.82 -3.56
C ASP A 45 -1.62 1.50 -2.38
N ILE A 46 -1.02 0.98 -1.32
CA ILE A 46 -1.74 0.63 -0.11
C ILE A 46 -2.64 1.77 0.34
N ASP A 47 -3.24 1.61 1.51
CA ASP A 47 -4.11 2.62 2.08
C ASP A 47 -3.38 3.41 3.15
N GLU A 48 -2.45 4.27 2.74
CA GLU A 48 -1.70 5.07 3.69
C GLU A 48 -2.65 5.81 4.62
N CYS A 49 -3.88 5.99 4.17
CA CYS A 49 -4.90 6.66 4.95
C CYS A 49 -5.38 5.77 6.09
N GLN A 50 -4.99 4.50 6.03
CA GLN A 50 -5.37 3.53 7.05
C GLN A 50 -4.15 3.04 7.81
N ARG A 51 -3.01 3.04 7.13
CA ARG A 51 -1.76 2.59 7.74
C ARG A 51 -1.54 3.26 9.09
N ASP A 52 -1.91 4.53 9.18
CA ASP A 52 -1.76 5.28 10.42
C ASP A 52 -3.12 5.62 11.01
N PRO A 53 -3.31 5.35 12.31
CA PRO A 53 -4.56 5.63 13.01
C PRO A 53 -4.71 7.11 13.36
N LEU A 54 -3.65 7.87 13.10
CA LEU A 54 -3.65 9.30 13.38
C LEU A 54 -3.27 10.10 12.14
N LEU A 55 -2.88 9.38 11.09
CA LEU A 55 -2.48 10.02 9.83
C LEU A 55 -3.23 11.33 9.61
N CYS A 56 -2.49 12.36 9.20
CA CYS A 56 -3.09 13.67 8.97
C CYS A 56 -4.15 13.95 10.02
N ARG A 57 -3.88 13.49 11.23
CA ARG A 57 -4.78 13.69 12.36
C ARG A 57 -5.42 15.07 12.31
N GLY A 58 -4.59 16.07 11.97
CA GLY A 58 -5.08 17.43 11.88
C GLY A 58 -4.84 18.02 10.51
N GLY A 59 -4.69 17.15 9.52
CA GLY A 59 -4.46 17.61 8.17
C GLY A 59 -5.28 16.85 7.13
N VAL A 60 -4.81 16.85 5.89
CA VAL A 60 -5.50 16.15 4.80
C VAL A 60 -4.67 14.98 4.28
N CYS A 61 -5.26 13.80 4.31
CA CYS A 61 -4.59 12.59 3.84
C CYS A 61 -4.83 12.39 2.34
N HIS A 62 -3.86 12.80 1.53
CA HIS A 62 -3.98 12.66 0.08
C HIS A 62 -3.33 11.37 -0.39
N ASN A 63 -3.84 10.24 0.07
CA ASN A 63 -3.30 8.94 -0.33
C ASN A 63 -3.15 8.86 -1.85
N THR A 64 -1.90 8.76 -2.30
CA THR A 64 -1.61 8.68 -3.72
C THR A 64 -0.98 7.34 -4.08
N GLU A 65 -0.36 7.27 -5.26
CA GLU A 65 0.28 6.04 -5.71
C GLU A 65 1.62 5.84 -5.01
N GLY A 66 1.95 4.57 -4.74
CA GLY A 66 3.20 4.25 -4.07
C GLY A 66 3.61 5.29 -3.06
N SER A 67 2.64 5.89 -2.39
CA SER A 67 2.92 6.91 -1.38
C SER A 67 1.65 7.67 -1.00
N TYR A 68 1.79 8.58 -0.04
CA TYR A 68 0.66 9.39 0.42
C TYR A 68 1.13 10.76 0.87
N ARG A 69 0.27 11.77 0.68
CA ARG A 69 0.62 13.13 1.05
C ARG A 69 -0.21 13.58 2.26
N CYS A 70 0.39 14.45 3.07
CA CYS A 70 -0.28 14.96 4.25
C CYS A 70 -0.19 16.48 4.31
N GLU A 71 -1.33 17.13 4.58
CA GLU A 71 -1.39 18.59 4.64
C GLU A 71 -1.96 19.07 5.98
N CYS A 72 -1.17 19.83 6.73
CA CYS A 72 -1.61 20.34 8.02
C CYS A 72 -2.78 21.32 7.88
N PRO A 73 -2.75 22.19 6.85
CA PRO A 73 -1.68 22.24 5.84
C PRO A 73 -0.36 22.76 6.41
N PRO A 74 0.70 22.73 5.60
CA PRO A 74 2.02 23.20 5.99
C PRO A 74 1.96 24.34 7.00
N GLY A 75 0.94 25.18 6.90
CA GLY A 75 0.80 26.28 7.83
C GLY A 75 1.23 25.88 9.24
N HIS A 76 1.03 24.60 9.53
CA HIS A 76 1.40 24.04 10.83
C HIS A 76 2.70 23.23 10.68
N GLN A 77 2.77 22.03 11.26
CA GLN A 77 3.97 21.21 11.15
C GLN A 77 3.62 19.76 10.88
N LEU A 78 3.36 19.43 9.62
CA LEU A 78 3.01 18.06 9.24
C LEU A 78 4.26 17.26 8.90
N SER A 79 4.55 16.26 9.71
CA SER A 79 5.71 15.41 9.46
C SER A 79 5.50 14.58 8.21
N PRO A 80 6.52 14.49 7.35
CA PRO A 80 6.48 13.75 6.08
C PRO A 80 5.58 12.49 6.13
N ASN A 81 6.18 11.31 5.96
CA ASN A 81 5.40 10.07 5.97
C ASN A 81 5.27 9.51 7.39
N ILE A 82 5.07 10.40 8.35
CA ILE A 82 4.92 10.00 9.74
C ILE A 82 3.44 9.88 10.10
N SER A 83 2.62 10.71 9.45
CA SER A 83 1.19 10.69 9.69
C SER A 83 0.82 11.27 11.06
N ALA A 84 0.61 12.60 11.10
CA ALA A 84 0.23 13.26 12.35
C ALA A 84 0.57 14.76 12.32
N CYS A 85 -0.23 15.53 11.59
CA CYS A 85 -0.02 16.97 11.50
C CYS A 85 0.47 17.52 12.84
N ILE A 86 1.32 18.54 12.80
CA ILE A 86 1.85 19.14 14.01
C ILE A 86 1.89 20.66 13.90
N THR A 1 -1.51 -31.10 -7.42
CA THR A 1 -1.84 -29.97 -6.55
C THR A 1 -0.70 -28.97 -6.51
N ASP A 2 -0.99 -27.77 -5.99
CA ASP A 2 0.01 -26.72 -5.90
C ASP A 2 0.48 -26.28 -7.29
N ILE A 3 -0.09 -25.19 -7.78
CA ILE A 3 0.25 -24.67 -9.10
C ILE A 3 1.00 -23.35 -8.95
N ASP A 4 1.80 -23.01 -9.96
CA ASP A 4 2.56 -21.76 -9.92
C ASP A 4 1.67 -20.56 -10.21
N GLU A 5 0.76 -20.27 -9.29
CA GLU A 5 -0.15 -19.14 -9.44
C GLU A 5 0.63 -17.90 -9.89
N CYS A 6 1.92 -17.86 -9.59
CA CYS A 6 2.76 -16.75 -9.98
C CYS A 6 3.06 -16.79 -11.46
N ARG A 7 3.29 -18.01 -11.97
CA ARG A 7 3.58 -18.19 -13.38
C ARG A 7 2.46 -17.58 -14.22
N ILE A 8 1.23 -17.66 -13.70
CA ILE A 8 0.08 -17.10 -14.39
C ILE A 8 0.43 -15.73 -14.96
N SER A 9 1.18 -14.96 -14.19
CA SER A 9 1.59 -13.63 -14.59
C SER A 9 2.79 -13.17 -13.78
N PRO A 10 3.70 -12.38 -14.40
CA PRO A 10 4.89 -11.88 -13.73
C PRO A 10 4.57 -10.62 -12.94
N ASP A 11 3.44 -10.01 -13.27
CA ASP A 11 2.99 -8.79 -12.59
C ASP A 11 1.74 -9.06 -11.79
N LEU A 12 1.55 -10.33 -11.42
CA LEU A 12 0.39 -10.74 -10.66
C LEU A 12 0.06 -9.74 -9.54
N CYS A 13 1.08 -9.38 -8.79
CA CYS A 13 0.91 -8.43 -7.69
C CYS A 13 0.90 -6.99 -8.19
N GLY A 14 1.04 -6.82 -9.50
CA GLY A 14 1.04 -5.50 -10.07
C GLY A 14 2.40 -4.84 -10.01
N ARG A 15 3.04 -4.94 -8.84
CA ARG A 15 4.36 -4.34 -8.63
C ARG A 15 5.24 -5.25 -7.77
N GLY A 16 4.64 -5.83 -6.74
CA GLY A 16 5.38 -6.71 -5.86
C GLY A 16 5.90 -7.95 -6.55
N GLN A 17 6.62 -8.78 -5.81
CA GLN A 17 7.17 -10.01 -6.36
C GLN A 17 6.31 -11.21 -5.96
N CYS A 18 5.41 -11.61 -6.86
CA CYS A 18 4.52 -12.73 -6.60
C CYS A 18 5.29 -13.93 -6.06
N VAL A 19 4.79 -14.50 -4.97
CA VAL A 19 5.41 -15.67 -4.36
C VAL A 19 4.46 -16.86 -4.43
N ASN A 20 5.01 -18.08 -4.41
CA ASN A 20 4.18 -19.27 -4.49
C ASN A 20 4.11 -19.99 -3.15
N THR A 21 3.11 -20.88 -3.04
CA THR A 21 2.91 -21.66 -1.82
C THR A 21 2.04 -22.88 -2.11
N PRO A 22 2.10 -23.90 -1.25
CA PRO A 22 1.33 -25.12 -1.41
C PRO A 22 -0.15 -24.84 -1.65
N GLY A 23 -0.61 -25.11 -2.87
CA GLY A 23 -2.00 -24.87 -3.21
C GLY A 23 -2.41 -23.43 -2.96
N ASP A 24 -1.55 -22.50 -3.34
CA ASP A 24 -1.83 -21.08 -3.17
C ASP A 24 -0.59 -20.25 -3.46
N PHE A 25 -0.74 -18.93 -3.41
CA PHE A 25 0.38 -18.03 -3.67
C PHE A 25 0.16 -16.68 -3.01
N GLU A 26 1.26 -16.04 -2.62
CA GLU A 26 1.21 -14.73 -1.98
C GLU A 26 1.86 -13.68 -2.88
N CYS A 27 2.52 -12.70 -2.29
CA CYS A 27 3.18 -11.66 -3.07
C CYS A 27 4.12 -10.82 -2.22
N LYS A 28 5.06 -10.14 -2.89
CA LYS A 28 6.02 -9.29 -2.21
C LYS A 28 5.90 -7.86 -2.70
N CYS A 29 4.83 -7.19 -2.30
CA CYS A 29 4.56 -5.81 -2.70
C CYS A 29 5.83 -4.97 -2.66
N ASP A 30 5.72 -3.74 -3.18
CA ASP A 30 6.85 -2.82 -3.22
C ASP A 30 6.99 -2.04 -1.92
N GLU A 31 6.38 -0.86 -1.88
CA GLU A 31 6.46 -0.01 -0.69
C GLU A 31 5.11 0.10 0.00
N GLY A 32 4.17 0.79 -0.64
CA GLY A 32 2.85 0.97 -0.07
C GLY A 32 1.80 0.15 -0.78
N TYR A 33 2.20 -0.56 -1.82
CA TYR A 33 1.27 -1.39 -2.59
C TYR A 33 0.81 -2.58 -1.75
N GLU A 34 -0.51 -2.73 -1.62
CA GLU A 34 -1.08 -3.82 -0.84
C GLU A 34 -1.69 -4.88 -1.76
N SER A 35 -1.30 -6.13 -1.57
CA SER A 35 -1.80 -7.22 -2.39
C SER A 35 -3.04 -7.85 -1.76
N GLY A 36 -4.16 -7.74 -2.47
CA GLY A 36 -5.40 -8.31 -1.97
C GLY A 36 -6.45 -7.25 -1.67
N PHE A 37 -6.51 -6.23 -2.51
CA PHE A 37 -7.47 -5.15 -2.33
C PHE A 37 -8.86 -5.57 -2.79
N MET A 38 -8.90 -6.60 -3.64
CA MET A 38 -10.17 -7.11 -4.16
C MET A 38 -9.94 -7.92 -5.43
N MET A 39 -8.84 -7.65 -6.11
CA MET A 39 -8.50 -8.36 -7.34
C MET A 39 -8.05 -9.79 -7.04
N MET A 40 -7.58 -9.99 -5.80
CA MET A 40 -7.10 -11.29 -5.33
C MET A 40 -5.58 -11.25 -5.15
N LYS A 41 -4.96 -10.26 -5.79
CA LYS A 41 -3.51 -10.08 -5.71
C LYS A 41 -3.02 -9.17 -6.82
N ASN A 42 -2.70 -7.93 -6.46
CA ASN A 42 -2.21 -6.95 -7.42
C ASN A 42 -1.70 -5.71 -6.70
N CYS A 43 -0.89 -5.95 -5.65
CA CYS A 43 -0.30 -4.88 -4.83
C CYS A 43 -0.69 -3.49 -5.32
N MET A 44 -1.40 -2.75 -4.47
CA MET A 44 -1.84 -1.41 -4.81
C MET A 44 -1.80 -0.48 -3.61
N ASP A 45 -1.15 0.67 -3.80
CA ASP A 45 -1.01 1.68 -2.74
C ASP A 45 -2.06 1.52 -1.64
N ILE A 46 -1.60 1.16 -0.45
CA ILE A 46 -2.46 0.96 0.70
C ILE A 46 -3.27 2.22 1.02
N ASP A 47 -3.99 2.18 2.13
CA ASP A 47 -4.79 3.32 2.57
C ASP A 47 -4.10 4.07 3.68
N GLU A 48 -3.03 4.79 3.34
CA GLU A 48 -2.29 5.55 4.32
C GLU A 48 -3.22 6.43 5.16
N CYS A 49 -4.40 6.71 4.60
CA CYS A 49 -5.39 7.52 5.29
C CYS A 49 -6.07 6.72 6.39
N GLN A 50 -5.80 5.42 6.41
CA GLN A 50 -6.39 4.52 7.40
C GLN A 50 -5.31 3.89 8.27
N ARG A 51 -4.08 3.89 7.75
CA ARG A 51 -2.95 3.33 8.47
C ARG A 51 -2.72 4.05 9.80
N ASP A 52 -3.05 5.34 9.84
CA ASP A 52 -2.88 6.14 11.05
C ASP A 52 -4.15 6.87 11.41
N PRO A 53 -4.47 6.96 12.71
CA PRO A 53 -5.65 7.64 13.21
C PRO A 53 -5.43 9.15 13.37
N LEU A 54 -4.19 9.57 13.17
CA LEU A 54 -3.83 10.97 13.28
C LEU A 54 -3.29 11.49 11.95
N LEU A 55 -3.25 10.61 10.96
CA LEU A 55 -2.76 10.98 9.64
C LEU A 55 -3.50 12.20 9.12
N CYS A 56 -2.77 13.30 8.97
CA CYS A 56 -3.36 14.54 8.49
C CYS A 56 -4.54 14.92 9.37
N ARG A 57 -4.53 14.39 10.59
CA ARG A 57 -5.59 14.65 11.55
C ARG A 57 -5.93 16.14 11.57
N GLY A 58 -4.90 16.97 11.39
CA GLY A 58 -5.10 18.40 11.38
C GLY A 58 -4.88 18.99 10.01
N GLY A 59 -4.92 18.13 8.99
CA GLY A 59 -4.71 18.58 7.62
C GLY A 59 -5.50 17.78 6.61
N VAL A 60 -4.79 17.19 5.65
CA VAL A 60 -5.41 16.38 4.61
C VAL A 60 -4.47 15.29 4.13
N CYS A 61 -5.00 14.08 3.98
CA CYS A 61 -4.21 12.95 3.52
C CYS A 61 -4.49 12.66 2.06
N HIS A 62 -3.58 13.10 1.20
CA HIS A 62 -3.72 12.88 -0.23
C HIS A 62 -3.08 11.56 -0.62
N ASN A 63 -3.64 10.47 -0.11
CA ASN A 63 -3.12 9.14 -0.39
C ASN A 63 -2.85 8.95 -1.88
N THR A 64 -1.60 8.66 -2.22
CA THR A 64 -1.21 8.46 -3.60
C THR A 64 -0.70 7.03 -3.82
N GLU A 65 0.01 6.82 -4.93
CA GLU A 65 0.56 5.51 -5.25
C GLU A 65 1.84 5.25 -4.48
N GLY A 66 1.95 4.05 -3.90
CA GLY A 66 3.13 3.71 -3.14
C GLY A 66 3.56 4.80 -2.20
N SER A 67 2.61 5.40 -1.52
CA SER A 67 2.88 6.48 -0.58
C SER A 67 1.64 7.33 -0.34
N TYR A 68 1.81 8.43 0.38
CA TYR A 68 0.69 9.32 0.69
C TYR A 68 1.20 10.71 1.05
N ARG A 69 0.38 11.73 0.76
CA ARG A 69 0.75 13.10 1.04
C ARG A 69 -0.09 13.67 2.18
N CYS A 70 0.52 14.54 2.98
CA CYS A 70 -0.17 15.15 4.10
C CYS A 70 -0.08 16.67 4.01
N GLU A 71 -1.21 17.34 4.08
CA GLU A 71 -1.27 18.79 3.99
C GLU A 71 -2.13 19.40 5.10
N CYS A 72 -1.57 20.37 5.82
CA CYS A 72 -2.29 21.01 6.91
C CYS A 72 -3.48 21.84 6.40
N PRO A 73 -3.34 22.53 5.24
CA PRO A 73 -2.13 22.52 4.41
C PRO A 73 -1.05 23.47 4.95
N PRO A 74 0.05 23.65 4.18
CA PRO A 74 1.15 24.52 4.57
C PRO A 74 0.72 25.67 5.46
N GLY A 75 1.65 26.11 6.30
CA GLY A 75 1.37 27.17 7.24
C GLY A 75 1.55 26.67 8.66
N HIS A 76 1.56 25.36 8.80
CA HIS A 76 1.72 24.70 10.09
C HIS A 76 3.04 23.90 10.09
N GLN A 77 2.99 22.64 10.52
CA GLN A 77 4.18 21.81 10.55
C GLN A 77 3.81 20.34 10.36
N LEU A 78 3.41 19.99 9.15
CA LEU A 78 3.01 18.62 8.84
C LEU A 78 4.20 17.76 8.48
N SER A 79 4.60 16.90 9.41
CA SER A 79 5.72 16.01 9.18
C SER A 79 5.42 15.08 7.99
N PRO A 80 6.39 14.92 7.09
CA PRO A 80 6.24 14.08 5.90
C PRO A 80 6.22 12.59 6.19
N ASN A 81 5.04 11.99 6.05
CA ASN A 81 4.87 10.55 6.26
C ASN A 81 4.89 10.18 7.73
N ILE A 82 4.39 11.07 8.58
CA ILE A 82 4.33 10.81 10.02
C ILE A 82 2.88 10.64 10.45
N SER A 83 1.99 11.36 9.76
CA SER A 83 0.56 11.29 10.04
C SER A 83 0.19 12.10 11.28
N ALA A 84 0.23 13.43 11.16
CA ALA A 84 -0.12 14.30 12.28
C ALA A 84 0.54 15.67 12.14
N CYS A 85 -0.20 16.66 11.65
CA CYS A 85 0.35 18.01 11.50
C CYS A 85 0.81 18.55 12.84
N ILE A 86 1.80 19.44 12.80
CA ILE A 86 2.34 20.03 14.02
C ILE A 86 2.38 21.55 13.91
N THR A 1 -2.91 -29.41 0.80
CA THR A 1 -3.01 -28.46 -0.29
C THR A 1 -1.90 -27.42 -0.24
N ASP A 2 -1.48 -26.95 -1.40
CA ASP A 2 -0.42 -25.95 -1.49
C ASP A 2 0.18 -25.91 -2.89
N ILE A 3 -0.38 -25.05 -3.74
CA ILE A 3 0.10 -24.92 -5.11
C ILE A 3 1.20 -23.87 -5.20
N ASP A 4 1.51 -23.42 -6.42
CA ASP A 4 2.54 -22.42 -6.63
C ASP A 4 1.97 -21.01 -6.53
N GLU A 5 0.88 -20.78 -7.24
CA GLU A 5 0.23 -19.47 -7.26
C GLU A 5 1.05 -18.47 -8.05
N CYS A 6 2.32 -18.31 -7.67
CA CYS A 6 3.21 -17.37 -8.35
C CYS A 6 3.39 -17.79 -9.80
N ARG A 7 3.19 -19.07 -10.08
CA ARG A 7 3.31 -19.59 -11.43
C ARG A 7 2.23 -18.99 -12.33
N ILE A 8 1.05 -18.78 -11.76
CA ILE A 8 -0.06 -18.21 -12.50
C ILE A 8 0.44 -17.07 -13.39
N SER A 9 1.39 -16.31 -12.86
CA SER A 9 1.95 -15.18 -13.58
C SER A 9 3.25 -14.73 -12.93
N PRO A 10 4.15 -14.11 -13.72
CA PRO A 10 5.44 -13.62 -13.23
C PRO A 10 5.30 -12.24 -12.61
N ASP A 11 4.22 -11.55 -12.96
CA ASP A 11 3.95 -10.22 -12.43
C ASP A 11 2.70 -10.24 -11.56
N LEU A 12 2.41 -11.41 -11.01
CA LEU A 12 1.23 -11.58 -10.16
C LEU A 12 1.06 -10.40 -9.21
N CYS A 13 2.13 -10.05 -8.52
CA CYS A 13 2.09 -8.93 -7.57
C CYS A 13 1.73 -7.62 -8.28
N GLY A 14 1.80 -7.64 -9.60
CA GLY A 14 1.46 -6.46 -10.38
C GLY A 14 2.55 -5.40 -10.32
N ARG A 15 3.60 -5.65 -9.54
CA ARG A 15 4.70 -4.71 -9.41
C ARG A 15 5.73 -5.20 -8.41
N GLY A 16 5.25 -5.90 -7.38
CA GLY A 16 6.15 -6.42 -6.35
C GLY A 16 6.74 -7.75 -6.71
N GLN A 17 6.84 -8.64 -5.73
CA GLN A 17 7.41 -9.96 -5.92
C GLN A 17 6.52 -11.04 -5.30
N CYS A 18 5.82 -11.80 -6.15
CA CYS A 18 4.94 -12.85 -5.67
C CYS A 18 5.71 -13.90 -4.87
N VAL A 19 5.01 -14.55 -3.94
CA VAL A 19 5.62 -15.58 -3.11
C VAL A 19 4.67 -16.76 -2.92
N ASN A 20 5.22 -17.88 -2.48
CA ASN A 20 4.41 -19.08 -2.26
C ASN A 20 4.08 -19.26 -0.78
N THR A 21 2.90 -19.82 -0.51
CA THR A 21 2.47 -20.05 0.86
C THR A 21 1.55 -21.26 0.95
N PRO A 22 1.62 -22.01 2.05
CA PRO A 22 0.78 -23.19 2.27
C PRO A 22 -0.69 -22.92 1.99
N GLY A 23 -1.19 -23.46 0.88
CA GLY A 23 -2.58 -23.25 0.53
C GLY A 23 -2.89 -21.79 0.29
N ASP A 24 -1.97 -21.09 -0.38
CA ASP A 24 -2.14 -19.68 -0.67
C ASP A 24 -0.86 -19.09 -1.25
N PHE A 25 -0.79 -17.77 -1.30
CA PHE A 25 0.38 -17.08 -1.83
C PHE A 25 0.32 -15.59 -1.52
N GLU A 26 1.50 -14.98 -1.42
CA GLU A 26 1.59 -13.55 -1.13
C GLU A 26 2.56 -12.88 -2.11
N CYS A 27 2.89 -11.62 -1.86
CA CYS A 27 3.80 -10.90 -2.73
C CYS A 27 4.31 -9.62 -2.07
N LYS A 28 5.52 -9.22 -2.46
CA LYS A 28 6.14 -8.01 -1.93
C LYS A 28 5.93 -6.85 -2.90
N CYS A 29 4.75 -6.23 -2.83
CA CYS A 29 4.41 -5.13 -3.72
C CYS A 29 5.57 -4.14 -3.84
N ASP A 30 5.41 -3.16 -4.71
CA ASP A 30 6.44 -2.15 -4.95
C ASP A 30 6.66 -1.29 -3.70
N GLU A 31 5.99 -0.14 -3.64
CA GLU A 31 6.12 0.77 -2.51
C GLU A 31 4.80 0.88 -1.75
N GLY A 32 3.87 1.64 -2.31
CA GLY A 32 2.57 1.81 -1.67
C GLY A 32 1.50 0.99 -2.36
N TYR A 33 1.90 0.20 -3.34
CA TYR A 33 0.96 -0.63 -4.07
C TYR A 33 0.45 -1.76 -3.17
N GLU A 34 -0.86 -1.96 -3.17
CA GLU A 34 -1.47 -3.01 -2.35
C GLU A 34 -1.54 -4.32 -3.13
N SER A 35 -1.03 -5.39 -2.51
CA SER A 35 -1.00 -6.70 -3.14
C SER A 35 -2.33 -7.43 -2.95
N GLY A 36 -3.24 -7.25 -3.89
CA GLY A 36 -4.53 -7.91 -3.82
C GLY A 36 -5.60 -7.04 -3.22
N PHE A 37 -6.10 -6.09 -4.00
CA PHE A 37 -7.15 -5.19 -3.55
C PHE A 37 -8.51 -5.81 -3.74
N MET A 38 -8.57 -6.83 -4.59
CA MET A 38 -9.82 -7.52 -4.88
C MET A 38 -9.74 -8.21 -6.23
N MET A 39 -9.06 -7.56 -7.16
CA MET A 39 -8.91 -8.10 -8.51
C MET A 39 -8.19 -9.45 -8.46
N MET A 40 -7.15 -9.52 -7.64
CA MET A 40 -6.37 -10.74 -7.50
C MET A 40 -5.23 -10.54 -6.51
N LYS A 41 -4.09 -10.06 -6.99
CA LYS A 41 -2.93 -9.84 -6.14
C LYS A 41 -1.95 -8.88 -6.81
N ASN A 42 -2.48 -7.92 -7.58
CA ASN A 42 -1.65 -6.95 -8.28
C ASN A 42 -1.16 -5.87 -7.32
N CYS A 43 -0.48 -4.87 -7.87
CA CYS A 43 0.06 -3.77 -7.07
C CYS A 43 -0.69 -2.48 -7.38
N MET A 44 -1.52 -2.03 -6.44
CA MET A 44 -2.29 -0.80 -6.63
C MET A 44 -2.37 0.00 -5.33
N ASP A 45 -1.69 1.15 -5.33
CA ASP A 45 -1.65 2.07 -4.19
C ASP A 45 -2.60 1.65 -3.06
N ILE A 46 -2.04 1.48 -1.87
CA ILE A 46 -2.79 1.08 -0.70
C ILE A 46 -3.57 2.26 -0.12
N ASP A 47 -4.21 2.03 1.02
CA ASP A 47 -4.99 3.07 1.68
C ASP A 47 -4.19 3.73 2.80
N GLU A 48 -3.21 4.54 2.42
CA GLU A 48 -2.37 5.22 3.40
C GLU A 48 -3.25 5.98 4.39
N CYS A 49 -4.48 6.27 3.98
CA CYS A 49 -5.42 6.99 4.83
C CYS A 49 -5.96 6.07 5.91
N GLN A 50 -5.67 4.77 5.78
CA GLN A 50 -6.14 3.78 6.73
C GLN A 50 -4.96 3.06 7.38
N ARG A 51 -3.84 3.02 6.67
CA ARG A 51 -2.64 2.36 7.16
C ARG A 51 -2.28 2.84 8.56
N ASP A 52 -2.64 4.08 8.88
CA ASP A 52 -2.35 4.66 10.17
C ASP A 52 -3.58 5.35 10.77
N PRO A 53 -3.73 5.26 12.09
CA PRO A 53 -4.85 5.87 12.81
C PRO A 53 -4.58 7.33 13.17
N LEU A 54 -3.36 7.78 12.89
CA LEU A 54 -2.95 9.14 13.16
C LEU A 54 -2.52 9.84 11.88
N LEU A 55 -2.62 9.12 10.76
CA LEU A 55 -2.25 9.68 9.47
C LEU A 55 -3.03 10.96 9.18
N CYS A 56 -2.30 12.04 8.94
CA CYS A 56 -2.92 13.32 8.65
C CYS A 56 -3.98 13.63 9.71
N ARG A 57 -3.80 13.05 10.89
CA ARG A 57 -4.71 13.26 12.00
C ARG A 57 -4.71 14.71 12.45
N GLY A 58 -5.10 15.60 11.55
CA GLY A 58 -5.12 17.02 11.86
C GLY A 58 -4.91 17.88 10.63
N GLY A 59 -4.40 17.26 9.56
CA GLY A 59 -4.16 17.99 8.33
C GLY A 59 -5.00 17.47 7.18
N VAL A 60 -4.34 17.03 6.12
CA VAL A 60 -5.03 16.51 4.95
C VAL A 60 -4.36 15.25 4.43
N CYS A 61 -5.16 14.25 4.10
CA CYS A 61 -4.64 12.98 3.59
C CYS A 61 -4.90 12.84 2.10
N HIS A 62 -3.92 13.27 1.30
CA HIS A 62 -4.04 13.19 -0.16
C HIS A 62 -3.50 11.85 -0.66
N ASN A 63 -4.10 10.76 -0.21
CA ASN A 63 -3.67 9.43 -0.62
C ASN A 63 -3.58 9.33 -2.15
N THR A 64 -2.36 9.20 -2.66
CA THR A 64 -2.13 9.10 -4.09
C THR A 64 -1.71 7.68 -4.48
N GLU A 65 -1.12 7.54 -5.65
CA GLU A 65 -0.68 6.24 -6.15
C GLU A 65 0.76 5.97 -5.72
N GLY A 66 0.97 4.79 -5.12
CA GLY A 66 2.30 4.42 -4.67
C GLY A 66 2.79 5.29 -3.53
N SER A 67 1.86 5.84 -2.76
CA SER A 67 2.22 6.69 -1.63
C SER A 67 1.05 7.61 -1.25
N TYR A 68 1.28 8.48 -0.28
CA TYR A 68 0.25 9.41 0.17
C TYR A 68 0.86 10.73 0.62
N ARG A 69 0.14 11.82 0.41
CA ARG A 69 0.63 13.14 0.77
C ARG A 69 -0.14 13.72 1.95
N CYS A 70 0.59 14.02 3.03
CA CYS A 70 -0.01 14.59 4.22
C CYS A 70 0.20 16.10 4.24
N GLU A 71 -0.87 16.85 4.50
CA GLU A 71 -0.79 18.30 4.52
C GLU A 71 -1.42 18.89 5.79
N CYS A 72 -0.62 19.61 6.56
CA CYS A 72 -1.08 20.23 7.79
C CYS A 72 -1.89 21.51 7.52
N PRO A 73 -1.55 22.26 6.44
CA PRO A 73 -0.48 21.92 5.50
C PRO A 73 0.90 21.97 6.14
N PRO A 74 1.93 21.53 5.40
CA PRO A 74 3.31 21.53 5.88
C PRO A 74 3.64 22.74 6.73
N GLY A 75 2.97 23.86 6.48
CA GLY A 75 3.21 25.06 7.25
C GLY A 75 3.44 24.74 8.70
N HIS A 76 2.81 23.66 9.16
CA HIS A 76 2.96 23.20 10.54
C HIS A 76 4.14 22.22 10.65
N GLN A 77 3.92 21.05 11.25
CA GLN A 77 4.97 20.06 11.38
C GLN A 77 4.41 18.67 11.09
N LEU A 78 3.90 18.49 9.88
CA LEU A 78 3.31 17.22 9.49
C LEU A 78 4.36 16.26 8.95
N SER A 79 4.41 15.07 9.54
CA SER A 79 5.37 14.06 9.12
C SER A 79 5.22 13.74 7.63
N PRO A 80 6.33 13.67 6.90
CA PRO A 80 6.32 13.37 5.46
C PRO A 80 5.48 12.14 5.13
N ASN A 81 5.83 11.01 5.75
CA ASN A 81 5.12 9.76 5.52
C ASN A 81 5.03 8.93 6.80
N ILE A 82 5.04 9.61 7.94
CA ILE A 82 4.96 8.92 9.23
C ILE A 82 3.52 8.93 9.75
N SER A 83 2.69 9.77 9.13
CA SER A 83 1.28 9.86 9.51
C SER A 83 1.11 10.48 10.89
N ALA A 84 0.97 11.81 10.94
CA ALA A 84 0.77 12.51 12.22
C ALA A 84 1.19 13.98 12.12
N CYS A 85 0.22 14.87 11.96
CA CYS A 85 0.48 16.29 11.87
C CYS A 85 1.06 16.80 13.19
N ILE A 86 1.92 17.83 13.12
CA ILE A 86 2.53 18.38 14.33
C ILE A 86 2.61 19.90 14.25
N THR A 1 -5.02 -28.15 -6.86
CA THR A 1 -5.04 -27.30 -5.67
C THR A 1 -3.83 -26.38 -5.65
N ASP A 2 -2.72 -26.87 -5.10
CA ASP A 2 -1.50 -26.09 -5.01
C ASP A 2 -0.99 -25.71 -6.40
N ILE A 3 -1.60 -24.68 -6.97
CA ILE A 3 -1.21 -24.21 -8.30
C ILE A 3 -0.11 -23.16 -8.22
N ASP A 4 0.38 -22.71 -9.36
CA ASP A 4 1.44 -21.71 -9.39
C ASP A 4 0.91 -20.33 -9.04
N GLU A 5 -0.19 -19.94 -9.67
CA GLU A 5 -0.79 -18.64 -9.43
C GLU A 5 0.05 -17.53 -10.03
N CYS A 6 1.33 -17.47 -9.63
CA CYS A 6 2.24 -16.46 -10.15
C CYS A 6 2.42 -16.63 -11.65
N ARG A 7 2.18 -17.84 -12.14
CA ARG A 7 2.30 -18.14 -13.55
C ARG A 7 1.21 -17.43 -14.35
N ILE A 8 0.06 -17.23 -13.72
CA ILE A 8 -1.06 -16.57 -14.37
C ILE A 8 -0.61 -15.27 -15.04
N SER A 9 0.24 -14.53 -14.35
CA SER A 9 0.75 -13.28 -14.87
C SER A 9 2.02 -12.84 -14.14
N PRO A 10 2.85 -12.01 -14.79
CA PRO A 10 4.09 -11.51 -14.22
C PRO A 10 3.86 -10.24 -13.42
N ASP A 11 2.72 -9.60 -13.65
CA ASP A 11 2.36 -8.37 -12.95
C ASP A 11 1.25 -8.65 -11.94
N LEU A 12 1.12 -9.91 -11.56
CA LEU A 12 0.11 -10.31 -10.59
C LEU A 12 0.07 -9.37 -9.40
N CYS A 13 1.25 -8.94 -8.97
CA CYS A 13 1.37 -8.03 -7.83
C CYS A 13 1.15 -6.58 -8.26
N GLY A 14 0.98 -6.38 -9.56
CA GLY A 14 0.77 -5.03 -10.07
C GLY A 14 1.89 -4.08 -9.70
N ARG A 15 3.01 -4.64 -9.24
CA ARG A 15 4.16 -3.83 -8.85
C ARG A 15 5.24 -4.70 -8.20
N GLY A 16 4.85 -5.44 -7.17
CA GLY A 16 5.80 -6.30 -6.47
C GLY A 16 6.04 -7.60 -7.20
N GLN A 17 6.37 -8.65 -6.45
CA GLN A 17 6.64 -9.96 -7.03
C GLN A 17 5.74 -11.02 -6.41
N CYS A 18 4.94 -11.69 -7.25
CA CYS A 18 4.04 -12.73 -6.77
C CYS A 18 4.80 -13.92 -6.21
N VAL A 19 4.16 -14.66 -5.31
CA VAL A 19 4.78 -15.83 -4.70
C VAL A 19 3.80 -16.99 -4.64
N ASN A 20 4.33 -18.20 -4.50
CA ASN A 20 3.51 -19.40 -4.44
C ASN A 20 3.17 -19.76 -3.00
N THR A 21 1.99 -20.35 -2.81
CA THR A 21 1.54 -20.76 -1.49
C THR A 21 0.56 -21.93 -1.58
N PRO A 22 0.59 -22.84 -0.60
CA PRO A 22 -0.30 -24.01 -0.57
C PRO A 22 -1.75 -23.62 -0.84
N GLY A 23 -2.26 -24.05 -1.99
CA GLY A 23 -3.63 -23.74 -2.34
C GLY A 23 -3.89 -22.25 -2.34
N ASP A 24 -2.95 -21.50 -2.91
CA ASP A 24 -3.07 -20.05 -2.98
C ASP A 24 -1.75 -19.43 -3.44
N PHE A 25 -1.62 -18.12 -3.25
CA PHE A 25 -0.42 -17.41 -3.65
C PHE A 25 -0.36 -16.03 -3.02
N GLU A 26 0.82 -15.61 -2.61
CA GLU A 26 1.01 -14.30 -1.98
C GLU A 26 1.75 -13.36 -2.93
N CYS A 27 2.12 -12.19 -2.42
CA CYS A 27 2.82 -11.21 -3.23
C CYS A 27 4.04 -10.65 -2.49
N LYS A 28 4.93 -10.01 -3.26
CA LYS A 28 6.14 -9.43 -2.70
C LYS A 28 6.18 -7.93 -2.98
N CYS A 29 5.12 -7.24 -2.57
CA CYS A 29 5.01 -5.80 -2.79
C CYS A 29 6.37 -5.11 -2.76
N ASP A 30 6.46 -3.99 -3.47
CA ASP A 30 7.70 -3.23 -3.55
C ASP A 30 8.14 -2.75 -2.18
N GLU A 31 7.43 -1.75 -1.65
CA GLU A 31 7.76 -1.20 -0.34
C GLU A 31 6.54 -0.54 0.32
N GLY A 32 5.68 0.07 -0.49
CA GLY A 32 4.51 0.73 0.05
C GLY A 32 3.23 0.25 -0.57
N TYR A 33 3.33 -0.78 -1.42
CA TYR A 33 2.16 -1.34 -2.08
C TYR A 33 1.57 -2.50 -1.28
N GLU A 34 0.25 -2.58 -1.26
CA GLU A 34 -0.43 -3.64 -0.54
C GLU A 34 -1.46 -4.33 -1.44
N SER A 35 -1.28 -5.64 -1.64
CA SER A 35 -2.18 -6.44 -2.49
C SER A 35 -3.42 -5.67 -2.94
N GLY A 36 -3.57 -5.53 -4.25
CA GLY A 36 -4.72 -4.82 -4.79
C GLY A 36 -5.97 -5.66 -4.71
N PHE A 37 -6.29 -6.06 -3.50
CA PHE A 37 -7.46 -6.89 -3.25
C PHE A 37 -8.72 -6.28 -3.87
N MET A 38 -8.69 -4.97 -4.06
CA MET A 38 -9.82 -4.26 -4.66
C MET A 38 -9.99 -4.69 -6.10
N MET A 39 -8.89 -5.14 -6.70
CA MET A 39 -8.88 -5.58 -8.09
C MET A 39 -8.77 -7.11 -8.16
N MET A 40 -8.00 -7.68 -7.24
CA MET A 40 -7.80 -9.12 -7.19
C MET A 40 -6.65 -9.47 -6.26
N LYS A 41 -5.47 -8.98 -6.60
CA LYS A 41 -4.27 -9.24 -5.80
C LYS A 41 -3.02 -8.73 -6.51
N ASN A 42 -2.95 -7.42 -6.69
CA ASN A 42 -1.82 -6.79 -7.34
C ASN A 42 -1.31 -5.62 -6.52
N CYS A 43 -0.41 -5.90 -5.57
CA CYS A 43 0.17 -4.89 -4.68
C CYS A 43 -0.18 -3.47 -5.13
N MET A 44 -0.89 -2.76 -4.27
CA MET A 44 -1.32 -1.41 -4.58
C MET A 44 -1.22 -0.48 -3.37
N ASP A 45 -0.20 0.38 -3.39
CA ASP A 45 0.05 1.36 -2.32
C ASP A 45 -0.85 1.16 -1.10
N ILE A 46 -0.25 0.76 0.01
CA ILE A 46 -0.97 0.54 1.25
C ILE A 46 -1.87 1.72 1.58
N ASP A 47 -2.49 1.66 2.75
CA ASP A 47 -3.39 2.72 3.20
C ASP A 47 -2.69 3.60 4.23
N GLU A 48 -1.75 4.41 3.76
CA GLU A 48 -1.01 5.30 4.64
C GLU A 48 -1.94 6.10 5.52
N CYS A 49 -3.18 6.25 5.08
CA CYS A 49 -4.19 6.99 5.83
C CYS A 49 -4.70 6.16 7.01
N GLN A 50 -4.34 4.88 7.02
CA GLN A 50 -4.75 3.98 8.08
C GLN A 50 -3.55 3.47 8.86
N ARG A 51 -2.38 3.49 8.22
CA ARG A 51 -1.15 3.03 8.84
C ARG A 51 -0.92 3.75 10.17
N ASP A 52 -1.33 5.01 10.24
CA ASP A 52 -1.16 5.80 11.45
C ASP A 52 -2.49 6.41 11.89
N PRO A 53 -2.73 6.46 13.21
CA PRO A 53 -3.95 7.03 13.78
C PRO A 53 -3.88 8.54 13.90
N LEU A 54 -2.70 9.09 13.63
CA LEU A 54 -2.49 10.53 13.70
C LEU A 54 -2.20 11.09 12.31
N LEU A 55 -2.02 10.19 11.35
CA LEU A 55 -1.74 10.60 9.98
C LEU A 55 -2.79 11.58 9.48
N CYS A 56 -2.33 12.77 9.10
CA CYS A 56 -3.24 13.81 8.62
C CYS A 56 -4.44 13.92 9.55
N ARG A 57 -4.24 13.54 10.80
CA ARG A 57 -5.28 13.59 11.81
C ARG A 57 -5.93 14.97 11.85
N GLY A 58 -5.14 15.99 11.53
CA GLY A 58 -5.65 17.35 11.52
C GLY A 58 -5.47 18.03 10.18
N GLY A 59 -5.26 17.22 9.15
CA GLY A 59 -5.07 17.76 7.81
C GLY A 59 -5.75 16.93 6.75
N VAL A 60 -5.01 16.60 5.70
CA VAL A 60 -5.53 15.80 4.60
C VAL A 60 -4.55 14.69 4.21
N CYS A 61 -5.08 13.49 4.00
CA CYS A 61 -4.25 12.36 3.63
C CYS A 61 -4.44 11.99 2.16
N HIS A 62 -3.51 12.45 1.33
CA HIS A 62 -3.56 12.16 -0.11
C HIS A 62 -2.79 10.89 -0.43
N ASN A 63 -3.24 9.78 0.15
CA ASN A 63 -2.60 8.49 -0.07
C ASN A 63 -2.34 8.25 -1.56
N THR A 64 -1.07 8.24 -1.94
CA THR A 64 -0.69 8.02 -3.33
C THR A 64 0.02 6.68 -3.50
N GLU A 65 0.71 6.51 -4.62
CA GLU A 65 1.42 5.28 -4.90
C GLU A 65 2.66 5.15 -4.03
N GLY A 66 2.86 3.97 -3.46
CA GLY A 66 4.01 3.74 -2.61
C GLY A 66 4.39 4.96 -1.79
N SER A 67 3.38 5.70 -1.34
CA SER A 67 3.61 6.90 -0.55
C SER A 67 2.31 7.67 -0.34
N TYR A 68 2.31 8.58 0.64
CA TYR A 68 1.13 9.38 0.93
C TYR A 68 1.53 10.83 1.21
N ARG A 69 0.66 11.76 0.79
CA ARG A 69 0.93 13.18 0.98
C ARG A 69 -0.02 13.79 2.02
N CYS A 70 0.55 14.25 3.12
CA CYS A 70 -0.22 14.88 4.19
C CYS A 70 -0.31 16.39 3.95
N GLU A 71 -1.52 16.94 4.06
CA GLU A 71 -1.73 18.36 3.83
C GLU A 71 -2.58 18.99 4.95
N CYS A 72 -2.00 19.99 5.62
CA CYS A 72 -2.70 20.68 6.71
C CYS A 72 -3.74 21.67 6.17
N PRO A 73 -3.49 22.29 5.00
CA PRO A 73 -2.29 22.07 4.18
C PRO A 73 -1.01 22.52 4.88
N PRO A 74 0.15 22.20 4.28
CA PRO A 74 1.45 22.58 4.83
C PRO A 74 1.45 23.96 5.48
N GLY A 75 0.56 24.83 5.01
CA GLY A 75 0.46 26.16 5.58
C GLY A 75 0.69 26.14 7.08
N HIS A 76 0.29 25.03 7.69
CA HIS A 76 0.45 24.83 9.12
C HIS A 76 1.80 24.16 9.41
N GLN A 77 1.79 23.07 10.18
CA GLN A 77 3.02 22.35 10.49
C GLN A 77 2.76 20.85 10.46
N LEU A 78 2.43 20.36 9.26
CA LEU A 78 2.13 18.94 9.08
C LEU A 78 3.39 18.15 8.75
N SER A 79 3.59 17.05 9.47
CA SER A 79 4.74 16.20 9.25
C SER A 79 4.74 15.62 7.83
N PRO A 80 5.90 15.65 7.17
CA PRO A 80 6.05 15.14 5.81
C PRO A 80 5.47 13.73 5.64
N ASN A 81 5.92 12.81 6.50
CA ASN A 81 5.45 11.43 6.46
C ASN A 81 5.43 10.80 7.84
N ILE A 82 5.33 11.64 8.87
CA ILE A 82 5.30 11.16 10.25
C ILE A 82 3.87 10.94 10.70
N SER A 83 2.93 11.53 9.97
CA SER A 83 1.51 11.39 10.27
C SER A 83 1.10 12.18 11.52
N ALA A 84 0.73 13.44 11.33
CA ALA A 84 0.30 14.28 12.44
C ALA A 84 0.45 15.77 12.13
N CYS A 85 -0.66 16.41 11.74
CA CYS A 85 -0.65 17.84 11.43
C CYS A 85 -0.25 18.64 12.66
N ILE A 86 0.35 19.80 12.44
CA ILE A 86 0.78 20.65 13.56
C ILE A 86 0.90 22.11 13.14
N THR A 1 -6.20 -28.21 -2.09
CA THR A 1 -5.61 -27.70 -3.32
C THR A 1 -4.30 -26.97 -3.03
N ASP A 2 -3.51 -26.73 -4.08
CA ASP A 2 -2.24 -26.04 -3.93
C ASP A 2 -1.50 -26.00 -5.28
N ILE A 3 -1.85 -25.02 -6.10
CA ILE A 3 -1.23 -24.87 -7.41
C ILE A 3 -0.24 -23.70 -7.40
N ASP A 4 0.61 -23.64 -8.43
CA ASP A 4 1.59 -22.58 -8.52
C ASP A 4 0.95 -21.27 -8.99
N GLU A 5 0.63 -20.40 -8.03
CA GLU A 5 0.01 -19.12 -8.35
C GLU A 5 1.08 -18.11 -8.77
N CYS A 6 2.32 -18.36 -8.37
CA CYS A 6 3.43 -17.47 -8.70
C CYS A 6 3.75 -17.54 -10.20
N ARG A 7 3.90 -18.76 -10.69
CA ARG A 7 4.22 -18.97 -12.11
C ARG A 7 3.12 -18.41 -13.00
N ILE A 8 1.92 -18.29 -12.43
CA ILE A 8 0.78 -17.78 -13.17
C ILE A 8 1.16 -16.53 -13.96
N SER A 9 1.97 -15.68 -13.35
CA SER A 9 2.41 -14.45 -13.99
C SER A 9 3.60 -13.86 -13.25
N PRO A 10 4.59 -13.32 -13.98
CA PRO A 10 5.78 -12.72 -13.39
C PRO A 10 5.48 -11.35 -12.82
N ASP A 11 4.36 -10.77 -13.24
CA ASP A 11 3.95 -9.46 -12.77
C ASP A 11 2.72 -9.56 -11.88
N LEU A 12 2.41 -10.78 -11.46
CA LEU A 12 1.25 -11.03 -10.60
C LEU A 12 1.14 -9.95 -9.52
N CYS A 13 2.20 -9.80 -8.74
CA CYS A 13 2.23 -8.80 -7.68
C CYS A 13 2.09 -7.39 -8.24
N GLY A 14 2.23 -7.26 -9.56
CA GLY A 14 2.12 -5.96 -10.18
C GLY A 14 3.33 -5.10 -9.96
N ARG A 15 4.30 -5.62 -9.20
CA ARG A 15 5.53 -4.89 -8.92
C ARG A 15 6.43 -5.68 -7.98
N GLY A 16 5.82 -6.46 -7.09
CA GLY A 16 6.57 -7.25 -6.15
C GLY A 16 6.96 -8.61 -6.69
N GLN A 17 6.97 -9.61 -5.82
CA GLN A 17 7.32 -10.97 -6.21
C GLN A 17 6.28 -11.97 -5.71
N CYS A 18 5.55 -12.58 -6.65
CA CYS A 18 4.53 -13.55 -6.30
C CYS A 18 5.09 -14.65 -5.40
N VAL A 19 4.21 -15.25 -4.61
CA VAL A 19 4.60 -16.33 -3.71
C VAL A 19 3.60 -17.47 -3.78
N ASN A 20 3.98 -18.64 -3.27
CA ASN A 20 3.10 -19.80 -3.30
C ASN A 20 2.59 -20.16 -1.91
N THR A 21 1.33 -20.53 -1.81
CA THR A 21 0.72 -20.90 -0.54
C THR A 21 -0.35 -21.98 -0.75
N PRO A 22 -0.60 -22.79 0.28
CA PRO A 22 -1.61 -23.87 0.22
C PRO A 22 -2.97 -23.33 -0.18
N GLY A 23 -3.49 -23.83 -1.30
CA GLY A 23 -4.79 -23.39 -1.77
C GLY A 23 -4.89 -21.87 -1.78
N ASP A 24 -3.84 -21.23 -2.26
CA ASP A 24 -3.79 -19.77 -2.32
C ASP A 24 -2.37 -19.30 -2.63
N PHE A 25 -2.14 -18.00 -2.51
CA PHE A 25 -0.83 -17.44 -2.80
C PHE A 25 -0.69 -16.02 -2.27
N GLU A 26 0.50 -15.46 -2.43
CA GLU A 26 0.78 -14.10 -1.98
C GLU A 26 1.91 -13.51 -2.83
N CYS A 27 2.49 -12.40 -2.36
CA CYS A 27 3.57 -11.77 -3.10
C CYS A 27 4.23 -10.66 -2.28
N LYS A 28 5.51 -10.43 -2.55
CA LYS A 28 6.27 -9.40 -1.85
C LYS A 28 6.26 -8.10 -2.64
N CYS A 29 5.15 -7.38 -2.57
CA CYS A 29 4.99 -6.12 -3.29
C CYS A 29 6.27 -5.29 -3.23
N ASP A 30 6.30 -4.22 -4.03
CA ASP A 30 7.45 -3.33 -4.09
C ASP A 30 7.70 -2.64 -2.75
N GLU A 31 7.20 -1.41 -2.61
CA GLU A 31 7.39 -0.64 -1.38
C GLU A 31 6.05 -0.35 -0.70
N GLY A 32 5.30 0.59 -1.28
CA GLY A 32 4.01 0.94 -0.72
C GLY A 32 2.88 0.28 -1.46
N TYR A 33 3.19 -0.40 -2.55
CA TYR A 33 2.18 -1.08 -3.34
C TYR A 33 1.61 -2.26 -2.58
N GLU A 34 0.29 -2.33 -2.49
CA GLU A 34 -0.37 -3.42 -1.78
C GLU A 34 -0.73 -4.55 -2.74
N SER A 35 -0.73 -5.77 -2.23
CA SER A 35 -1.04 -6.94 -3.03
C SER A 35 -2.45 -6.85 -3.63
N GLY A 36 -2.58 -6.05 -4.68
CA GLY A 36 -3.86 -5.91 -5.34
C GLY A 36 -4.56 -4.61 -4.98
N PHE A 37 -4.90 -4.47 -3.71
CA PHE A 37 -5.59 -3.29 -3.20
C PHE A 37 -7.09 -3.54 -3.11
N MET A 38 -7.54 -4.60 -3.76
CA MET A 38 -8.95 -4.97 -3.78
C MET A 38 -9.26 -5.80 -5.01
N MET A 39 -8.43 -5.63 -6.04
CA MET A 39 -8.60 -6.37 -7.28
C MET A 39 -8.18 -7.81 -7.11
N MET A 40 -7.11 -8.01 -6.35
CA MET A 40 -6.58 -9.35 -6.09
C MET A 40 -5.10 -9.31 -5.75
N LYS A 41 -4.30 -8.78 -6.69
CA LYS A 41 -2.87 -8.68 -6.50
C LYS A 41 -2.20 -8.07 -7.74
N ASN A 42 -1.79 -6.81 -7.60
CA ASN A 42 -1.15 -6.09 -8.70
C ASN A 42 -0.39 -4.88 -8.18
N CYS A 43 0.05 -4.96 -6.93
CA CYS A 43 0.79 -3.86 -6.30
C CYS A 43 0.18 -2.51 -6.62
N MET A 44 -0.49 -1.93 -5.63
CA MET A 44 -1.12 -0.63 -5.79
C MET A 44 -1.13 0.15 -4.48
N ASP A 45 -0.22 1.12 -4.37
CA ASP A 45 -0.08 1.98 -3.19
C ASP A 45 -1.07 1.63 -2.08
N ILE A 46 -0.54 1.21 -0.95
CA ILE A 46 -1.36 0.84 0.19
C ILE A 46 -2.10 2.05 0.75
N ASP A 47 -2.77 1.87 1.88
CA ASP A 47 -3.52 2.95 2.51
C ASP A 47 -2.65 3.71 3.50
N GLU A 48 -1.72 4.51 2.98
CA GLU A 48 -0.84 5.29 3.83
C GLU A 48 -1.63 6.08 4.87
N CYS A 49 -2.89 6.34 4.56
CA CYS A 49 -3.76 7.08 5.46
C CYS A 49 -4.20 6.21 6.63
N GLN A 50 -3.92 4.92 6.51
CA GLN A 50 -4.28 3.96 7.55
C GLN A 50 -3.03 3.31 8.14
N ARG A 51 -1.97 3.26 7.34
CA ARG A 51 -0.72 2.67 7.76
C ARG A 51 -0.27 3.22 9.11
N ASP A 52 -0.49 4.52 9.30
CA ASP A 52 -0.11 5.18 10.54
C ASP A 52 -1.35 5.63 11.33
N PRO A 53 -1.34 5.43 12.65
CA PRO A 53 -2.44 5.81 13.53
C PRO A 53 -2.43 7.30 13.83
N LEU A 54 -1.39 7.98 13.36
CA LEU A 54 -1.26 9.42 13.57
C LEU A 54 -1.18 10.15 12.23
N LEU A 55 -1.09 9.38 11.16
CA LEU A 55 -1.01 9.95 9.82
C LEU A 55 -2.13 10.94 9.58
N CYS A 56 -1.76 12.16 9.21
CA CYS A 56 -2.75 13.20 8.95
C CYS A 56 -3.80 13.22 10.06
N ARG A 57 -3.40 12.77 11.23
CA ARG A 57 -4.30 12.73 12.39
C ARG A 57 -4.68 14.15 12.81
N GLY A 58 -5.37 14.84 11.90
CA GLY A 58 -5.78 16.21 12.18
C GLY A 58 -5.77 17.05 10.92
N GLY A 59 -5.09 16.54 9.89
CA GLY A 59 -5.02 17.25 8.62
C GLY A 59 -5.79 16.55 7.52
N VAL A 60 -5.07 16.11 6.49
CA VAL A 60 -5.70 15.41 5.37
C VAL A 60 -4.73 14.41 4.75
N CYS A 61 -5.21 13.18 4.55
CA CYS A 61 -4.37 12.14 3.97
C CYS A 61 -4.68 11.95 2.48
N HIS A 62 -3.82 12.51 1.64
CA HIS A 62 -3.98 12.41 0.20
C HIS A 62 -3.25 11.17 -0.33
N ASN A 63 -3.62 10.02 0.21
CA ASN A 63 -3.01 8.76 -0.19
C ASN A 63 -2.82 8.68 -1.70
N THR A 64 -1.57 8.74 -2.14
CA THR A 64 -1.24 8.67 -3.56
C THR A 64 -0.47 7.40 -3.88
N GLU A 65 0.20 7.40 -5.03
CA GLU A 65 0.96 6.23 -5.47
C GLU A 65 2.28 6.12 -4.69
N GLY A 66 2.64 4.90 -4.33
CA GLY A 66 3.87 4.66 -3.60
C GLY A 66 4.19 5.79 -2.63
N SER A 67 3.16 6.41 -2.07
CA SER A 67 3.34 7.50 -1.12
C SER A 67 2.00 8.17 -0.80
N TYR A 68 2.05 9.15 0.09
CA TYR A 68 0.85 9.87 0.49
C TYR A 68 1.17 11.32 0.83
N ARG A 69 0.21 12.21 0.58
CA ARG A 69 0.40 13.63 0.84
C ARG A 69 -0.45 14.11 2.01
N CYS A 70 0.22 14.51 3.08
CA CYS A 70 -0.48 15.00 4.27
C CYS A 70 -0.69 16.51 4.17
N GLU A 71 -1.88 16.97 4.53
CA GLU A 71 -2.21 18.39 4.45
C GLU A 71 -2.90 18.89 5.73
N CYS A 72 -2.29 19.87 6.39
CA CYS A 72 -2.85 20.44 7.61
C CYS A 72 -3.94 21.47 7.31
N PRO A 73 -3.82 22.22 6.19
CA PRO A 73 -2.71 22.10 5.23
C PRO A 73 -1.38 22.54 5.81
N PRO A 74 -0.29 22.34 5.05
CA PRO A 74 1.06 22.72 5.48
C PRO A 74 1.07 24.02 6.27
N GLY A 75 0.12 24.92 5.97
CA GLY A 75 0.06 26.18 6.68
C GLY A 75 0.40 26.00 8.15
N HIS A 76 0.07 24.83 8.67
CA HIS A 76 0.35 24.50 10.06
C HIS A 76 1.75 23.87 10.18
N GLN A 77 1.87 22.69 10.80
CA GLN A 77 3.15 22.04 10.93
C GLN A 77 2.97 20.54 10.77
N LEU A 78 2.52 20.14 9.58
CA LEU A 78 2.28 18.74 9.28
C LEU A 78 3.53 18.07 8.71
N SER A 79 3.86 16.92 9.27
CA SER A 79 5.02 16.15 8.82
C SER A 79 4.87 15.74 7.36
N PRO A 80 5.93 15.91 6.56
CA PRO A 80 5.91 15.54 5.13
C PRO A 80 5.42 14.11 4.91
N ASN A 81 6.07 13.16 5.57
CA ASN A 81 5.70 11.75 5.43
C ASN A 81 5.91 11.00 6.75
N ILE A 82 5.86 11.72 7.86
CA ILE A 82 6.03 11.11 9.17
C ILE A 82 4.67 10.74 9.76
N SER A 83 3.62 11.34 9.22
CA SER A 83 2.26 11.07 9.67
C SER A 83 1.97 11.72 11.02
N ALA A 84 1.46 12.96 11.00
CA ALA A 84 1.12 13.68 12.22
C ALA A 84 1.13 15.19 12.03
N CYS A 85 -0.06 15.77 11.89
CA CYS A 85 -0.19 17.22 11.72
C CYS A 85 0.28 17.93 12.99
N ILE A 86 0.83 19.14 12.83
CA ILE A 86 1.31 19.89 13.99
C ILE A 86 1.32 21.39 13.71
N THR A 1 -2.73 -29.87 -1.70
CA THR A 1 -2.25 -30.00 -3.07
C THR A 1 -1.22 -28.91 -3.39
N ASP A 2 -1.44 -27.72 -2.85
CA ASP A 2 -0.53 -26.61 -3.08
C ASP A 2 -0.47 -26.24 -4.56
N ILE A 3 -1.11 -25.13 -4.90
CA ILE A 3 -1.14 -24.66 -6.28
C ILE A 3 0.04 -23.74 -6.57
N ASP A 4 0.13 -23.24 -7.79
CA ASP A 4 1.20 -22.32 -8.16
C ASP A 4 0.78 -20.89 -7.90
N GLU A 5 -0.42 -20.56 -8.37
CA GLU A 5 -0.97 -19.22 -8.19
C GLU A 5 -0.19 -18.17 -8.98
N CYS A 6 1.13 -18.13 -8.79
CA CYS A 6 1.97 -17.16 -9.51
C CYS A 6 1.98 -17.46 -11.00
N ARG A 7 1.70 -18.71 -11.35
CA ARG A 7 1.68 -19.10 -12.75
C ARG A 7 0.46 -18.52 -13.45
N ILE A 8 -0.63 -18.35 -12.69
CA ILE A 8 -1.85 -17.79 -13.24
C ILE A 8 -1.54 -16.57 -14.10
N SER A 9 -0.61 -15.75 -13.61
CA SER A 9 -0.21 -14.55 -14.31
C SER A 9 1.17 -14.09 -13.85
N PRO A 10 1.90 -13.38 -14.73
CA PRO A 10 3.23 -12.88 -14.41
C PRO A 10 3.16 -11.55 -13.66
N ASP A 11 2.03 -10.88 -13.84
CA ASP A 11 1.79 -9.61 -13.18
C ASP A 11 0.63 -9.74 -12.20
N LEU A 12 0.50 -10.93 -11.64
CA LEU A 12 -0.56 -11.22 -10.68
C LEU A 12 -0.88 -10.01 -9.81
N CYS A 13 0.15 -9.47 -9.17
CA CYS A 13 -0.01 -8.32 -8.29
C CYS A 13 0.12 -7.00 -9.04
N GLY A 14 -0.19 -7.04 -10.33
CA GLY A 14 -0.13 -5.85 -11.15
C GLY A 14 0.98 -4.90 -10.74
N ARG A 15 2.10 -5.45 -10.29
CA ARG A 15 3.24 -4.66 -9.86
C ARG A 15 4.11 -5.45 -8.90
N GLY A 16 3.52 -5.86 -7.78
CA GLY A 16 4.26 -6.62 -6.79
C GLY A 16 4.82 -7.90 -7.38
N GLN A 17 5.54 -8.66 -6.56
CA GLN A 17 6.13 -9.91 -7.01
C GLN A 17 5.45 -11.11 -6.36
N CYS A 18 4.58 -11.77 -7.11
CA CYS A 18 3.85 -12.92 -6.62
C CYS A 18 4.79 -14.02 -6.13
N VAL A 19 4.41 -14.67 -5.05
CA VAL A 19 5.21 -15.75 -4.48
C VAL A 19 4.34 -16.99 -4.26
N ASN A 20 5.00 -18.14 -4.10
CA ASN A 20 4.28 -19.39 -3.88
C ASN A 20 4.20 -19.73 -2.39
N THR A 21 3.06 -20.27 -1.99
CA THR A 21 2.84 -20.66 -0.59
C THR A 21 1.96 -21.91 -0.50
N PRO A 22 2.13 -22.69 0.57
CA PRO A 22 1.35 -23.92 0.78
C PRO A 22 -0.14 -23.66 0.65
N GLY A 23 -0.77 -24.31 -0.34
CA GLY A 23 -2.18 -24.13 -0.55
C GLY A 23 -2.56 -22.67 -0.62
N ASP A 24 -1.78 -21.89 -1.35
CA ASP A 24 -2.01 -20.47 -1.49
C ASP A 24 -0.82 -19.79 -2.15
N PHE A 25 -0.75 -18.47 -2.05
CA PHE A 25 0.34 -17.72 -2.64
C PHE A 25 0.42 -16.30 -2.07
N GLU A 26 1.63 -15.81 -1.89
CA GLU A 26 1.86 -14.46 -1.36
C GLU A 26 2.44 -13.57 -2.45
N CYS A 27 2.93 -12.40 -2.05
CA CYS A 27 3.51 -11.46 -3.00
C CYS A 27 4.53 -10.55 -2.34
N LYS A 28 5.07 -9.64 -3.15
CA LYS A 28 6.06 -8.68 -2.67
C LYS A 28 5.76 -7.31 -3.27
N CYS A 29 4.67 -6.70 -2.82
CA CYS A 29 4.26 -5.39 -3.31
C CYS A 29 5.45 -4.45 -3.45
N ASP A 30 5.23 -3.32 -4.09
CA ASP A 30 6.27 -2.32 -4.30
C ASP A 30 6.74 -1.73 -2.98
N GLU A 31 6.15 -0.60 -2.59
CA GLU A 31 6.52 0.05 -1.34
C GLU A 31 5.30 0.34 -0.48
N GLY A 32 4.18 0.65 -1.14
CA GLY A 32 2.96 0.93 -0.43
C GLY A 32 1.73 0.34 -1.11
N TYR A 33 1.94 -0.74 -1.85
CA TYR A 33 0.85 -1.39 -2.57
C TYR A 33 0.27 -2.53 -1.73
N GLU A 34 -1.05 -2.65 -1.76
CA GLU A 34 -1.73 -3.70 -1.00
C GLU A 34 -1.89 -4.95 -1.85
N SER A 35 -1.34 -6.05 -1.37
CA SER A 35 -1.41 -7.33 -2.08
C SER A 35 -2.76 -7.99 -1.85
N GLY A 36 -3.71 -7.70 -2.74
CA GLY A 36 -5.03 -8.29 -2.62
C GLY A 36 -6.05 -7.31 -2.06
N PHE A 37 -6.43 -6.34 -2.88
CA PHE A 37 -7.40 -5.34 -2.48
C PHE A 37 -8.82 -5.82 -2.76
N MET A 38 -8.94 -6.95 -3.44
CA MET A 38 -10.24 -7.51 -3.78
C MET A 38 -10.14 -8.46 -4.96
N MET A 39 -9.22 -8.15 -5.87
CA MET A 39 -9.01 -8.98 -7.05
C MET A 39 -8.34 -10.30 -6.68
N MET A 40 -7.44 -10.23 -5.70
CA MET A 40 -6.71 -11.41 -5.25
C MET A 40 -5.39 -11.02 -4.60
N LYS A 41 -4.54 -10.36 -5.37
CA LYS A 41 -3.24 -9.92 -4.89
C LYS A 41 -2.71 -8.76 -5.73
N ASN A 42 -3.61 -8.06 -6.40
CA ASN A 42 -3.23 -6.93 -7.24
C ASN A 42 -2.59 -5.81 -6.43
N CYS A 43 -1.34 -6.01 -6.04
CA CYS A 43 -0.61 -5.01 -5.26
C CYS A 43 -0.97 -3.60 -5.73
N MET A 44 -1.86 -2.95 -4.98
CA MET A 44 -2.30 -1.59 -5.33
C MET A 44 -2.12 -0.64 -4.16
N ASP A 45 -1.34 0.42 -4.38
CA ASP A 45 -1.06 1.42 -3.35
C ASP A 45 -2.11 1.42 -2.25
N ILE A 46 -1.77 0.79 -1.13
CA ILE A 46 -2.66 0.71 0.01
C ILE A 46 -3.26 2.07 0.35
N ASP A 47 -4.03 2.11 1.43
CA ASP A 47 -4.66 3.35 1.87
C ASP A 47 -3.84 4.01 2.97
N GLU A 48 -2.69 4.55 2.60
CA GLU A 48 -1.81 5.21 3.56
C GLU A 48 -2.58 6.23 4.40
N CYS A 49 -3.71 6.68 3.86
CA CYS A 49 -4.55 7.65 4.56
C CYS A 49 -5.36 6.98 5.66
N GLN A 50 -5.31 5.65 5.68
CA GLN A 50 -6.04 4.88 6.68
C GLN A 50 -5.09 4.05 7.54
N ARG A 51 -3.89 3.80 6.99
CA ARG A 51 -2.89 3.02 7.69
C ARG A 51 -2.60 3.59 9.08
N ASP A 52 -2.90 4.87 9.26
CA ASP A 52 -2.67 5.52 10.55
C ASP A 52 -3.96 6.16 11.07
N PRO A 53 -4.18 6.06 12.39
CA PRO A 53 -5.37 6.62 13.04
C PRO A 53 -5.26 8.12 13.25
N LEU A 54 -4.07 8.66 13.02
CA LEU A 54 -3.82 10.09 13.18
C LEU A 54 -3.33 10.68 11.87
N LEU A 55 -3.14 9.83 10.87
CA LEU A 55 -2.66 10.29 9.56
C LEU A 55 -3.48 11.46 9.06
N CYS A 56 -2.87 12.63 9.00
CA CYS A 56 -3.56 13.83 8.56
C CYS A 56 -4.80 14.07 9.40
N ARG A 57 -4.84 13.44 10.56
CA ARG A 57 -5.96 13.59 11.48
C ARG A 57 -6.44 15.04 11.51
N GLY A 58 -5.48 15.96 11.42
CA GLY A 58 -5.79 17.37 11.44
C GLY A 58 -5.33 18.07 10.17
N GLY A 59 -5.16 17.29 9.10
CA GLY A 59 -4.71 17.86 7.84
C GLY A 59 -5.38 17.23 6.64
N VAL A 60 -4.58 16.84 5.65
CA VAL A 60 -5.10 16.22 4.43
C VAL A 60 -4.24 15.04 4.03
N CYS A 61 -4.89 13.90 3.78
CA CYS A 61 -4.18 12.71 3.37
C CYS A 61 -4.23 12.52 1.86
N HIS A 62 -3.20 13.01 1.17
CA HIS A 62 -3.12 12.90 -0.27
C HIS A 62 -2.45 11.59 -0.66
N ASN A 63 -3.07 10.48 -0.26
CA ASN A 63 -2.55 9.15 -0.55
C ASN A 63 -2.10 9.04 -2.00
N THR A 64 -0.80 8.84 -2.19
CA THR A 64 -0.23 8.70 -3.52
C THR A 64 0.26 7.28 -3.77
N GLU A 65 1.12 7.13 -4.77
CA GLU A 65 1.67 5.82 -5.10
C GLU A 65 2.90 5.50 -4.26
N GLY A 66 2.88 4.34 -3.61
CA GLY A 66 4.00 3.95 -2.77
C GLY A 66 4.33 4.97 -1.71
N SER A 67 3.32 5.75 -1.31
CA SER A 67 3.50 6.78 -0.29
C SER A 67 2.29 7.68 -0.22
N TYR A 68 2.28 8.59 0.75
CA TYR A 68 1.17 9.52 0.92
C TYR A 68 1.67 10.90 1.33
N ARG A 69 0.92 11.93 0.96
CA ARG A 69 1.29 13.31 1.28
C ARG A 69 0.34 13.89 2.32
N CYS A 70 0.87 14.14 3.51
CA CYS A 70 0.08 14.71 4.59
C CYS A 70 0.27 16.23 4.65
N GLU A 71 -0.83 16.96 4.82
CA GLU A 71 -0.77 18.41 4.86
C GLU A 71 -1.89 18.98 5.74
N CYS A 72 -1.53 19.83 6.70
CA CYS A 72 -2.51 20.44 7.58
C CYS A 72 -3.67 21.05 6.80
N PRO A 73 -3.39 21.79 5.70
CA PRO A 73 -2.03 22.02 5.21
C PRO A 73 -1.25 23.07 6.04
N PRO A 74 -1.74 24.33 6.12
CA PRO A 74 -1.07 25.39 6.86
C PRO A 74 -1.43 25.41 8.33
N GLY A 75 -1.29 26.58 8.96
CA GLY A 75 -1.61 26.72 10.36
C GLY A 75 -0.91 25.67 11.19
N HIS A 76 0.15 25.09 10.65
CA HIS A 76 0.90 24.06 11.35
C HIS A 76 1.88 23.36 10.43
N GLN A 77 2.44 22.26 10.92
CA GLN A 77 3.40 21.48 10.15
C GLN A 77 2.98 20.01 10.17
N LEU A 78 2.28 19.59 9.12
CA LEU A 78 1.81 18.22 9.03
C LEU A 78 2.95 17.26 8.73
N SER A 79 3.16 16.31 9.64
CA SER A 79 4.21 15.32 9.49
C SER A 79 4.19 14.69 8.10
N PRO A 80 5.31 14.77 7.38
CA PRO A 80 5.44 14.21 6.03
C PRO A 80 4.88 12.79 5.91
N ASN A 81 5.18 11.95 6.92
CA ASN A 81 4.71 10.58 6.90
C ASN A 81 4.57 10.00 8.31
N ILE A 82 4.51 10.87 9.32
CA ILE A 82 4.37 10.41 10.70
C ILE A 82 2.89 10.31 11.08
N SER A 83 2.03 10.86 10.24
CA SER A 83 0.58 10.81 10.48
C SER A 83 0.19 11.58 11.73
N ALA A 84 -0.12 12.88 11.56
CA ALA A 84 -0.54 13.75 12.67
C ALA A 84 0.13 15.12 12.57
N CYS A 85 -0.66 16.17 12.30
CA CYS A 85 -0.10 17.52 12.20
C CYS A 85 0.39 18.00 13.55
N ILE A 86 1.28 18.99 13.54
CA ILE A 86 1.83 19.53 14.78
C ILE A 86 1.31 20.94 15.02
N THR A 1 -0.45 -28.44 3.35
CA THR A 1 -1.07 -27.30 2.68
C THR A 1 -0.10 -26.13 2.57
N ASP A 2 0.33 -25.84 1.34
CA ASP A 2 1.26 -24.74 1.10
C ASP A 2 1.82 -24.81 -0.32
N ILE A 3 1.11 -24.18 -1.25
CA ILE A 3 1.54 -24.16 -2.65
C ILE A 3 2.45 -22.98 -2.93
N ASP A 4 2.94 -22.88 -4.16
CA ASP A 4 3.84 -21.79 -4.55
C ASP A 4 3.07 -20.48 -4.65
N GLU A 5 1.95 -20.51 -5.34
CA GLU A 5 1.11 -19.32 -5.53
C GLU A 5 1.79 -18.34 -6.49
N CYS A 6 3.01 -17.95 -6.18
CA CYS A 6 3.76 -17.02 -7.01
C CYS A 6 3.96 -17.61 -8.41
N ARG A 7 4.01 -18.93 -8.49
CA ARG A 7 4.19 -19.61 -9.76
C ARG A 7 2.99 -19.36 -10.67
N ILE A 8 1.81 -19.27 -10.07
CA ILE A 8 0.59 -19.01 -10.82
C ILE A 8 0.84 -17.95 -11.89
N SER A 9 1.61 -16.94 -11.52
CA SER A 9 1.93 -15.86 -12.42
C SER A 9 3.15 -15.09 -11.92
N PRO A 10 3.91 -14.47 -12.84
CA PRO A 10 5.09 -13.69 -12.50
C PRO A 10 4.72 -12.26 -12.17
N ASP A 11 3.53 -11.86 -12.60
CA ASP A 11 3.02 -10.52 -12.35
C ASP A 11 1.84 -10.58 -11.40
N LEU A 12 1.83 -11.61 -10.56
CA LEU A 12 0.75 -11.81 -9.59
C LEU A 12 0.35 -10.48 -8.93
N CYS A 13 1.36 -9.75 -8.46
CA CYS A 13 1.11 -8.46 -7.80
C CYS A 13 0.99 -7.33 -8.82
N GLY A 14 0.92 -7.69 -10.09
CA GLY A 14 0.79 -6.70 -11.14
C GLY A 14 1.63 -5.45 -10.91
N ARG A 15 2.70 -5.58 -10.13
CA ARG A 15 3.57 -4.44 -9.85
C ARG A 15 4.63 -4.81 -8.82
N GLY A 16 4.19 -5.47 -7.76
CA GLY A 16 5.12 -5.86 -6.71
C GLY A 16 5.76 -7.21 -6.95
N GLN A 17 6.21 -7.86 -5.87
CA GLN A 17 6.85 -9.16 -5.97
C GLN A 17 6.16 -10.17 -5.07
N CYS A 18 5.49 -11.14 -5.69
CA CYS A 18 4.77 -12.16 -4.94
C CYS A 18 5.72 -12.98 -4.06
N VAL A 19 5.18 -13.54 -2.99
CA VAL A 19 5.98 -14.35 -2.07
C VAL A 19 5.18 -15.57 -1.61
N ASN A 20 5.89 -16.57 -1.10
CA ASN A 20 5.26 -17.79 -0.62
C ASN A 20 4.91 -17.69 0.86
N THR A 21 3.76 -18.26 1.23
CA THR A 21 3.32 -18.25 2.62
C THR A 21 2.53 -19.51 2.95
N PRO A 22 2.56 -19.95 4.21
CA PRO A 22 1.84 -21.14 4.66
C PRO A 22 0.38 -21.11 4.24
N GLY A 23 0.01 -21.97 3.29
CA GLY A 23 -1.35 -22.00 2.82
C GLY A 23 -1.81 -20.66 2.30
N ASP A 24 -0.94 -20.00 1.54
CA ASP A 24 -1.25 -18.69 0.98
C ASP A 24 -0.03 -18.10 0.31
N PHE A 25 -0.08 -16.78 0.06
CA PHE A 25 1.04 -16.09 -0.59
C PHE A 25 0.87 -14.58 -0.49
N GLU A 26 1.97 -13.88 -0.24
CA GLU A 26 1.94 -12.43 -0.13
C GLU A 26 2.60 -11.79 -1.34
N CYS A 27 2.78 -10.47 -1.29
CA CYS A 27 3.39 -9.74 -2.39
C CYS A 27 4.24 -8.58 -1.88
N LYS A 28 5.18 -8.14 -2.71
CA LYS A 28 6.05 -7.03 -2.38
C LYS A 28 5.71 -5.81 -3.24
N CYS A 29 4.49 -5.30 -3.05
CA CYS A 29 4.03 -4.15 -3.81
C CYS A 29 5.03 -3.00 -3.77
N ASP A 30 4.98 -2.16 -4.78
CA ASP A 30 5.89 -1.02 -4.89
C ASP A 30 6.16 -0.39 -3.53
N GLU A 31 5.33 0.58 -3.16
CA GLU A 31 5.50 1.27 -1.88
C GLU A 31 4.15 1.54 -1.23
N GLY A 32 3.15 1.89 -2.04
CA GLY A 32 1.84 2.17 -1.51
C GLY A 32 0.75 1.45 -2.27
N TYR A 33 1.11 0.39 -2.97
CA TYR A 33 0.16 -0.39 -3.75
C TYR A 33 -0.45 -1.51 -2.91
N GLU A 34 -1.64 -1.95 -3.31
CA GLU A 34 -2.33 -3.01 -2.59
C GLU A 34 -2.43 -4.27 -3.46
N SER A 35 -1.90 -5.37 -2.96
CA SER A 35 -1.92 -6.63 -3.68
C SER A 35 -3.29 -7.30 -3.56
N GLY A 36 -4.23 -6.87 -4.41
CA GLY A 36 -5.57 -7.43 -4.38
C GLY A 36 -6.63 -6.36 -4.25
N PHE A 37 -6.53 -5.35 -5.09
CA PHE A 37 -7.48 -4.24 -5.07
C PHE A 37 -8.87 -4.70 -5.49
N MET A 38 -8.95 -5.90 -6.07
CA MET A 38 -10.22 -6.46 -6.51
C MET A 38 -9.99 -7.54 -7.57
N MET A 39 -8.91 -7.38 -8.34
CA MET A 39 -8.58 -8.35 -9.38
C MET A 39 -8.19 -9.69 -8.76
N MET A 40 -7.51 -9.62 -7.63
CA MET A 40 -7.07 -10.83 -6.93
C MET A 40 -5.91 -10.50 -6.00
N LYS A 41 -4.86 -9.94 -6.56
CA LYS A 41 -3.69 -9.56 -5.78
C LYS A 41 -2.84 -8.55 -6.53
N ASN A 42 -3.45 -7.84 -7.48
CA ASN A 42 -2.75 -6.83 -8.26
C ASN A 42 -2.40 -5.62 -7.40
N CYS A 43 -1.14 -5.21 -7.44
CA CYS A 43 -0.69 -4.07 -6.67
C CYS A 43 -1.35 -2.78 -7.17
N MET A 44 -2.28 -2.26 -6.38
CA MET A 44 -3.00 -1.04 -6.75
C MET A 44 -3.10 -0.07 -5.58
N ASP A 45 -2.26 0.98 -5.61
CA ASP A 45 -2.22 2.01 -4.57
C ASP A 45 -3.25 1.78 -3.46
N ILE A 46 -2.77 1.34 -2.30
CA ILE A 46 -3.62 1.08 -1.15
C ILE A 46 -4.29 2.37 -0.66
N ASP A 47 -5.15 2.23 0.33
CA ASP A 47 -5.85 3.38 0.90
C ASP A 47 -5.06 3.95 2.06
N GLU A 48 -4.01 4.69 1.76
CA GLU A 48 -3.16 5.28 2.78
C GLU A 48 -3.99 5.99 3.84
N CYS A 49 -5.15 6.51 3.44
CA CYS A 49 -6.03 7.22 4.37
C CYS A 49 -6.68 6.24 5.34
N GLN A 50 -6.54 4.95 5.06
CA GLN A 50 -7.12 3.91 5.90
C GLN A 50 -6.03 3.01 6.48
N ARG A 51 -4.85 3.09 5.90
CA ARG A 51 -3.72 2.29 6.35
C ARG A 51 -3.34 2.59 7.80
N ASP A 52 -3.46 3.86 8.18
CA ASP A 52 -3.13 4.28 9.54
C ASP A 52 -4.26 5.10 10.15
N PRO A 53 -4.76 4.67 11.32
CA PRO A 53 -5.85 5.37 12.03
C PRO A 53 -5.44 6.77 12.48
N LEU A 54 -4.15 7.08 12.33
CA LEU A 54 -3.62 8.38 12.70
C LEU A 54 -3.23 9.16 11.46
N LEU A 55 -3.17 8.46 10.33
CA LEU A 55 -2.79 9.07 9.06
C LEU A 55 -3.57 10.35 8.83
N CYS A 56 -2.84 11.47 8.81
CA CYS A 56 -3.47 12.77 8.60
C CYS A 56 -4.64 12.95 9.58
N ARG A 57 -4.62 12.20 10.67
CA ARG A 57 -5.66 12.29 11.68
C ARG A 57 -5.97 13.74 11.98
N GLY A 58 -4.95 14.58 11.87
CA GLY A 58 -5.10 16.00 12.11
C GLY A 58 -4.55 16.84 10.98
N GLY A 59 -4.41 16.22 9.81
CA GLY A 59 -3.88 16.92 8.65
C GLY A 59 -4.67 16.66 7.39
N VAL A 60 -3.97 16.57 6.27
CA VAL A 60 -4.60 16.32 4.98
C VAL A 60 -4.09 15.03 4.36
N CYS A 61 -5.01 14.16 3.97
CA CYS A 61 -4.64 12.88 3.36
C CYS A 61 -4.75 12.93 1.85
N HIS A 62 -3.66 13.29 1.20
CA HIS A 62 -3.62 13.36 -0.26
C HIS A 62 -3.20 12.02 -0.85
N ASN A 63 -3.96 10.97 -0.52
CA ASN A 63 -3.67 9.64 -1.01
C ASN A 63 -3.43 9.64 -2.53
N THR A 64 -2.17 9.46 -2.91
CA THR A 64 -1.79 9.45 -4.32
C THR A 64 -1.50 8.02 -4.79
N GLU A 65 -0.80 7.91 -5.92
CA GLU A 65 -0.45 6.61 -6.48
C GLU A 65 0.90 6.13 -5.93
N GLY A 66 0.89 4.97 -5.29
CA GLY A 66 2.11 4.42 -4.74
C GLY A 66 2.55 5.11 -3.46
N SER A 67 1.60 5.74 -2.79
CA SER A 67 1.88 6.45 -1.55
C SER A 67 0.83 7.52 -1.28
N TYR A 68 1.08 8.34 -0.26
CA TYR A 68 0.15 9.42 0.09
C TYR A 68 0.89 10.61 0.66
N ARG A 69 0.30 11.79 0.51
CA ARG A 69 0.90 13.02 1.01
C ARG A 69 0.11 13.57 2.19
N CYS A 70 0.69 13.43 3.38
CA CYS A 70 0.06 13.91 4.60
C CYS A 70 0.52 15.33 4.92
N GLU A 71 -0.44 16.23 5.09
CA GLU A 71 -0.12 17.63 5.40
C GLU A 71 -1.15 18.21 6.35
N CYS A 72 -0.69 18.59 7.54
CA CYS A 72 -1.56 19.17 8.56
C CYS A 72 -2.61 20.09 7.92
N PRO A 73 -2.18 21.22 7.31
CA PRO A 73 -0.79 21.58 7.21
C PRO A 73 -0.39 22.72 8.17
N PRO A 74 -1.22 23.05 9.19
CA PRO A 74 -0.91 24.12 10.14
C PRO A 74 0.55 24.11 10.57
N GLY A 75 0.96 25.14 11.29
CA GLY A 75 2.34 25.22 11.75
C GLY A 75 2.74 23.98 12.53
N HIS A 76 3.09 22.94 11.80
CA HIS A 76 3.47 21.67 12.41
C HIS A 76 4.41 20.88 11.50
N GLN A 77 4.50 19.58 11.73
CA GLN A 77 5.34 18.70 10.93
C GLN A 77 4.64 17.38 10.72
N LEU A 78 3.72 17.35 9.76
CA LEU A 78 2.96 16.14 9.48
C LEU A 78 3.84 15.06 8.87
N SER A 79 3.92 13.93 9.56
CA SER A 79 4.72 12.80 9.11
C SER A 79 4.47 12.51 7.64
N PRO A 80 5.55 12.42 6.84
CA PRO A 80 5.46 12.15 5.41
C PRO A 80 4.69 10.87 5.11
N ASN A 81 5.10 9.78 5.75
CA ASN A 81 4.44 8.49 5.54
C ASN A 81 4.27 7.74 6.86
N ILE A 82 4.32 8.49 7.97
CA ILE A 82 4.16 7.88 9.29
C ILE A 82 2.70 7.90 9.72
N SER A 83 1.95 8.88 9.22
CA SER A 83 0.53 9.01 9.54
C SER A 83 0.31 9.71 10.88
N ALA A 84 -0.04 11.01 10.82
CA ALA A 84 -0.32 11.84 12.00
C ALA A 84 0.48 13.15 11.96
N CYS A 85 -0.18 14.26 12.25
CA CYS A 85 0.49 15.56 12.28
C CYS A 85 1.39 15.68 13.50
N ILE A 86 2.57 16.28 13.33
CA ILE A 86 3.50 16.42 14.44
C ILE A 86 3.66 17.89 14.83
N THR A 1 -3.62 -29.56 -1.72
CA THR A 1 -3.55 -28.90 -3.02
C THR A 1 -2.37 -27.94 -3.08
N ASP A 2 -2.14 -27.36 -4.26
CA ASP A 2 -1.04 -26.42 -4.46
C ASP A 2 -0.99 -25.94 -5.90
N ILE A 3 -1.59 -24.78 -6.14
CA ILE A 3 -1.61 -24.19 -7.48
C ILE A 3 -0.47 -23.19 -7.65
N ASP A 4 -0.20 -22.80 -8.89
CA ASP A 4 0.86 -21.85 -9.16
C ASP A 4 0.42 -20.46 -8.72
N GLU A 5 -0.75 -20.05 -9.18
CA GLU A 5 -1.31 -18.74 -8.83
C GLU A 5 -0.52 -17.61 -9.50
N CYS A 6 0.79 -17.60 -9.30
CA CYS A 6 1.64 -16.56 -9.89
C CYS A 6 1.60 -16.64 -11.41
N ARG A 7 1.35 -17.84 -11.92
CA ARG A 7 1.28 -18.04 -13.37
C ARG A 7 0.06 -17.33 -13.95
N ILE A 8 -1.01 -17.29 -13.17
CA ILE A 8 -2.24 -16.62 -13.60
C ILE A 8 -1.92 -15.29 -14.26
N SER A 9 -0.95 -14.58 -13.68
CA SER A 9 -0.54 -13.29 -14.19
C SER A 9 0.83 -12.92 -13.63
N PRO A 10 1.61 -12.13 -14.39
CA PRO A 10 2.93 -11.69 -13.98
C PRO A 10 2.86 -10.45 -13.11
N ASP A 11 1.74 -9.75 -13.21
CA ASP A 11 1.51 -8.54 -12.43
C ASP A 11 0.42 -8.76 -11.39
N LEU A 12 0.25 -10.03 -11.01
CA LEU A 12 -0.75 -10.40 -10.02
C LEU A 12 -0.78 -9.41 -8.86
N CYS A 13 0.40 -8.92 -8.48
CA CYS A 13 0.52 -7.96 -7.37
C CYS A 13 0.30 -6.54 -7.85
N GLY A 14 -0.28 -6.40 -9.02
CA GLY A 14 -0.52 -5.07 -9.58
C GLY A 14 0.73 -4.21 -9.57
N ARG A 15 1.89 -4.85 -9.41
CA ARG A 15 3.17 -4.15 -9.39
C ARG A 15 4.22 -4.94 -8.59
N GLY A 16 3.77 -5.54 -7.49
CA GLY A 16 4.68 -6.31 -6.65
C GLY A 16 5.17 -7.58 -7.32
N GLN A 17 5.69 -8.51 -6.51
CA GLN A 17 6.21 -9.78 -7.03
C GLN A 17 5.48 -10.97 -6.41
N CYS A 18 4.71 -11.68 -7.23
CA CYS A 18 3.94 -12.82 -6.75
C CYS A 18 4.84 -14.01 -6.42
N VAL A 19 4.39 -14.80 -5.45
CA VAL A 19 5.10 -15.99 -5.00
C VAL A 19 4.14 -17.16 -4.85
N ASN A 20 4.69 -18.37 -4.77
CA ASN A 20 3.88 -19.56 -4.62
C ASN A 20 3.85 -20.04 -3.16
N THR A 21 2.69 -20.52 -2.74
CA THR A 21 2.51 -21.02 -1.38
C THR A 21 1.55 -22.19 -1.33
N PRO A 22 1.79 -23.15 -0.43
CA PRO A 22 0.94 -24.33 -0.28
C PRO A 22 -0.55 -23.99 -0.38
N GLY A 23 -1.17 -24.45 -1.46
CA GLY A 23 -2.58 -24.16 -1.65
C GLY A 23 -2.89 -22.69 -1.51
N ASP A 24 -2.09 -21.86 -2.16
CA ASP A 24 -2.27 -20.41 -2.10
C ASP A 24 -1.10 -19.70 -2.77
N PHE A 25 -1.07 -18.37 -2.64
CA PHE A 25 -0.02 -17.56 -3.24
C PHE A 25 0.03 -16.18 -2.61
N GLU A 26 1.23 -15.62 -2.52
CA GLU A 26 1.41 -14.28 -1.96
C GLU A 26 2.14 -13.39 -2.95
N CYS A 27 2.42 -12.16 -2.54
CA CYS A 27 3.09 -11.22 -3.42
C CYS A 27 4.10 -10.36 -2.66
N LYS A 28 4.99 -9.72 -3.41
CA LYS A 28 6.01 -8.86 -2.84
C LYS A 28 5.74 -7.40 -3.18
N CYS A 29 4.68 -6.86 -2.59
CA CYS A 29 4.28 -5.49 -2.82
C CYS A 29 5.48 -4.58 -3.07
N ASP A 30 5.29 -3.61 -3.95
CA ASP A 30 6.36 -2.66 -4.30
C ASP A 30 6.98 -2.05 -3.05
N GLU A 31 6.22 -1.18 -2.41
CA GLU A 31 6.67 -0.50 -1.20
C GLU A 31 5.50 -0.10 -0.32
N GLY A 32 4.65 0.76 -0.85
CA GLY A 32 3.47 1.21 -0.13
C GLY A 32 2.21 0.63 -0.70
N TYR A 33 2.33 -0.55 -1.29
CA TYR A 33 1.20 -1.25 -1.89
C TYR A 33 0.63 -2.29 -0.94
N GLU A 34 -0.62 -2.70 -1.17
CA GLU A 34 -1.27 -3.69 -0.33
C GLU A 34 -1.66 -4.93 -1.13
N SER A 35 -1.31 -6.10 -0.60
CA SER A 35 -1.62 -7.37 -1.24
C SER A 35 -3.04 -7.81 -0.90
N GLY A 36 -3.98 -7.48 -1.78
CA GLY A 36 -5.36 -7.85 -1.55
C GLY A 36 -6.22 -6.66 -1.15
N PHE A 37 -6.03 -5.54 -1.83
CA PHE A 37 -6.79 -4.34 -1.54
C PHE A 37 -8.27 -4.67 -1.40
N MET A 38 -8.71 -5.67 -2.15
CA MET A 38 -10.11 -6.10 -2.11
C MET A 38 -10.50 -6.80 -3.40
N MET A 39 -9.87 -6.40 -4.51
CA MET A 39 -10.16 -6.98 -5.81
C MET A 39 -9.99 -8.50 -5.77
N MET A 40 -8.90 -8.94 -5.15
CA MET A 40 -8.60 -10.37 -5.05
C MET A 40 -7.20 -10.59 -4.48
N LYS A 41 -6.25 -9.77 -4.93
CA LYS A 41 -4.86 -9.87 -4.48
C LYS A 41 -3.92 -9.25 -5.51
N ASN A 42 -3.70 -7.95 -5.38
CA ASN A 42 -2.82 -7.23 -6.29
C ASN A 42 -2.17 -6.05 -5.58
N CYS A 43 -0.97 -6.29 -5.06
CA CYS A 43 -0.23 -5.27 -4.34
C CYS A 43 -0.45 -3.90 -4.96
N MET A 44 -1.29 -3.09 -4.31
CA MET A 44 -1.59 -1.75 -4.81
C MET A 44 -1.51 -0.74 -3.68
N ASP A 45 -0.80 0.37 -3.94
CA ASP A 45 -0.61 1.44 -2.96
C ASP A 45 -1.64 1.38 -1.83
N ILE A 46 -1.20 0.88 -0.69
CA ILE A 46 -2.05 0.77 0.49
C ILE A 46 -2.75 2.08 0.80
N ASP A 47 -3.45 2.12 1.93
CA ASP A 47 -4.16 3.32 2.35
C ASP A 47 -3.37 4.06 3.41
N GLU A 48 -2.28 4.70 2.98
CA GLU A 48 -1.43 5.45 3.90
C GLU A 48 -2.25 6.39 4.78
N CYS A 49 -3.42 6.77 4.28
CA CYS A 49 -4.29 7.67 5.02
C CYS A 49 -4.99 6.92 6.16
N GLN A 50 -4.86 5.61 6.16
CA GLN A 50 -5.46 4.77 7.18
C GLN A 50 -4.40 3.99 7.95
N ARG A 51 -3.25 3.81 7.33
CA ARG A 51 -2.14 3.09 7.95
C ARG A 51 -1.77 3.72 9.29
N ASP A 52 -2.14 4.97 9.48
CA ASP A 52 -1.83 5.68 10.71
C ASP A 52 -3.08 6.34 11.29
N PRO A 53 -3.24 6.27 12.62
CA PRO A 53 -4.38 6.85 13.32
C PRO A 53 -4.23 8.35 13.54
N LEU A 54 -3.06 8.86 13.17
CA LEU A 54 -2.77 10.28 13.31
C LEU A 54 -2.42 10.90 11.95
N LEU A 55 -2.27 10.04 10.95
CA LEU A 55 -1.95 10.50 9.61
C LEU A 55 -2.91 11.59 9.15
N CYS A 56 -2.37 12.79 8.91
CA CYS A 56 -3.19 13.90 8.49
C CYS A 56 -4.40 14.05 9.40
N ARG A 57 -4.26 13.54 10.61
CA ARG A 57 -5.33 13.59 11.61
C ARG A 57 -5.93 14.99 11.67
N GLY A 58 -5.09 16.00 11.45
CA GLY A 58 -5.57 17.38 11.46
C GLY A 58 -5.34 18.08 10.14
N GLY A 59 -4.98 17.30 9.12
CA GLY A 59 -4.73 17.87 7.81
C GLY A 59 -5.42 17.09 6.71
N VAL A 60 -4.72 16.90 5.59
CA VAL A 60 -5.27 16.16 4.46
C VAL A 60 -4.34 15.03 4.05
N CYS A 61 -4.93 13.85 3.79
CA CYS A 61 -4.14 12.69 3.39
C CYS A 61 -4.27 12.43 1.89
N HIS A 62 -3.26 12.87 1.14
CA HIS A 62 -3.25 12.67 -0.31
C HIS A 62 -2.58 11.35 -0.66
N ASN A 63 -3.15 10.26 -0.16
CA ASN A 63 -2.59 8.93 -0.41
C ASN A 63 -2.21 8.75 -1.87
N THR A 64 -0.90 8.67 -2.13
CA THR A 64 -0.40 8.49 -3.48
C THR A 64 0.18 7.09 -3.65
N GLU A 65 0.71 6.82 -4.83
CA GLU A 65 1.31 5.51 -5.13
C GLU A 65 2.71 5.40 -4.54
N GLY A 66 2.91 4.46 -3.64
CA GLY A 66 4.20 4.27 -3.03
C GLY A 66 4.52 5.35 -2.01
N SER A 67 3.49 5.94 -1.43
CA SER A 67 3.65 7.00 -0.45
C SER A 67 2.39 7.85 -0.34
N TYR A 68 2.40 8.82 0.57
CA TYR A 68 1.25 9.69 0.77
C TYR A 68 1.68 11.10 1.11
N ARG A 69 0.87 12.08 0.70
CA ARG A 69 1.18 13.48 0.95
C ARG A 69 0.22 14.09 1.97
N CYS A 70 0.77 14.46 3.12
CA CYS A 70 -0.02 15.07 4.19
C CYS A 70 -0.04 16.58 4.02
N GLU A 71 -1.22 17.19 4.18
CA GLU A 71 -1.36 18.64 4.01
C GLU A 71 -2.14 19.27 5.16
N CYS A 72 -1.48 20.16 5.90
CA CYS A 72 -2.11 20.84 7.02
C CYS A 72 -3.03 21.98 6.54
N PRO A 73 -2.69 22.66 5.43
CA PRO A 73 -1.49 22.36 4.62
C PRO A 73 -0.19 22.64 5.36
N PRO A 74 0.95 22.25 4.78
CA PRO A 74 2.26 22.46 5.36
C PRO A 74 2.37 23.79 6.09
N GLY A 75 1.61 24.79 5.64
CA GLY A 75 1.65 26.09 6.28
C GLY A 75 1.78 25.96 7.78
N HIS A 76 1.23 24.87 8.31
CA HIS A 76 1.28 24.59 9.73
C HIS A 76 2.56 23.81 10.06
N GLN A 77 2.43 22.66 10.75
CA GLN A 77 3.58 21.85 11.08
C GLN A 77 3.22 20.37 10.95
N LEU A 78 2.89 19.98 9.72
CA LEU A 78 2.50 18.60 9.44
C LEU A 78 3.70 17.75 9.08
N SER A 79 3.79 16.59 9.72
CA SER A 79 4.89 15.66 9.48
C SER A 79 4.90 15.20 8.02
N PRO A 80 6.07 15.19 7.39
CA PRO A 80 6.21 14.77 5.99
C PRO A 80 5.55 13.41 5.73
N ASN A 81 5.92 12.42 6.53
CA ASN A 81 5.36 11.08 6.37
C ASN A 81 5.28 10.36 7.71
N ILE A 82 5.18 11.12 8.79
CA ILE A 82 5.08 10.55 10.13
C ILE A 82 3.63 10.40 10.54
N SER A 83 2.75 11.11 9.83
CA SER A 83 1.32 11.05 10.10
C SER A 83 0.95 11.80 11.39
N ALA A 84 0.64 13.09 11.25
CA ALA A 84 0.25 13.91 12.40
C ALA A 84 0.50 15.40 12.16
N CYS A 85 -0.56 16.13 11.82
CA CYS A 85 -0.46 17.56 11.58
C CYS A 85 -0.06 18.28 12.88
N ILE A 86 0.66 19.39 12.76
CA ILE A 86 1.08 20.14 13.94
C ILE A 86 1.33 21.61 13.61
N THR A 1 -6.03 -27.56 -3.09
CA THR A 1 -5.46 -26.67 -4.10
C THR A 1 -4.06 -26.21 -3.70
N ASP A 2 -3.19 -26.03 -4.69
CA ASP A 2 -1.82 -25.60 -4.45
C ASP A 2 -1.03 -25.52 -5.75
N ILE A 3 -1.36 -24.53 -6.57
CA ILE A 3 -0.69 -24.34 -7.84
C ILE A 3 0.28 -23.16 -7.77
N ASP A 4 1.32 -23.20 -8.61
CA ASP A 4 2.32 -22.13 -8.63
C ASP A 4 1.69 -20.80 -9.02
N GLU A 5 0.94 -20.21 -8.09
CA GLU A 5 0.29 -18.93 -8.33
C GLU A 5 1.31 -17.87 -8.73
N CYS A 6 2.58 -18.14 -8.47
CA CYS A 6 3.65 -17.20 -8.81
C CYS A 6 4.03 -17.34 -10.28
N ARG A 7 3.98 -18.57 -10.79
CA ARG A 7 4.30 -18.82 -12.19
C ARG A 7 3.23 -18.25 -13.11
N ILE A 8 2.01 -18.16 -12.59
CA ILE A 8 0.90 -17.62 -13.36
C ILE A 8 1.31 -16.35 -14.07
N SER A 9 2.06 -15.50 -13.38
CA SER A 9 2.52 -14.24 -13.94
C SER A 9 3.65 -13.66 -13.10
N PRO A 10 4.77 -13.31 -13.74
CA PRO A 10 5.92 -12.73 -13.05
C PRO A 10 5.60 -11.33 -12.55
N ASP A 11 4.56 -10.75 -13.12
CA ASP A 11 4.12 -9.41 -12.75
C ASP A 11 2.86 -9.48 -11.89
N LEU A 12 2.51 -10.68 -11.45
CA LEU A 12 1.33 -10.88 -10.63
C LEU A 12 1.22 -9.80 -9.56
N CYS A 13 2.32 -9.56 -8.86
CA CYS A 13 2.36 -8.54 -7.81
C CYS A 13 2.33 -7.15 -8.40
N GLY A 14 2.58 -7.05 -9.70
CA GLY A 14 2.58 -5.76 -10.37
C GLY A 14 3.84 -4.96 -10.09
N ARG A 15 4.71 -5.51 -9.25
CA ARG A 15 5.96 -4.84 -8.89
C ARG A 15 6.74 -5.65 -7.87
N GLY A 16 6.03 -6.37 -7.02
CA GLY A 16 6.69 -7.18 -6.00
C GLY A 16 7.15 -8.53 -6.51
N GLN A 17 6.96 -9.55 -5.70
CA GLN A 17 7.37 -10.90 -6.07
C GLN A 17 6.33 -11.93 -5.60
N CYS A 18 5.59 -12.49 -6.57
CA CYS A 18 4.56 -13.47 -6.24
C CYS A 18 5.12 -14.60 -5.39
N VAL A 19 4.26 -15.18 -4.55
CA VAL A 19 4.65 -16.28 -3.69
C VAL A 19 3.63 -17.40 -3.79
N ASN A 20 4.00 -18.59 -3.32
CA ASN A 20 3.11 -19.74 -3.38
C ASN A 20 2.61 -20.14 -1.99
N THR A 21 1.34 -20.54 -1.93
CA THR A 21 0.73 -20.98 -0.68
C THR A 21 -0.32 -22.04 -0.93
N PRO A 22 -0.63 -22.86 0.10
CA PRO A 22 -1.63 -23.92 -0.03
C PRO A 22 -2.99 -23.37 -0.42
N GLY A 23 -3.44 -23.72 -1.63
CA GLY A 23 -4.73 -23.23 -2.10
C GLY A 23 -4.82 -21.72 -1.99
N ASP A 24 -3.76 -21.04 -2.40
CA ASP A 24 -3.70 -19.59 -2.35
C ASP A 24 -2.30 -19.10 -2.69
N PHE A 25 -2.08 -17.80 -2.56
CA PHE A 25 -0.77 -17.23 -2.87
C PHE A 25 -0.64 -15.80 -2.35
N GLU A 26 0.55 -15.24 -2.52
CA GLU A 26 0.83 -13.88 -2.09
C GLU A 26 1.96 -13.29 -2.93
N CYS A 27 2.54 -12.19 -2.47
CA CYS A 27 3.62 -11.55 -3.22
C CYS A 27 4.29 -10.45 -2.40
N LYS A 28 5.58 -10.24 -2.66
CA LYS A 28 6.35 -9.22 -1.97
C LYS A 28 6.35 -7.91 -2.77
N CYS A 29 5.30 -7.13 -2.59
CA CYS A 29 5.15 -5.87 -3.30
C CYS A 29 6.42 -5.04 -3.20
N ASP A 30 6.35 -3.81 -3.72
CA ASP A 30 7.50 -2.91 -3.71
C ASP A 30 7.31 -1.81 -2.65
N GLU A 31 7.79 -0.60 -2.96
CA GLU A 31 7.68 0.53 -2.04
C GLU A 31 6.46 0.42 -1.13
N GLY A 32 5.36 1.06 -1.52
CA GLY A 32 4.15 1.03 -0.72
C GLY A 32 2.98 0.43 -1.46
N TYR A 33 3.27 -0.41 -2.44
CA TYR A 33 2.21 -1.05 -3.23
C TYR A 33 1.60 -2.24 -2.48
N GLU A 34 0.28 -2.31 -2.50
CA GLU A 34 -0.44 -3.39 -1.82
C GLU A 34 -1.03 -4.36 -2.84
N SER A 35 -0.82 -5.65 -2.61
CA SER A 35 -1.33 -6.68 -3.51
C SER A 35 -2.78 -7.03 -3.15
N GLY A 36 -3.72 -6.46 -3.89
CA GLY A 36 -5.12 -6.73 -3.63
C GLY A 36 -5.93 -5.46 -3.45
N PHE A 37 -5.70 -4.49 -4.32
CA PHE A 37 -6.42 -3.21 -4.26
C PHE A 37 -7.74 -3.29 -5.01
N MET A 38 -7.95 -4.41 -5.70
CA MET A 38 -9.18 -4.60 -6.48
C MET A 38 -8.98 -5.66 -7.55
N MET A 39 -7.72 -5.86 -7.94
CA MET A 39 -7.38 -6.84 -8.95
C MET A 39 -7.08 -8.20 -8.33
N MET A 40 -6.76 -8.16 -7.03
CA MET A 40 -6.42 -9.37 -6.27
C MET A 40 -4.91 -9.50 -6.11
N LYS A 41 -4.18 -8.73 -6.91
CA LYS A 41 -2.73 -8.75 -6.86
C LYS A 41 -2.13 -8.00 -8.05
N ASN A 42 -1.72 -6.76 -7.80
CA ASN A 42 -1.12 -5.92 -8.83
C ASN A 42 -0.45 -4.70 -8.21
N CYS A 43 0.12 -4.90 -7.03
CA CYS A 43 0.80 -3.84 -6.31
C CYS A 43 0.12 -2.49 -6.53
N MET A 44 -0.72 -2.09 -5.58
CA MET A 44 -1.44 -0.83 -5.65
C MET A 44 -1.32 -0.07 -4.33
N ASP A 45 -0.44 0.94 -4.32
CA ASP A 45 -0.19 1.77 -3.13
C ASP A 45 -1.14 1.46 -1.98
N ILE A 46 -0.55 1.13 -0.83
CA ILE A 46 -1.31 0.81 0.36
C ILE A 46 -2.03 2.05 0.89
N ASP A 47 -2.65 1.90 2.06
CA ASP A 47 -3.36 3.00 2.68
C ASP A 47 -2.46 3.72 3.68
N GLU A 48 -1.55 4.52 3.16
CA GLU A 48 -0.61 5.26 4.00
C GLU A 48 -1.33 5.94 5.17
N CYS A 49 -2.59 6.25 4.98
CA CYS A 49 -3.39 6.91 6.03
C CYS A 49 -3.77 5.91 7.11
N GLN A 50 -3.64 4.63 6.79
CA GLN A 50 -3.96 3.56 7.73
C GLN A 50 -2.68 2.97 8.30
N ARG A 51 -1.59 3.12 7.56
CA ARG A 51 -0.29 2.62 7.98
C ARG A 51 0.12 3.22 9.31
N ASP A 52 -0.08 4.53 9.44
CA ASP A 52 0.26 5.24 10.67
C ASP A 52 -0.98 5.48 11.52
N PRO A 53 -0.79 5.66 12.83
CA PRO A 53 -1.87 5.88 13.76
C PRO A 53 -2.14 7.37 14.01
N LEU A 54 -1.42 8.22 13.29
CA LEU A 54 -1.58 9.65 13.44
C LEU A 54 -1.42 10.38 12.10
N LEU A 55 -1.40 9.61 11.02
CA LEU A 55 -1.26 10.19 9.68
C LEU A 55 -2.37 11.18 9.42
N CYS A 56 -2.01 12.45 9.20
CA CYS A 56 -2.99 13.47 8.96
C CYS A 56 -4.06 13.44 10.03
N ARG A 57 -3.69 12.87 11.19
CA ARG A 57 -4.58 12.75 12.32
C ARG A 57 -5.45 14.00 12.47
N GLY A 58 -4.92 15.14 12.03
CA GLY A 58 -5.65 16.38 12.11
C GLY A 58 -5.57 17.17 10.82
N GLY A 59 -5.38 16.46 9.70
CA GLY A 59 -5.27 17.11 8.42
C GLY A 59 -6.06 16.39 7.33
N VAL A 60 -5.38 16.07 6.23
CA VAL A 60 -6.01 15.38 5.11
C VAL A 60 -5.10 14.28 4.57
N CYS A 61 -5.68 13.12 4.30
CA CYS A 61 -4.93 11.99 3.79
C CYS A 61 -5.03 11.89 2.27
N HIS A 62 -4.08 12.49 1.58
CA HIS A 62 -4.06 12.45 0.11
C HIS A 62 -3.30 11.23 -0.37
N ASN A 63 -3.61 10.08 0.20
CA ASN A 63 -2.95 8.83 -0.17
C ASN A 63 -2.77 8.72 -1.67
N THR A 64 -1.51 8.69 -2.11
CA THR A 64 -1.20 8.59 -3.53
C THR A 64 -0.41 7.32 -3.83
N GLU A 65 0.00 7.15 -5.08
CA GLU A 65 0.77 5.99 -5.49
C GLU A 65 2.12 5.94 -4.79
N GLY A 66 2.48 4.77 -4.28
CA GLY A 66 3.74 4.61 -3.59
C GLY A 66 4.13 5.83 -2.79
N SER A 67 3.13 6.49 -2.20
CA SER A 67 3.36 7.68 -1.41
C SER A 67 2.04 8.35 -1.03
N TYR A 68 2.06 9.13 0.05
CA TYR A 68 0.86 9.81 0.51
C TYR A 68 1.17 11.27 0.83
N ARG A 69 0.19 12.13 0.58
CA ARG A 69 0.35 13.56 0.84
C ARG A 69 -0.50 14.01 2.01
N CYS A 70 0.15 14.42 3.09
CA CYS A 70 -0.54 14.88 4.28
C CYS A 70 -0.78 16.39 4.18
N GLU A 71 -2.00 16.81 4.50
CA GLU A 71 -2.35 18.22 4.42
C GLU A 71 -3.07 18.67 5.70
N CYS A 72 -2.56 19.74 6.30
CA CYS A 72 -3.13 20.27 7.53
C CYS A 72 -4.45 21.01 7.28
N PRO A 73 -4.60 21.70 6.13
CA PRO A 73 -3.58 21.76 5.07
C PRO A 73 -2.37 22.61 5.48
N PRO A 74 -1.45 22.83 4.52
CA PRO A 74 -0.24 23.64 4.75
C PRO A 74 -0.52 24.88 5.60
N GLY A 75 0.54 25.59 5.95
CA GLY A 75 0.39 26.77 6.77
C GLY A 75 0.59 26.45 8.24
N HIS A 76 0.44 25.16 8.56
CA HIS A 76 0.60 24.67 9.92
C HIS A 76 1.98 24.02 10.08
N GLN A 77 2.03 22.78 10.55
CA GLN A 77 3.30 22.09 10.72
C GLN A 77 3.10 20.59 10.56
N LEU A 78 2.73 20.17 9.36
CA LEU A 78 2.51 18.76 9.07
C LEU A 78 3.78 18.08 8.58
N SER A 79 4.18 17.03 9.28
CA SER A 79 5.38 16.28 8.92
C SER A 79 5.25 15.70 7.52
N PRO A 80 6.31 15.79 6.71
CA PRO A 80 6.32 15.27 5.35
C PRO A 80 5.73 13.88 5.25
N ASN A 81 6.40 12.91 5.86
CA ASN A 81 5.93 11.52 5.83
C ASN A 81 6.07 10.86 7.19
N ILE A 82 5.75 11.61 8.25
CA ILE A 82 5.83 11.08 9.60
C ILE A 82 4.44 10.80 10.15
N SER A 83 3.42 11.34 9.48
CA SER A 83 2.04 11.14 9.87
C SER A 83 1.71 11.80 11.21
N ALA A 84 1.30 13.06 11.18
CA ALA A 84 0.95 13.79 12.41
C ALA A 84 1.09 15.31 12.24
N CYS A 85 0.00 15.98 11.88
CA CYS A 85 0.03 17.43 11.72
C CYS A 85 0.54 18.09 13.00
N ILE A 86 1.00 19.33 12.87
CA ILE A 86 1.51 20.06 14.03
C ILE A 86 1.24 21.55 13.92
#